data_3BIA
# 
_entry.id   3BIA 
# 
_audit_conform.dict_name       mmcif_pdbx.dic 
_audit_conform.dict_version    5.397 
_audit_conform.dict_location   http://mmcif.pdb.org/dictionaries/ascii/mmcif_pdbx.dic 
# 
loop_
_database_2.database_id 
_database_2.database_code 
_database_2.pdbx_database_accession 
_database_2.pdbx_DOI 
PDB   3BIA         pdb_00003bia 10.2210/pdb3bia/pdb 
RCSB  RCSB045555   ?            ?                   
WWPDB D_1000045555 ?            ?                   
# 
loop_
_pdbx_audit_revision_history.ordinal 
_pdbx_audit_revision_history.data_content_type 
_pdbx_audit_revision_history.major_revision 
_pdbx_audit_revision_history.minor_revision 
_pdbx_audit_revision_history.revision_date 
1 'Structure model' 1 0 2008-01-01 
2 'Structure model' 1 1 2011-07-13 
3 'Structure model' 1 2 2024-04-03 
4 'Structure model' 1 3 2024-10-16 
# 
_pdbx_audit_revision_details.ordinal             1 
_pdbx_audit_revision_details.revision_ordinal    1 
_pdbx_audit_revision_details.data_content_type   'Structure model' 
_pdbx_audit_revision_details.provider            repository 
_pdbx_audit_revision_details.type                'Initial release' 
_pdbx_audit_revision_details.description         ? 
_pdbx_audit_revision_details.details             ? 
# 
loop_
_pdbx_audit_revision_group.ordinal 
_pdbx_audit_revision_group.revision_ordinal 
_pdbx_audit_revision_group.data_content_type 
_pdbx_audit_revision_group.group 
1 2 'Structure model' 'Version format compliance' 
2 3 'Structure model' 'Data collection'           
3 3 'Structure model' 'Database references'       
4 3 'Structure model' 'Derived calculations'      
5 3 'Structure model' 'Refinement description'    
6 4 'Structure model' 'Structure summary'         
# 
loop_
_pdbx_audit_revision_category.ordinal 
_pdbx_audit_revision_category.revision_ordinal 
_pdbx_audit_revision_category.data_content_type 
_pdbx_audit_revision_category.category 
1  3 'Structure model' chem_comp_atom                
2  3 'Structure model' chem_comp_bond                
3  3 'Structure model' database_2                    
4  3 'Structure model' pdbx_initial_refinement_model 
5  3 'Structure model' pdbx_struct_conn_angle        
6  3 'Structure model' struct_conn                   
7  3 'Structure model' struct_ref_seq_dif            
8  3 'Structure model' struct_site                   
9  4 'Structure model' pdbx_entry_details            
10 4 'Structure model' pdbx_modification_feature     
# 
loop_
_pdbx_audit_revision_item.ordinal 
_pdbx_audit_revision_item.revision_ordinal 
_pdbx_audit_revision_item.data_content_type 
_pdbx_audit_revision_item.item 
1  3 'Structure model' '_database_2.pdbx_DOI'                        
2  3 'Structure model' '_database_2.pdbx_database_accession'         
3  3 'Structure model' '_pdbx_struct_conn_angle.ptnr1_auth_comp_id'  
4  3 'Structure model' '_pdbx_struct_conn_angle.ptnr1_auth_seq_id'   
5  3 'Structure model' '_pdbx_struct_conn_angle.ptnr1_label_asym_id' 
6  3 'Structure model' '_pdbx_struct_conn_angle.ptnr1_label_atom_id' 
7  3 'Structure model' '_pdbx_struct_conn_angle.ptnr1_label_comp_id' 
8  3 'Structure model' '_pdbx_struct_conn_angle.ptnr3_auth_comp_id'  
9  3 'Structure model' '_pdbx_struct_conn_angle.ptnr3_auth_seq_id'   
10 3 'Structure model' '_pdbx_struct_conn_angle.ptnr3_label_asym_id' 
11 3 'Structure model' '_pdbx_struct_conn_angle.ptnr3_label_atom_id' 
12 3 'Structure model' '_pdbx_struct_conn_angle.ptnr3_label_comp_id' 
13 3 'Structure model' '_pdbx_struct_conn_angle.value'               
14 3 'Structure model' '_struct_conn.pdbx_dist_value'                
15 3 'Structure model' '_struct_conn.ptnr2_auth_comp_id'             
16 3 'Structure model' '_struct_conn.ptnr2_auth_seq_id'              
17 3 'Structure model' '_struct_conn.ptnr2_label_asym_id'            
18 3 'Structure model' '_struct_conn.ptnr2_label_atom_id'            
19 3 'Structure model' '_struct_conn.ptnr2_label_comp_id'            
20 3 'Structure model' '_struct_ref_seq_dif.details'                 
21 3 'Structure model' '_struct_site.pdbx_auth_asym_id'              
22 3 'Structure model' '_struct_site.pdbx_auth_comp_id'              
23 3 'Structure model' '_struct_site.pdbx_auth_seq_id'               
# 
_pdbx_database_status.status_code                     REL 
_pdbx_database_status.entry_id                        3BIA 
_pdbx_database_status.recvd_initial_deposition_date   2007-11-30 
_pdbx_database_status.deposit_site                    RCSB 
_pdbx_database_status.process_site                    RCSB 
_pdbx_database_status.status_code_sf                  REL 
_pdbx_database_status.status_code_mr                  ? 
_pdbx_database_status.SG_entry                        ? 
_pdbx_database_status.pdb_format_compatible           Y 
_pdbx_database_status.status_code_cs                  ? 
_pdbx_database_status.status_code_nmr_data            ? 
_pdbx_database_status.methods_development_category    ? 
# 
loop_
_pdbx_database_related.db_name 
_pdbx_database_related.db_id 
_pdbx_database_related.details 
_pdbx_database_related.content_type 
PDB 2or8 Tim-1 unspecified 
PDB 2or7 Tim-2 unspecified 
PDB 2oyp Tim-3 unspecified 
PDB 3BI9 .     unspecified 
PDB 3BIB .     unspecified 
# 
loop_
_audit_author.name 
_audit_author.pdbx_ordinal 
'Santiago, C.'     1 
'Ballesteros, A.'  2 
'Kaplan, G.G.'     3 
'Freeman, G.J.'    4 
'Casasnovas, J.M.' 5 
# 
_citation.id                        primary 
_citation.title                     
'Structures of T Cell Immunoglobulin Mucin Protein 4 Show a Metal-Ion-Dependent Ligand Binding Site where Phosphatidylserine Binds.' 
_citation.journal_abbrev            Immunity 
_citation.journal_volume            27 
_citation.page_first                941 
_citation.page_last                 951 
_citation.year                      2007 
_citation.journal_id_ASTM           IUNIEH 
_citation.country                   US 
_citation.journal_id_ISSN           1074-7613 
_citation.journal_id_CSD            2048 
_citation.book_publisher            ? 
_citation.pdbx_database_id_PubMed   18083575 
_citation.pdbx_database_id_DOI      10.1016/j.immuni.2007.11.008 
# 
loop_
_citation_author.citation_id 
_citation_author.name 
_citation_author.ordinal 
_citation_author.identifier_ORCID 
primary 'Santiago, C.'       1 ? 
primary 'Ballesteros, A.'    2 ? 
primary 'Martinez-Munoz, L.' 3 ? 
primary 'Mellado, M.'        4 ? 
primary 'Kaplan, G.G.'       5 ? 
primary 'Freeman, G.J.'      6 ? 
primary 'Casasnovas, J.M.'   7 ? 
# 
loop_
_entity.id 
_entity.type 
_entity.src_method 
_entity.pdbx_description 
_entity.formula_weight 
_entity.pdbx_number_of_molecules 
_entity.pdbx_ec 
_entity.pdbx_mutation 
_entity.pdbx_fragment 
_entity.details 
1 polymer     man 'T-cell immunoglobulin and mucin domain-containing protein 4' 13061.049 1  ? ? 'N-TERMINAL CYS-RICH DOMAIN' ? 
2 non-polymer syn 'SODIUM ION'                                                  22.990    1  ? ? ?                            ? 
3 non-polymer syn 'L(+)-TARTARIC ACID'                                          150.087   1  ? ? ?                            ? 
4 water       nat water                                                         18.015    80 ? ? ?                            ? 
# 
_entity_name_com.entity_id   1 
_entity_name_com.name        
'TIMD-4, T-cell membrane protein 4, TIM-4, Spleen, mucin- containing, knockout of lymphotoxin protein, SMUCKLER' 
# 
_entity_poly.entity_id                      1 
_entity_poly.type                           'polypeptide(L)' 
_entity_poly.nstd_linkage                   no 
_entity_poly.nstd_monomer                   no 
_entity_poly.pdbx_seq_one_letter_code       
;MSEDTIIGFLGQPVTLPCHYLSWSQSRNSMCWGKGSCPNSKCNAELLRTDGTRIISRKSTKYTLLGKVQFGEVSLTISNT
NRGDSGVYCCRIEVPGWFNDVKKNVRLELRRALVPR
;
_entity_poly.pdbx_seq_one_letter_code_can   
;MSEDTIIGFLGQPVTLPCHYLSWSQSRNSMCWGKGSCPNSKCNAELLRTDGTRIISRKSTKYTLLGKVQFGEVSLTISNT
NRGDSGVYCCRIEVPGWFNDVKKNVRLELRRALVPR
;
_entity_poly.pdbx_strand_id                 X 
_entity_poly.pdbx_target_identifier         ? 
# 
loop_
_pdbx_entity_nonpoly.entity_id 
_pdbx_entity_nonpoly.name 
_pdbx_entity_nonpoly.comp_id 
2 'SODIUM ION'         NA  
3 'L(+)-TARTARIC ACID' TLA 
4 water                HOH 
# 
loop_
_entity_poly_seq.entity_id 
_entity_poly_seq.num 
_entity_poly_seq.mon_id 
_entity_poly_seq.hetero 
1 1   MET n 
1 2   SER n 
1 3   GLU n 
1 4   ASP n 
1 5   THR n 
1 6   ILE n 
1 7   ILE n 
1 8   GLY n 
1 9   PHE n 
1 10  LEU n 
1 11  GLY n 
1 12  GLN n 
1 13  PRO n 
1 14  VAL n 
1 15  THR n 
1 16  LEU n 
1 17  PRO n 
1 18  CYS n 
1 19  HIS n 
1 20  TYR n 
1 21  LEU n 
1 22  SER n 
1 23  TRP n 
1 24  SER n 
1 25  GLN n 
1 26  SER n 
1 27  ARG n 
1 28  ASN n 
1 29  SER n 
1 30  MET n 
1 31  CYS n 
1 32  TRP n 
1 33  GLY n 
1 34  LYS n 
1 35  GLY n 
1 36  SER n 
1 37  CYS n 
1 38  PRO n 
1 39  ASN n 
1 40  SER n 
1 41  LYS n 
1 42  CYS n 
1 43  ASN n 
1 44  ALA n 
1 45  GLU n 
1 46  LEU n 
1 47  LEU n 
1 48  ARG n 
1 49  THR n 
1 50  ASP n 
1 51  GLY n 
1 52  THR n 
1 53  ARG n 
1 54  ILE n 
1 55  ILE n 
1 56  SER n 
1 57  ARG n 
1 58  LYS n 
1 59  SER n 
1 60  THR n 
1 61  LYS n 
1 62  TYR n 
1 63  THR n 
1 64  LEU n 
1 65  LEU n 
1 66  GLY n 
1 67  LYS n 
1 68  VAL n 
1 69  GLN n 
1 70  PHE n 
1 71  GLY n 
1 72  GLU n 
1 73  VAL n 
1 74  SER n 
1 75  LEU n 
1 76  THR n 
1 77  ILE n 
1 78  SER n 
1 79  ASN n 
1 80  THR n 
1 81  ASN n 
1 82  ARG n 
1 83  GLY n 
1 84  ASP n 
1 85  SER n 
1 86  GLY n 
1 87  VAL n 
1 88  TYR n 
1 89  CYS n 
1 90  CYS n 
1 91  ARG n 
1 92  ILE n 
1 93  GLU n 
1 94  VAL n 
1 95  PRO n 
1 96  GLY n 
1 97  TRP n 
1 98  PHE n 
1 99  ASN n 
1 100 ASP n 
1 101 VAL n 
1 102 LYS n 
1 103 LYS n 
1 104 ASN n 
1 105 VAL n 
1 106 ARG n 
1 107 LEU n 
1 108 GLU n 
1 109 LEU n 
1 110 ARG n 
1 111 ARG n 
1 112 ALA n 
1 113 LEU n 
1 114 VAL n 
1 115 PRO n 
1 116 ARG n 
# 
_entity_src_gen.entity_id                          1 
_entity_src_gen.pdbx_src_id                        1 
_entity_src_gen.pdbx_alt_source_flag               sample 
_entity_src_gen.pdbx_seq_type                      ? 
_entity_src_gen.pdbx_beg_seq_num                   ? 
_entity_src_gen.pdbx_end_seq_num                   ? 
_entity_src_gen.gene_src_common_name               'house mouse' 
_entity_src_gen.gene_src_genus                     Mus 
_entity_src_gen.pdbx_gene_src_gene                 'Timd4, Tim4' 
_entity_src_gen.gene_src_species                   ? 
_entity_src_gen.gene_src_strain                    'KNOWLES SOLTER, C57BL/6J' 
_entity_src_gen.gene_src_tissue                    ? 
_entity_src_gen.gene_src_tissue_fraction           ? 
_entity_src_gen.gene_src_details                   ? 
_entity_src_gen.pdbx_gene_src_fragment             ? 
_entity_src_gen.pdbx_gene_src_scientific_name      'Mus musculus' 
_entity_src_gen.pdbx_gene_src_ncbi_taxonomy_id     10090 
_entity_src_gen.pdbx_gene_src_variant              ? 
_entity_src_gen.pdbx_gene_src_cell_line            ? 
_entity_src_gen.pdbx_gene_src_atcc                 ? 
_entity_src_gen.pdbx_gene_src_organ                ? 
_entity_src_gen.pdbx_gene_src_organelle            ? 
_entity_src_gen.pdbx_gene_src_cell                 ? 
_entity_src_gen.pdbx_gene_src_cellular_location    ? 
_entity_src_gen.host_org_common_name               ? 
_entity_src_gen.pdbx_host_org_scientific_name      'Escherichia coli BL21' 
_entity_src_gen.pdbx_host_org_ncbi_taxonomy_id     511693 
_entity_src_gen.host_org_genus                     Escherichia 
_entity_src_gen.pdbx_host_org_gene                 ? 
_entity_src_gen.pdbx_host_org_organ                ? 
_entity_src_gen.host_org_species                   'Escherichia coli' 
_entity_src_gen.pdbx_host_org_tissue               ? 
_entity_src_gen.pdbx_host_org_tissue_fraction      ? 
_entity_src_gen.pdbx_host_org_strain               BL21 
_entity_src_gen.pdbx_host_org_variant              ? 
_entity_src_gen.pdbx_host_org_cell_line            ? 
_entity_src_gen.pdbx_host_org_atcc                 ? 
_entity_src_gen.pdbx_host_org_culture_collection   ? 
_entity_src_gen.pdbx_host_org_cell                 ? 
_entity_src_gen.pdbx_host_org_organelle            ? 
_entity_src_gen.pdbx_host_org_cellular_location    ? 
_entity_src_gen.pdbx_host_org_vector_type          PLASMID 
_entity_src_gen.pdbx_host_org_vector               ? 
_entity_src_gen.host_org_details                   ? 
_entity_src_gen.expression_system_id               ? 
_entity_src_gen.plasmid_name                       'pET27B(+)' 
_entity_src_gen.plasmid_details                    ? 
_entity_src_gen.pdbx_description                   ? 
# 
loop_
_chem_comp.id 
_chem_comp.type 
_chem_comp.mon_nstd_flag 
_chem_comp.name 
_chem_comp.pdbx_synonyms 
_chem_comp.formula 
_chem_comp.formula_weight 
ALA 'L-peptide linking' y ALANINE              ? 'C3 H7 N O2'     89.093  
ARG 'L-peptide linking' y ARGININE             ? 'C6 H15 N4 O2 1' 175.209 
ASN 'L-peptide linking' y ASPARAGINE           ? 'C4 H8 N2 O3'    132.118 
ASP 'L-peptide linking' y 'ASPARTIC ACID'      ? 'C4 H7 N O4'     133.103 
CYS 'L-peptide linking' y CYSTEINE             ? 'C3 H7 N O2 S'   121.158 
GLN 'L-peptide linking' y GLUTAMINE            ? 'C5 H10 N2 O3'   146.144 
GLU 'L-peptide linking' y 'GLUTAMIC ACID'      ? 'C5 H9 N O4'     147.129 
GLY 'peptide linking'   y GLYCINE              ? 'C2 H5 N O2'     75.067  
HIS 'L-peptide linking' y HISTIDINE            ? 'C6 H10 N3 O2 1' 156.162 
HOH non-polymer         . WATER                ? 'H2 O'           18.015  
ILE 'L-peptide linking' y ISOLEUCINE           ? 'C6 H13 N O2'    131.173 
LEU 'L-peptide linking' y LEUCINE              ? 'C6 H13 N O2'    131.173 
LYS 'L-peptide linking' y LYSINE               ? 'C6 H15 N2 O2 1' 147.195 
MET 'L-peptide linking' y METHIONINE           ? 'C5 H11 N O2 S'  149.211 
NA  non-polymer         . 'SODIUM ION'         ? 'Na 1'           22.990  
PHE 'L-peptide linking' y PHENYLALANINE        ? 'C9 H11 N O2'    165.189 
PRO 'L-peptide linking' y PROLINE              ? 'C5 H9 N O2'     115.130 
SER 'L-peptide linking' y SERINE               ? 'C3 H7 N O3'     105.093 
THR 'L-peptide linking' y THREONINE            ? 'C4 H9 N O3'     119.119 
TLA non-polymer         . 'L(+)-TARTARIC ACID' ? 'C4 H6 O6'       150.087 
TRP 'L-peptide linking' y TRYPTOPHAN           ? 'C11 H12 N2 O2'  204.225 
TYR 'L-peptide linking' y TYROSINE             ? 'C9 H11 N O3'    181.189 
VAL 'L-peptide linking' y VALINE               ? 'C5 H11 N O2'    117.146 
# 
loop_
_pdbx_poly_seq_scheme.asym_id 
_pdbx_poly_seq_scheme.entity_id 
_pdbx_poly_seq_scheme.seq_id 
_pdbx_poly_seq_scheme.mon_id 
_pdbx_poly_seq_scheme.ndb_seq_num 
_pdbx_poly_seq_scheme.pdb_seq_num 
_pdbx_poly_seq_scheme.auth_seq_num 
_pdbx_poly_seq_scheme.pdb_mon_id 
_pdbx_poly_seq_scheme.auth_mon_id 
_pdbx_poly_seq_scheme.pdb_strand_id 
_pdbx_poly_seq_scheme.pdb_ins_code 
_pdbx_poly_seq_scheme.hetero 
A 1 1   MET 1   1   ?   ?   ?   X . n 
A 1 2   SER 2   2   ?   ?   ?   X . n 
A 1 3   GLU 3   3   3   GLU GLU X . n 
A 1 4   ASP 4   4   4   ASP ASP X . n 
A 1 5   THR 5   5   5   THR THR X . n 
A 1 6   ILE 6   6   6   ILE ILE X . n 
A 1 7   ILE 7   7   7   ILE ILE X . n 
A 1 8   GLY 8   8   8   GLY GLY X . n 
A 1 9   PHE 9   9   9   PHE PHE X . n 
A 1 10  LEU 10  10  10  LEU LEU X . n 
A 1 11  GLY 11  11  11  GLY GLY X . n 
A 1 12  GLN 12  12  12  GLN GLN X . n 
A 1 13  PRO 13  13  13  PRO PRO X . n 
A 1 14  VAL 14  14  14  VAL VAL X . n 
A 1 15  THR 15  15  15  THR THR X . n 
A 1 16  LEU 16  16  16  LEU LEU X . n 
A 1 17  PRO 17  17  17  PRO PRO X . n 
A 1 18  CYS 18  18  18  CYS CYS X . n 
A 1 19  HIS 19  19  19  HIS HIS X . n 
A 1 20  TYR 20  20  20  TYR TYR X . n 
A 1 21  LEU 21  21  21  LEU LEU X . n 
A 1 22  SER 22  22  22  SER SER X . n 
A 1 23  TRP 23  23  23  TRP TRP X . n 
A 1 24  SER 24  24  24  SER SER X . n 
A 1 25  GLN 25  25  25  GLN GLN X . n 
A 1 26  SER 26  26  26  SER SER X . n 
A 1 27  ARG 27  27  27  ARG ARG X . n 
A 1 28  ASN 28  28  28  ASN ASN X . n 
A 1 29  SER 29  29  29  SER SER X . n 
A 1 30  MET 30  30  30  MET MET X . n 
A 1 31  CYS 31  31  31  CYS CYS X . n 
A 1 32  TRP 32  32  32  TRP TRP X . n 
A 1 33  GLY 33  33  33  GLY GLY X . n 
A 1 34  LYS 34  34  34  LYS LYS X . n 
A 1 35  GLY 35  35  35  GLY GLY X . n 
A 1 36  SER 36  36  36  SER SER X . n 
A 1 37  CYS 37  37  37  CYS CYS X . n 
A 1 38  PRO 38  38  38  PRO PRO X . n 
A 1 39  ASN 39  39  39  ASN ASN X . n 
A 1 40  SER 40  40  40  SER SER X . n 
A 1 41  LYS 41  41  41  LYS LYS X . n 
A 1 42  CYS 42  42  42  CYS CYS X . n 
A 1 43  ASN 43  43  43  ASN ASN X . n 
A 1 44  ALA 44  44  44  ALA ALA X . n 
A 1 45  GLU 45  45  45  GLU GLU X . n 
A 1 46  LEU 46  46  46  LEU LEU X . n 
A 1 47  LEU 47  47  47  LEU LEU X . n 
A 1 48  ARG 48  48  48  ARG ARG X . n 
A 1 49  THR 49  49  49  THR THR X . n 
A 1 50  ASP 50  50  50  ASP ASP X . n 
A 1 51  GLY 51  51  51  GLY GLY X . n 
A 1 52  THR 52  52  52  THR THR X . n 
A 1 53  ARG 53  53  53  ARG ARG X . n 
A 1 54  ILE 54  54  54  ILE ILE X . n 
A 1 55  ILE 55  55  55  ILE ILE X . n 
A 1 56  SER 56  56  56  SER SER X . n 
A 1 57  ARG 57  57  57  ARG ARG X . n 
A 1 58  LYS 58  58  58  LYS LYS X . n 
A 1 59  SER 59  59  59  SER SER X . n 
A 1 60  THR 60  60  60  THR THR X . n 
A 1 61  LYS 61  61  61  LYS LYS X . n 
A 1 62  TYR 62  62  62  TYR TYR X . n 
A 1 63  THR 63  63  63  THR THR X . n 
A 1 64  LEU 64  64  64  LEU LEU X . n 
A 1 65  LEU 65  65  65  LEU LEU X . n 
A 1 66  GLY 66  66  66  GLY GLY X . n 
A 1 67  LYS 67  67  67  LYS LYS X . n 
A 1 68  VAL 68  68  68  VAL VAL X . n 
A 1 69  GLN 69  69  69  GLN GLN X . n 
A 1 70  PHE 70  70  70  PHE PHE X . n 
A 1 71  GLY 71  71  71  GLY GLY X . n 
A 1 72  GLU 72  72  72  GLU GLU X . n 
A 1 73  VAL 73  73  73  VAL VAL X . n 
A 1 74  SER 74  74  74  SER SER X . n 
A 1 75  LEU 75  75  75  LEU LEU X . n 
A 1 76  THR 76  76  76  THR THR X . n 
A 1 77  ILE 77  77  77  ILE ILE X . n 
A 1 78  SER 78  78  78  SER SER X . n 
A 1 79  ASN 79  79  79  ASN ASN X . n 
A 1 80  THR 80  80  80  THR THR X . n 
A 1 81  ASN 81  81  81  ASN ASN X . n 
A 1 82  ARG 82  82  82  ARG ARG X . n 
A 1 83  GLY 83  83  83  GLY GLY X . n 
A 1 84  ASP 84  84  84  ASP ASP X . n 
A 1 85  SER 85  85  85  SER SER X . n 
A 1 86  GLY 86  86  86  GLY GLY X . n 
A 1 87  VAL 87  87  87  VAL VAL X . n 
A 1 88  TYR 88  88  88  TYR TYR X . n 
A 1 89  CYS 89  89  89  CYS CYS X . n 
A 1 90  CYS 90  90  90  CYS CYS X . n 
A 1 91  ARG 91  91  91  ARG ARG X . n 
A 1 92  ILE 92  92  92  ILE ILE X . n 
A 1 93  GLU 93  93  93  GLU GLU X . n 
A 1 94  VAL 94  94  94  VAL VAL X . n 
A 1 95  PRO 95  95  95  PRO PRO X . n 
A 1 96  GLY 96  96  96  GLY GLY X . n 
A 1 97  TRP 97  97  97  TRP TRP X . n 
A 1 98  PHE 98  98  98  PHE PHE X . n 
A 1 99  ASN 99  99  99  ASN ASN X . n 
A 1 100 ASP 100 100 100 ASP ASP X . n 
A 1 101 VAL 101 101 101 VAL VAL X . n 
A 1 102 LYS 102 102 102 LYS LYS X . n 
A 1 103 LYS 103 103 103 LYS LYS X . n 
A 1 104 ASN 104 104 104 ASN ASN X . n 
A 1 105 VAL 105 105 105 VAL VAL X . n 
A 1 106 ARG 106 106 106 ARG ARG X . n 
A 1 107 LEU 107 107 107 LEU LEU X . n 
A 1 108 GLU 108 108 108 GLU GLU X . n 
A 1 109 LEU 109 109 109 LEU LEU X . n 
A 1 110 ARG 110 110 110 ARG ARG X . n 
A 1 111 ARG 111 111 111 ARG ARG X . n 
A 1 112 ALA 112 112 112 ALA ALA X . n 
A 1 113 LEU 113 113 ?   ?   ?   X . n 
A 1 114 VAL 114 114 ?   ?   ?   X . n 
A 1 115 PRO 115 115 ?   ?   ?   X . n 
A 1 116 ARG 116 116 ?   ?   ?   X . n 
# 
loop_
_pdbx_nonpoly_scheme.asym_id 
_pdbx_nonpoly_scheme.entity_id 
_pdbx_nonpoly_scheme.mon_id 
_pdbx_nonpoly_scheme.ndb_seq_num 
_pdbx_nonpoly_scheme.pdb_seq_num 
_pdbx_nonpoly_scheme.auth_seq_num 
_pdbx_nonpoly_scheme.pdb_mon_id 
_pdbx_nonpoly_scheme.auth_mon_id 
_pdbx_nonpoly_scheme.pdb_strand_id 
_pdbx_nonpoly_scheme.pdb_ins_code 
B 2 NA  1  117 1  NA  NA  X . 
C 3 TLA 1  118 1  TLA TLA X . 
D 4 HOH 1  119 1  HOH HOH X . 
D 4 HOH 2  120 2  HOH HOH X . 
D 4 HOH 3  121 3  HOH HOH X . 
D 4 HOH 4  122 4  HOH HOH X . 
D 4 HOH 5  123 5  HOH HOH X . 
D 4 HOH 6  124 6  HOH HOH X . 
D 4 HOH 7  125 7  HOH HOH X . 
D 4 HOH 8  126 8  HOH HOH X . 
D 4 HOH 9  127 9  HOH HOH X . 
D 4 HOH 10 128 10 HOH HOH X . 
D 4 HOH 11 129 11 HOH HOH X . 
D 4 HOH 12 130 12 HOH HOH X . 
D 4 HOH 13 131 13 HOH HOH X . 
D 4 HOH 14 132 14 HOH HOH X . 
D 4 HOH 15 133 15 HOH HOH X . 
D 4 HOH 16 134 16 HOH HOH X . 
D 4 HOH 17 135 17 HOH HOH X . 
D 4 HOH 18 136 18 HOH HOH X . 
D 4 HOH 19 137 19 HOH HOH X . 
D 4 HOH 20 138 20 HOH HOH X . 
D 4 HOH 21 139 21 HOH HOH X . 
D 4 HOH 22 140 22 HOH HOH X . 
D 4 HOH 23 141 23 HOH HOH X . 
D 4 HOH 24 142 24 HOH HOH X . 
D 4 HOH 25 143 25 HOH HOH X . 
D 4 HOH 26 144 26 HOH HOH X . 
D 4 HOH 27 145 27 HOH HOH X . 
D 4 HOH 28 146 28 HOH HOH X . 
D 4 HOH 29 147 29 HOH HOH X . 
D 4 HOH 30 148 30 HOH HOH X . 
D 4 HOH 31 149 31 HOH HOH X . 
D 4 HOH 32 150 32 HOH HOH X . 
D 4 HOH 33 151 33 HOH HOH X . 
D 4 HOH 34 152 34 HOH HOH X . 
D 4 HOH 35 153 35 HOH HOH X . 
D 4 HOH 36 154 36 HOH HOH X . 
D 4 HOH 37 155 37 HOH HOH X . 
D 4 HOH 38 156 38 HOH HOH X . 
D 4 HOH 39 157 39 HOH HOH X . 
D 4 HOH 40 158 40 HOH HOH X . 
D 4 HOH 41 159 41 HOH HOH X . 
D 4 HOH 42 160 42 HOH HOH X . 
D 4 HOH 43 161 43 HOH HOH X . 
D 4 HOH 44 162 44 HOH HOH X . 
D 4 HOH 45 163 45 HOH HOH X . 
D 4 HOH 46 164 46 HOH HOH X . 
D 4 HOH 47 165 47 HOH HOH X . 
D 4 HOH 48 166 48 HOH HOH X . 
D 4 HOH 49 167 49 HOH HOH X . 
D 4 HOH 50 168 50 HOH HOH X . 
D 4 HOH 51 169 51 HOH HOH X . 
D 4 HOH 52 170 52 HOH HOH X . 
D 4 HOH 53 171 53 HOH HOH X . 
D 4 HOH 54 172 54 HOH HOH X . 
D 4 HOH 55 173 55 HOH HOH X . 
D 4 HOH 56 174 56 HOH HOH X . 
D 4 HOH 57 175 57 HOH HOH X . 
D 4 HOH 58 176 58 HOH HOH X . 
D 4 HOH 59 177 59 HOH HOH X . 
D 4 HOH 60 178 60 HOH HOH X . 
D 4 HOH 61 179 61 HOH HOH X . 
D 4 HOH 62 180 62 HOH HOH X . 
D 4 HOH 63 181 63 HOH HOH X . 
D 4 HOH 64 182 64 HOH HOH X . 
D 4 HOH 65 183 65 HOH HOH X . 
D 4 HOH 66 184 66 HOH HOH X . 
D 4 HOH 67 185 67 HOH HOH X . 
D 4 HOH 68 186 68 HOH HOH X . 
D 4 HOH 69 187 69 HOH HOH X . 
D 4 HOH 70 188 70 HOH HOH X . 
D 4 HOH 71 189 71 HOH HOH X . 
D 4 HOH 72 190 72 HOH HOH X . 
D 4 HOH 73 191 73 HOH HOH X . 
D 4 HOH 74 192 74 HOH HOH X . 
D 4 HOH 75 193 75 HOH HOH X . 
D 4 HOH 76 194 76 HOH HOH X . 
D 4 HOH 77 195 77 HOH HOH X . 
D 4 HOH 78 196 78 HOH HOH X . 
D 4 HOH 79 197 79 HOH HOH X . 
D 4 HOH 80 198 80 HOH HOH X . 
# 
loop_
_software.name 
_software.classification 
_software.version 
_software.citation_id 
_software.pdbx_ordinal 
REFMAC refinement       5.2.0005 ? 1 
XDS    'data reduction' .        ? 2 
SCALA  'data scaling'   .        ? 3 
PHASER phasing          .        ? 4 
# 
_cell.entry_id           3BIA 
_cell.length_a           67.770 
_cell.length_b           67.770 
_cell.length_c           129.090 
_cell.angle_alpha        90.00 
_cell.angle_beta         90.00 
_cell.angle_gamma        120.00 
_cell.Z_PDB              12 
_cell.pdbx_unique_axis   ? 
_cell.length_a_esd       ? 
_cell.length_b_esd       ? 
_cell.length_c_esd       ? 
_cell.angle_alpha_esd    ? 
_cell.angle_beta_esd     ? 
_cell.angle_gamma_esd    ? 
# 
_symmetry.entry_id                         3BIA 
_symmetry.space_group_name_H-M             'P 63 2 2' 
_symmetry.pdbx_full_space_group_name_H-M   ? 
_symmetry.cell_setting                     ? 
_symmetry.Int_Tables_number                182 
_symmetry.space_group_name_Hall            ? 
# 
_exptl.entry_id          3BIA 
_exptl.method            'X-RAY DIFFRACTION' 
_exptl.crystals_number   1 
# 
_exptl_crystal.id                    1 
_exptl_crystal.density_meas          ? 
_exptl_crystal.density_Matthews      3.28 
_exptl_crystal.density_percent_sol   62.45 
_exptl_crystal.description           ? 
_exptl_crystal.F_000                 ? 
_exptl_crystal.preparation           ? 
# 
_exptl_crystal_grow.crystal_id      1 
_exptl_crystal_grow.method          'VAPOR DIFFUSION, SITTING DROP' 
_exptl_crystal_grow.temp            294 
_exptl_crystal_grow.temp_details    ? 
_exptl_crystal_grow.pH              7.5 
_exptl_crystal_grow.pdbx_details    
'0.1 M Hepes, 0.8 M potassium sodium tartrate tetrahydrate, pH 7.5, VAPOR DIFFUSION, SITTING DROP, temperature 294K' 
_exptl_crystal_grow.pdbx_pH_range   . 
# 
_diffrn.id                     1 
_diffrn.ambient_temp           100 
_diffrn.ambient_temp_details   ? 
_diffrn.crystal_id             1 
# 
_diffrn_detector.diffrn_id              1 
_diffrn_detector.detector               CCD 
_diffrn_detector.type                   'ADSC QUANTUM 4' 
_diffrn_detector.pdbx_collection_date   2006-03-15 
_diffrn_detector.details                ? 
# 
_diffrn_radiation.diffrn_id                        1 
_diffrn_radiation.wavelength_id                    1 
_diffrn_radiation.pdbx_monochromatic_or_laue_m_l   M 
_diffrn_radiation.monochromator                    ? 
_diffrn_radiation.pdbx_diffrn_protocol             'SINGLE WAVELENGTH' 
_diffrn_radiation.pdbx_scattering_type             x-ray 
# 
_diffrn_radiation_wavelength.id           1 
_diffrn_radiation_wavelength.wavelength   0.931 
_diffrn_radiation_wavelength.wt           1.0 
# 
_diffrn_source.diffrn_id                   1 
_diffrn_source.source                      SYNCHROTRON 
_diffrn_source.type                        'ESRF BEAMLINE ID14-3' 
_diffrn_source.pdbx_synchrotron_site       ESRF 
_diffrn_source.pdbx_synchrotron_beamline   ID14-3 
_diffrn_source.pdbx_wavelength             ? 
_diffrn_source.pdbx_wavelength_list        0.931 
# 
_reflns.entry_id                     3BIA 
_reflns.observed_criterion_sigma_F   ? 
_reflns.observed_criterion_sigma_I   ? 
_reflns.d_resolution_high            2.05 
_reflns.d_resolution_low             25 
_reflns.number_all                   11718 
_reflns.number_obs                   11714 
_reflns.percent_possible_obs         99.9 
_reflns.pdbx_Rmerge_I_obs            0.063 
_reflns.pdbx_Rsym_value              0.063 
_reflns.pdbx_netI_over_sigmaI        9.5 
_reflns.B_iso_Wilson_estimate        27.9 
_reflns.pdbx_redundancy              19.7 
_reflns.R_free_details               ? 
_reflns.limit_h_max                  ? 
_reflns.limit_h_min                  ? 
_reflns.limit_k_max                  ? 
_reflns.limit_k_min                  ? 
_reflns.limit_l_max                  ? 
_reflns.limit_l_min                  ? 
_reflns.observed_criterion_F_max     ? 
_reflns.observed_criterion_F_min     ? 
_reflns.pdbx_chi_squared             ? 
_reflns.pdbx_scaling_rejects         ? 
_reflns.pdbx_diffrn_id               1 
_reflns.pdbx_ordinal                 1 
# 
_reflns_shell.d_res_high             2.05 
_reflns_shell.d_res_low              2.16 
_reflns_shell.percent_possible_all   99.6 
_reflns_shell.Rmerge_I_obs           0.302 
_reflns_shell.pdbx_Rsym_value        ? 
_reflns_shell.meanI_over_sigI_obs    2.5 
_reflns_shell.pdbx_redundancy        15.4 
_reflns_shell.percent_possible_obs   ? 
_reflns_shell.number_unique_all      1643 
_reflns_shell.number_measured_all    ? 
_reflns_shell.number_measured_obs    ? 
_reflns_shell.number_unique_obs      ? 
_reflns_shell.pdbx_chi_squared       ? 
_reflns_shell.pdbx_diffrn_id         ? 
_reflns_shell.pdbx_ordinal           1 
# 
_refine.entry_id                                 3BIA 
_refine.ls_number_reflns_obs                     9009 
_refine.ls_number_reflns_all                     ? 
_refine.pdbx_ls_sigma_I                          ? 
_refine.pdbx_ls_sigma_F                          ? 
_refine.pdbx_data_cutoff_high_absF               ? 
_refine.pdbx_data_cutoff_low_absF                ? 
_refine.pdbx_data_cutoff_high_rms_absF           ? 
_refine.ls_d_res_low                             15.00 
_refine.ls_d_res_high                            2.20 
_refine.ls_percent_reflns_obs                    100.00 
_refine.ls_R_factor_obs                          0.21857 
_refine.ls_R_factor_all                          ? 
_refine.ls_R_factor_R_work                       0.2176 
_refine.ls_R_factor_R_free                       0.23782 
_refine.ls_R_factor_R_free_error                 ? 
_refine.ls_R_factor_R_free_error_details         ? 
_refine.ls_percent_reflns_R_free                 4.7 
_refine.ls_number_reflns_R_free                  449 
_refine.ls_number_parameters                     ? 
_refine.ls_number_restraints                     ? 
_refine.occupancy_min                            ? 
_refine.occupancy_max                            ? 
_refine.correlation_coeff_Fo_to_Fc               0.928 
_refine.correlation_coeff_Fo_to_Fc_free          0.918 
_refine.B_iso_mean                               25.429 
_refine.aniso_B[1][1]                            1.47 
_refine.aniso_B[2][2]                            1.47 
_refine.aniso_B[3][3]                            -2.21 
_refine.aniso_B[1][2]                            0.74 
_refine.aniso_B[1][3]                            0.00 
_refine.aniso_B[2][3]                            0.00 
_refine.solvent_model_details                    MASK 
_refine.solvent_model_param_ksol                 ? 
_refine.solvent_model_param_bsol                 ? 
_refine.pdbx_solvent_vdw_probe_radii             1.20 
_refine.pdbx_solvent_ion_probe_radii             0.80 
_refine.pdbx_solvent_shrinkage_radii             0.80 
_refine.pdbx_ls_cross_valid_method               THROUGHOUT 
_refine.details                                  'HYDROGENS HAVE BEEN ADDED IN THE RIDING POSITIONS' 
_refine.pdbx_starting_model                      'TIM-2 HOMOLOGOUS MODEL' 
_refine.pdbx_method_to_determine_struct          'MOLECULAR REPLACEMENT' 
_refine.pdbx_isotropic_thermal_model             ? 
_refine.pdbx_stereochemistry_target_values       'MAXIMUM LIKELIHOOD' 
_refine.pdbx_stereochem_target_val_spec_case     ? 
_refine.pdbx_R_Free_selection_details            RANDOM 
_refine.pdbx_overall_ESU_R                       0.209 
_refine.pdbx_overall_ESU_R_Free                  0.173 
_refine.overall_SU_ML                            0.114 
_refine.overall_SU_B                             4.317 
_refine.ls_redundancy_reflns_obs                 ? 
_refine.B_iso_min                                ? 
_refine.B_iso_max                                ? 
_refine.overall_SU_R_Cruickshank_DPI             ? 
_refine.overall_SU_R_free                        ? 
_refine.ls_wR_factor_R_free                      ? 
_refine.ls_wR_factor_R_work                      ? 
_refine.overall_FOM_free_R_set                   ? 
_refine.overall_FOM_work_R_set                   ? 
_refine.pdbx_refine_id                           'X-RAY DIFFRACTION' 
_refine.pdbx_diffrn_id                           1 
_refine.pdbx_TLS_residual_ADP_flag               ? 
_refine.pdbx_overall_phase_error                 ? 
_refine.pdbx_overall_SU_R_free_Cruickshank_DPI   ? 
_refine.pdbx_overall_SU_R_Blow_DPI               ? 
_refine.pdbx_overall_SU_R_free_Blow_DPI          ? 
# 
_refine_hist.pdbx_refine_id                   'X-RAY DIFFRACTION' 
_refine_hist.cycle_id                         LAST 
_refine_hist.pdbx_number_atoms_protein        864 
_refine_hist.pdbx_number_atoms_nucleic_acid   0 
_refine_hist.pdbx_number_atoms_ligand         11 
_refine_hist.number_atoms_solvent             80 
_refine_hist.number_atoms_total               955 
_refine_hist.d_res_high                       2.20 
_refine_hist.d_res_low                        15.00 
# 
loop_
_refine_ls_restr.type 
_refine_ls_restr.dev_ideal 
_refine_ls_restr.dev_ideal_target 
_refine_ls_restr.weight 
_refine_ls_restr.number 
_refine_ls_restr.pdbx_refine_id 
_refine_ls_restr.pdbx_restraint_function 
r_bond_refined_d             0.008  0.022  ? 892  'X-RAY DIFFRACTION' ? 
r_bond_other_d               ?      ?      ? ?    'X-RAY DIFFRACTION' ? 
r_angle_refined_deg          1.103  1.963  ? 1205 'X-RAY DIFFRACTION' ? 
r_angle_other_deg            ?      ?      ? ?    'X-RAY DIFFRACTION' ? 
r_dihedral_angle_1_deg       6.640  5.000  ? 109  'X-RAY DIFFRACTION' ? 
r_dihedral_angle_2_deg       33.837 22.632 ? 38   'X-RAY DIFFRACTION' ? 
r_dihedral_angle_3_deg       15.242 15.000 ? 159  'X-RAY DIFFRACTION' ? 
r_dihedral_angle_4_deg       15.698 15.000 ? 9    'X-RAY DIFFRACTION' ? 
r_chiral_restr               0.080  0.200  ? 133  'X-RAY DIFFRACTION' ? 
r_gen_planes_refined         0.003  0.020  ? 662  'X-RAY DIFFRACTION' ? 
r_gen_planes_other           ?      ?      ? ?    'X-RAY DIFFRACTION' ? 
r_nbd_refined                0.194  0.200  ? 340  'X-RAY DIFFRACTION' ? 
r_nbd_other                  ?      ?      ? ?    'X-RAY DIFFRACTION' ? 
r_nbtor_refined              0.299  0.200  ? 588  'X-RAY DIFFRACTION' ? 
r_nbtor_other                ?      ?      ? ?    'X-RAY DIFFRACTION' ? 
r_xyhbond_nbd_refined        0.109  0.200  ? 71   'X-RAY DIFFRACTION' ? 
r_xyhbond_nbd_other          ?      ?      ? ?    'X-RAY DIFFRACTION' ? 
r_metal_ion_refined          0.091  0.200  ? 3    'X-RAY DIFFRACTION' ? 
r_metal_ion_other            ?      ?      ? ?    'X-RAY DIFFRACTION' ? 
r_symmetry_vdw_refined       0.154  0.200  ? 28   'X-RAY DIFFRACTION' ? 
r_symmetry_vdw_other         ?      ?      ? ?    'X-RAY DIFFRACTION' ? 
r_symmetry_hbond_refined     0.095  0.200  ? 13   'X-RAY DIFFRACTION' ? 
r_symmetry_hbond_other       ?      ?      ? ?    'X-RAY DIFFRACTION' ? 
r_symmetry_metal_ion_refined ?      ?      ? ?    'X-RAY DIFFRACTION' ? 
r_symmetry_metal_ion_other   ?      ?      ? ?    'X-RAY DIFFRACTION' ? 
r_mcbond_it                  0.551  1.500  ? 543  'X-RAY DIFFRACTION' ? 
r_mcbond_other               ?      ?      ? ?    'X-RAY DIFFRACTION' ? 
r_mcangle_it                 1.054  2.000  ? 878  'X-RAY DIFFRACTION' ? 
r_scbond_it                  1.358  3.000  ? 367  'X-RAY DIFFRACTION' ? 
r_scangle_it                 2.413  4.500  ? 327  'X-RAY DIFFRACTION' ? 
r_rigid_bond_restr           ?      ?      ? ?    'X-RAY DIFFRACTION' ? 
r_sphericity_free            ?      ?      ? ?    'X-RAY DIFFRACTION' ? 
r_sphericity_bonded          ?      ?      ? ?    'X-RAY DIFFRACTION' ? 
# 
_refine_ls_shell.pdbx_total_number_of_bins_used   20 
_refine_ls_shell.d_res_high                       2.200 
_refine_ls_shell.d_res_low                        2.256 
_refine_ls_shell.number_reflns_R_work             652 
_refine_ls_shell.R_factor_R_work                  0.225 
_refine_ls_shell.percent_reflns_obs               100.00 
_refine_ls_shell.R_factor_R_free                  0.235 
_refine_ls_shell.R_factor_R_free_error            ? 
_refine_ls_shell.percent_reflns_R_free            ? 
_refine_ls_shell.number_reflns_R_free             35 
_refine_ls_shell.number_reflns_all                ? 
_refine_ls_shell.R_factor_all                     ? 
_refine_ls_shell.number_reflns_obs                687 
_refine_ls_shell.redundancy_reflns_obs            ? 
_refine_ls_shell.pdbx_refine_id                   'X-RAY DIFFRACTION' 
# 
_struct.entry_id                  3BIA 
_struct.title                     'Tim-4 in complex with sodium potassium tartrate' 
_struct.pdbx_model_details        ? 
_struct.pdbx_CASP_flag            ? 
_struct.pdbx_model_type_details   ? 
# 
_struct_keywords.entry_id        3BIA 
_struct_keywords.pdbx_keywords   'IMMUNE SYSTEM' 
_struct_keywords.text            
;BETA BARREL, IMMUNOGLOBULIN FOLD, IgV DOMAIN, TIM, Glycoprotein, Immunoglobulin domain, Membrane, Polymorphism, Transmembrane, IMMUNE SYSTEM
;
# 
loop_
_struct_asym.id 
_struct_asym.pdbx_blank_PDB_chainid_flag 
_struct_asym.pdbx_modified 
_struct_asym.entity_id 
_struct_asym.details 
A N N 1 ? 
B N N 2 ? 
C N N 3 ? 
D N N 4 ? 
# 
_struct_ref.id                         1 
_struct_ref.db_name                    UNP 
_struct_ref.db_code                    TIMD4_MOUSE 
_struct_ref.pdbx_db_accession          Q6U7R4 
_struct_ref.entity_id                  1 
_struct_ref.pdbx_seq_one_letter_code   
;SEDTIIGFLGQPVTLPCHYLSWSQSRNSMCWGKGSCPNSKCNAELLRTDGTRIISRKSTKYTLLGKVQFGEVSLTISNTN
RGDSGVYCCRIEVPGWFNDVKKNVRLELRRA
;
_struct_ref.pdbx_align_begin           24 
_struct_ref.pdbx_db_isoform            ? 
# 
_struct_ref_seq.align_id                      1 
_struct_ref_seq.ref_id                        1 
_struct_ref_seq.pdbx_PDB_id_code              3BIA 
_struct_ref_seq.pdbx_strand_id                X 
_struct_ref_seq.seq_align_beg                 2 
_struct_ref_seq.pdbx_seq_align_beg_ins_code   ? 
_struct_ref_seq.seq_align_end                 112 
_struct_ref_seq.pdbx_seq_align_end_ins_code   ? 
_struct_ref_seq.pdbx_db_accession             Q6U7R4 
_struct_ref_seq.db_align_beg                  24 
_struct_ref_seq.pdbx_db_align_beg_ins_code    ? 
_struct_ref_seq.db_align_end                  134 
_struct_ref_seq.pdbx_db_align_end_ins_code    ? 
_struct_ref_seq.pdbx_auth_seq_align_beg       2 
_struct_ref_seq.pdbx_auth_seq_align_end       112 
# 
loop_
_struct_ref_seq_dif.align_id 
_struct_ref_seq_dif.pdbx_pdb_id_code 
_struct_ref_seq_dif.mon_id 
_struct_ref_seq_dif.pdbx_pdb_strand_id 
_struct_ref_seq_dif.seq_num 
_struct_ref_seq_dif.pdbx_pdb_ins_code 
_struct_ref_seq_dif.pdbx_seq_db_name 
_struct_ref_seq_dif.pdbx_seq_db_accession_code 
_struct_ref_seq_dif.db_mon_id 
_struct_ref_seq_dif.pdbx_seq_db_seq_num 
_struct_ref_seq_dif.details 
_struct_ref_seq_dif.pdbx_auth_seq_num 
_struct_ref_seq_dif.pdbx_ordinal 
1 3BIA MET X 1   ? UNP Q6U7R4 ? ? 'initiating methionine' 1   1 
1 3BIA LEU X 113 ? UNP Q6U7R4 ? ? 'expression tag'        113 2 
1 3BIA VAL X 114 ? UNP Q6U7R4 ? ? 'expression tag'        114 3 
1 3BIA PRO X 115 ? UNP Q6U7R4 ? ? 'expression tag'        115 4 
1 3BIA ARG X 116 ? UNP Q6U7R4 ? ? 'expression tag'        116 5 
# 
_pdbx_struct_assembly.id                   1 
_pdbx_struct_assembly.details              author_and_software_defined_assembly 
_pdbx_struct_assembly.method_details       PISA 
_pdbx_struct_assembly.oligomeric_details   monomeric 
_pdbx_struct_assembly.oligomeric_count     1 
# 
_pdbx_struct_assembly_gen.assembly_id       1 
_pdbx_struct_assembly_gen.oper_expression   1 
_pdbx_struct_assembly_gen.asym_id_list      A,B,C,D 
# 
_pdbx_struct_oper_list.id                   1 
_pdbx_struct_oper_list.type                 'identity operation' 
_pdbx_struct_oper_list.name                 1_555 
_pdbx_struct_oper_list.symmetry_operation   x,y,z 
_pdbx_struct_oper_list.matrix[1][1]         1.0000000000 
_pdbx_struct_oper_list.matrix[1][2]         0.0000000000 
_pdbx_struct_oper_list.matrix[1][3]         0.0000000000 
_pdbx_struct_oper_list.vector[1]            0.0000000000 
_pdbx_struct_oper_list.matrix[2][1]         0.0000000000 
_pdbx_struct_oper_list.matrix[2][2]         1.0000000000 
_pdbx_struct_oper_list.matrix[2][3]         0.0000000000 
_pdbx_struct_oper_list.vector[2]            0.0000000000 
_pdbx_struct_oper_list.matrix[3][1]         0.0000000000 
_pdbx_struct_oper_list.matrix[3][2]         0.0000000000 
_pdbx_struct_oper_list.matrix[3][3]         1.0000000000 
_pdbx_struct_oper_list.vector[3]            0.0000000000 
# 
_struct_biol.id        1 
_struct_biol.details   ? 
# 
loop_
_struct_conf.conf_type_id 
_struct_conf.id 
_struct_conf.pdbx_PDB_helix_id 
_struct_conf.beg_label_comp_id 
_struct_conf.beg_label_asym_id 
_struct_conf.beg_label_seq_id 
_struct_conf.pdbx_beg_PDB_ins_code 
_struct_conf.end_label_comp_id 
_struct_conf.end_label_asym_id 
_struct_conf.end_label_seq_id 
_struct_conf.pdbx_end_PDB_ins_code 
_struct_conf.beg_auth_comp_id 
_struct_conf.beg_auth_asym_id 
_struct_conf.beg_auth_seq_id 
_struct_conf.end_auth_comp_id 
_struct_conf.end_auth_asym_id 
_struct_conf.end_auth_seq_id 
_struct_conf.pdbx_PDB_helix_class 
_struct_conf.details 
_struct_conf.pdbx_PDB_helix_length 
HELX_P HELX_P1 1 LYS A 67 ? GLY A 71 ? LYS X 67 GLY X 71 5 ? 5 
HELX_P HELX_P2 2 ASN A 81 ? SER A 85 ? ASN X 81 SER X 85 5 ? 5 
# 
_struct_conf_type.id          HELX_P 
_struct_conf_type.criteria    ? 
_struct_conf_type.reference   ? 
# 
loop_
_struct_conn.id 
_struct_conn.conn_type_id 
_struct_conn.pdbx_leaving_atom_flag 
_struct_conn.pdbx_PDB_id 
_struct_conn.ptnr1_label_asym_id 
_struct_conn.ptnr1_label_comp_id 
_struct_conn.ptnr1_label_seq_id 
_struct_conn.ptnr1_label_atom_id 
_struct_conn.pdbx_ptnr1_label_alt_id 
_struct_conn.pdbx_ptnr1_PDB_ins_code 
_struct_conn.pdbx_ptnr1_standard_comp_id 
_struct_conn.ptnr1_symmetry 
_struct_conn.ptnr2_label_asym_id 
_struct_conn.ptnr2_label_comp_id 
_struct_conn.ptnr2_label_seq_id 
_struct_conn.ptnr2_label_atom_id 
_struct_conn.pdbx_ptnr2_label_alt_id 
_struct_conn.pdbx_ptnr2_PDB_ins_code 
_struct_conn.ptnr1_auth_asym_id 
_struct_conn.ptnr1_auth_comp_id 
_struct_conn.ptnr1_auth_seq_id 
_struct_conn.ptnr2_auth_asym_id 
_struct_conn.ptnr2_auth_comp_id 
_struct_conn.ptnr2_auth_seq_id 
_struct_conn.ptnr2_symmetry 
_struct_conn.pdbx_ptnr3_label_atom_id 
_struct_conn.pdbx_ptnr3_label_seq_id 
_struct_conn.pdbx_ptnr3_label_comp_id 
_struct_conn.pdbx_ptnr3_label_asym_id 
_struct_conn.pdbx_ptnr3_label_alt_id 
_struct_conn.pdbx_ptnr3_PDB_ins_code 
_struct_conn.details 
_struct_conn.pdbx_dist_value 
_struct_conn.pdbx_value_order 
_struct_conn.pdbx_role 
disulf1 disulf ? ? A CYS 18  SG  ? ? ? 1_555 A CYS 90 SG ? ? X CYS 18  X CYS 90  1_555 ? ? ? ? ? ? ? 2.047 ? ? 
disulf2 disulf ? ? A CYS 31  SG  ? ? ? 1_555 A CYS 42 SG ? ? X CYS 31  X CYS 42  1_555 ? ? ? ? ? ? ? 2.038 ? ? 
disulf3 disulf ? ? A CYS 37  SG  ? ? ? 1_555 A CYS 89 SG ? ? X CYS 37  X CYS 89  1_555 ? ? ? ? ? ? ? 2.041 ? ? 
metalc1 metalc ? ? A VAL 94  O   ? ? ? 1_555 B NA  .  NA ? ? X VAL 94  X NA  117 1_555 ? ? ? ? ? ? ? 2.294 ? ? 
metalc2 metalc ? ? A GLY 96  O   ? ? ? 1_555 B NA  .  NA ? ? X GLY 96  X NA  117 1_555 ? ? ? ? ? ? ? 2.472 ? ? 
metalc3 metalc ? ? A ASN 99  OD1 ? ? ? 1_555 B NA  .  NA ? ? X ASN 99  X NA  117 1_555 ? ? ? ? ? ? ? 2.352 ? ? 
metalc4 metalc ? ? A ASP 100 OD1 ? ? ? 1_555 B NA  .  NA ? ? X ASP 100 X NA  117 1_555 ? ? ? ? ? ? ? 2.668 ? ? 
metalc5 metalc ? ? B NA  .   NA  ? ? ? 1_555 C TLA .  O1 ? ? X NA  117 X TLA 118 1_555 ? ? ? ? ? ? ? 2.319 ? ? 
metalc6 metalc ? ? B NA  .   NA  ? ? ? 1_555 D HOH .  O  ? ? X NA  117 X HOH 145 1_555 ? ? ? ? ? ? ? 2.732 ? ? 
# 
loop_
_struct_conn_type.id 
_struct_conn_type.criteria 
_struct_conn_type.reference 
disulf ? ? 
metalc ? ? 
# 
loop_
_pdbx_struct_conn_angle.id 
_pdbx_struct_conn_angle.ptnr1_label_atom_id 
_pdbx_struct_conn_angle.ptnr1_label_alt_id 
_pdbx_struct_conn_angle.ptnr1_label_asym_id 
_pdbx_struct_conn_angle.ptnr1_label_comp_id 
_pdbx_struct_conn_angle.ptnr1_label_seq_id 
_pdbx_struct_conn_angle.ptnr1_auth_atom_id 
_pdbx_struct_conn_angle.ptnr1_auth_asym_id 
_pdbx_struct_conn_angle.ptnr1_auth_comp_id 
_pdbx_struct_conn_angle.ptnr1_auth_seq_id 
_pdbx_struct_conn_angle.ptnr1_PDB_ins_code 
_pdbx_struct_conn_angle.ptnr1_symmetry 
_pdbx_struct_conn_angle.ptnr2_label_atom_id 
_pdbx_struct_conn_angle.ptnr2_label_alt_id 
_pdbx_struct_conn_angle.ptnr2_label_asym_id 
_pdbx_struct_conn_angle.ptnr2_label_comp_id 
_pdbx_struct_conn_angle.ptnr2_label_seq_id 
_pdbx_struct_conn_angle.ptnr2_auth_atom_id 
_pdbx_struct_conn_angle.ptnr2_auth_asym_id 
_pdbx_struct_conn_angle.ptnr2_auth_comp_id 
_pdbx_struct_conn_angle.ptnr2_auth_seq_id 
_pdbx_struct_conn_angle.ptnr2_PDB_ins_code 
_pdbx_struct_conn_angle.ptnr2_symmetry 
_pdbx_struct_conn_angle.ptnr3_label_atom_id 
_pdbx_struct_conn_angle.ptnr3_label_alt_id 
_pdbx_struct_conn_angle.ptnr3_label_asym_id 
_pdbx_struct_conn_angle.ptnr3_label_comp_id 
_pdbx_struct_conn_angle.ptnr3_label_seq_id 
_pdbx_struct_conn_angle.ptnr3_auth_atom_id 
_pdbx_struct_conn_angle.ptnr3_auth_asym_id 
_pdbx_struct_conn_angle.ptnr3_auth_comp_id 
_pdbx_struct_conn_angle.ptnr3_auth_seq_id 
_pdbx_struct_conn_angle.ptnr3_PDB_ins_code 
_pdbx_struct_conn_angle.ptnr3_symmetry 
_pdbx_struct_conn_angle.value 
_pdbx_struct_conn_angle.value_esd 
1  O   ? A VAL 94  ? X VAL 94  ? 1_555 NA ? B NA . ? X NA 117 ? 1_555 O   ? A GLY 96  ? X GLY 96  ? 1_555 97.2  ? 
2  O   ? A VAL 94  ? X VAL 94  ? 1_555 NA ? B NA . ? X NA 117 ? 1_555 OD1 ? A ASN 99  ? X ASN 99  ? 1_555 93.7  ? 
3  O   ? A GLY 96  ? X GLY 96  ? 1_555 NA ? B NA . ? X NA 117 ? 1_555 OD1 ? A ASN 99  ? X ASN 99  ? 1_555 92.6  ? 
4  O   ? A VAL 94  ? X VAL 94  ? 1_555 NA ? B NA . ? X NA 117 ? 1_555 OD1 ? A ASP 100 ? X ASP 100 ? 1_555 86.4  ? 
5  O   ? A GLY 96  ? X GLY 96  ? 1_555 NA ? B NA . ? X NA 117 ? 1_555 OD1 ? A ASP 100 ? X ASP 100 ? 1_555 156.3 ? 
6  OD1 ? A ASN 99  ? X ASN 99  ? 1_555 NA ? B NA . ? X NA 117 ? 1_555 OD1 ? A ASP 100 ? X ASP 100 ? 1_555 110.6 ? 
7  O   ? A VAL 94  ? X VAL 94  ? 1_555 NA ? B NA . ? X NA 117 ? 1_555 O1  ? C TLA .   ? X TLA 118 ? 1_555 162.9 ? 
8  O   ? A GLY 96  ? X GLY 96  ? 1_555 NA ? B NA . ? X NA 117 ? 1_555 O1  ? C TLA .   ? X TLA 118 ? 1_555 99.7  ? 
9  OD1 ? A ASN 99  ? X ASN 99  ? 1_555 NA ? B NA . ? X NA 117 ? 1_555 O1  ? C TLA .   ? X TLA 118 ? 1_555 83.0  ? 
10 OD1 ? A ASP 100 ? X ASP 100 ? 1_555 NA ? B NA . ? X NA 117 ? 1_555 O1  ? C TLA .   ? X TLA 118 ? 1_555 79.1  ? 
11 O   ? A VAL 94  ? X VAL 94  ? 1_555 NA ? B NA . ? X NA 117 ? 1_555 O   ? D HOH .   ? X HOH 145 ? 1_555 81.9  ? 
12 O   ? A GLY 96  ? X GLY 96  ? 1_555 NA ? B NA . ? X NA 117 ? 1_555 O   ? D HOH .   ? X HOH 145 ? 1_555 92.7  ? 
13 OD1 ? A ASN 99  ? X ASN 99  ? 1_555 NA ? B NA . ? X NA 117 ? 1_555 O   ? D HOH .   ? X HOH 145 ? 1_555 173.5 ? 
14 OD1 ? A ASP 100 ? X ASP 100 ? 1_555 NA ? B NA . ? X NA 117 ? 1_555 O   ? D HOH .   ? X HOH 145 ? 1_555 64.5  ? 
15 O1  ? C TLA .   ? X TLA 118 ? 1_555 NA ? B NA . ? X NA 117 ? 1_555 O   ? D HOH .   ? X HOH 145 ? 1_555 99.8  ? 
# 
loop_
_pdbx_modification_feature.ordinal 
_pdbx_modification_feature.label_comp_id 
_pdbx_modification_feature.label_asym_id 
_pdbx_modification_feature.label_seq_id 
_pdbx_modification_feature.label_alt_id 
_pdbx_modification_feature.modified_residue_label_comp_id 
_pdbx_modification_feature.modified_residue_label_asym_id 
_pdbx_modification_feature.modified_residue_label_seq_id 
_pdbx_modification_feature.modified_residue_label_alt_id 
_pdbx_modification_feature.auth_comp_id 
_pdbx_modification_feature.auth_asym_id 
_pdbx_modification_feature.auth_seq_id 
_pdbx_modification_feature.PDB_ins_code 
_pdbx_modification_feature.symmetry 
_pdbx_modification_feature.modified_residue_auth_comp_id 
_pdbx_modification_feature.modified_residue_auth_asym_id 
_pdbx_modification_feature.modified_residue_auth_seq_id 
_pdbx_modification_feature.modified_residue_PDB_ins_code 
_pdbx_modification_feature.modified_residue_symmetry 
_pdbx_modification_feature.comp_id_linking_atom 
_pdbx_modification_feature.modified_residue_id_linking_atom 
_pdbx_modification_feature.modified_residue_id 
_pdbx_modification_feature.ref_pcm_id 
_pdbx_modification_feature.ref_comp_id 
_pdbx_modification_feature.type 
_pdbx_modification_feature.category 
1 CYS A 18 ? CYS A 90 ? CYS X 18 ? 1_555 CYS X 90 ? 1_555 SG SG . . . None 'Disulfide bridge' 
2 CYS A 31 ? CYS A 42 ? CYS X 31 ? 1_555 CYS X 42 ? 1_555 SG SG . . . None 'Disulfide bridge' 
3 CYS A 37 ? CYS A 89 ? CYS X 37 ? 1_555 CYS X 89 ? 1_555 SG SG . . . None 'Disulfide bridge' 
# 
loop_
_struct_sheet.id 
_struct_sheet.type 
_struct_sheet.number_strands 
_struct_sheet.details 
A ? 6 ? 
B ? 3 ? 
# 
loop_
_struct_sheet_order.sheet_id 
_struct_sheet_order.range_id_1 
_struct_sheet_order.range_id_2 
_struct_sheet_order.offset 
_struct_sheet_order.sense 
A 1 2 ? parallel      
A 2 3 ? anti-parallel 
A 3 4 ? anti-parallel 
A 4 5 ? anti-parallel 
A 5 6 ? anti-parallel 
B 1 2 ? anti-parallel 
B 2 3 ? anti-parallel 
# 
loop_
_struct_sheet_range.sheet_id 
_struct_sheet_range.id 
_struct_sheet_range.beg_label_comp_id 
_struct_sheet_range.beg_label_asym_id 
_struct_sheet_range.beg_label_seq_id 
_struct_sheet_range.pdbx_beg_PDB_ins_code 
_struct_sheet_range.end_label_comp_id 
_struct_sheet_range.end_label_asym_id 
_struct_sheet_range.end_label_seq_id 
_struct_sheet_range.pdbx_end_PDB_ins_code 
_struct_sheet_range.beg_auth_comp_id 
_struct_sheet_range.beg_auth_asym_id 
_struct_sheet_range.beg_auth_seq_id 
_struct_sheet_range.end_auth_comp_id 
_struct_sheet_range.end_auth_asym_id 
_struct_sheet_range.end_auth_seq_id 
A 1 ASP A 4   ? PHE A 9   ? ASP X 4   PHE X 9   
A 2 VAL A 101 ? ARG A 110 ? VAL X 101 ARG X 110 
A 3 GLY A 86  ? GLU A 93  ? GLY X 86  GLU X 93  
A 4 SER A 29  ? LYS A 34  ? SER X 29  LYS X 34  
A 5 GLU A 45  ? THR A 49  ? GLU X 45  THR X 49  
A 6 ILE A 54  ? ARG A 57  ? ILE X 54  ARG X 57  
B 1 VAL A 14  ? LEU A 16  ? VAL X 14  LEU X 16  
B 2 LEU A 75  ? ILE A 77  ? LEU X 75  ILE X 77  
B 3 TYR A 62  ? LEU A 64  ? TYR X 62  LEU X 64  
# 
loop_
_pdbx_struct_sheet_hbond.sheet_id 
_pdbx_struct_sheet_hbond.range_id_1 
_pdbx_struct_sheet_hbond.range_id_2 
_pdbx_struct_sheet_hbond.range_1_label_atom_id 
_pdbx_struct_sheet_hbond.range_1_label_comp_id 
_pdbx_struct_sheet_hbond.range_1_label_asym_id 
_pdbx_struct_sheet_hbond.range_1_label_seq_id 
_pdbx_struct_sheet_hbond.range_1_PDB_ins_code 
_pdbx_struct_sheet_hbond.range_1_auth_atom_id 
_pdbx_struct_sheet_hbond.range_1_auth_comp_id 
_pdbx_struct_sheet_hbond.range_1_auth_asym_id 
_pdbx_struct_sheet_hbond.range_1_auth_seq_id 
_pdbx_struct_sheet_hbond.range_2_label_atom_id 
_pdbx_struct_sheet_hbond.range_2_label_comp_id 
_pdbx_struct_sheet_hbond.range_2_label_asym_id 
_pdbx_struct_sheet_hbond.range_2_label_seq_id 
_pdbx_struct_sheet_hbond.range_2_PDB_ins_code 
_pdbx_struct_sheet_hbond.range_2_auth_atom_id 
_pdbx_struct_sheet_hbond.range_2_auth_comp_id 
_pdbx_struct_sheet_hbond.range_2_auth_asym_id 
_pdbx_struct_sheet_hbond.range_2_auth_seq_id 
A 1 2 N ILE A 6   ? N ILE X 6   O GLU A 108 ? O GLU X 108 
A 2 3 O LYS A 103 ? O LYS X 103 N CYS A 90  ? N CYS X 90  
A 3 4 O GLU A 93  ? O GLU X 93  N SER A 29  ? N SER X 29  
A 4 5 N TRP A 32  ? N TRP X 32  O LEU A 46  ? O LEU X 46  
A 5 6 N ARG A 48  ? N ARG X 48  O SER A 56  ? O SER X 56  
B 1 2 N LEU A 16  ? N LEU X 16  O LEU A 75  ? O LEU X 75  
B 2 3 O THR A 76  ? O THR X 76  N THR A 63  ? N THR X 63  
# 
loop_
_struct_site.id 
_struct_site.pdbx_evidence_code 
_struct_site.pdbx_auth_asym_id 
_struct_site.pdbx_auth_comp_id 
_struct_site.pdbx_auth_seq_id 
_struct_site.pdbx_auth_ins_code 
_struct_site.pdbx_num_residues 
_struct_site.details 
AC1 Software X NA  117 ? 6  'BINDING SITE FOR RESIDUE NA X 117'  
AC2 Software X TLA 118 ? 13 'BINDING SITE FOR RESIDUE TLA X 118' 
# 
loop_
_struct_site_gen.id 
_struct_site_gen.site_id 
_struct_site_gen.pdbx_num_res 
_struct_site_gen.label_comp_id 
_struct_site_gen.label_asym_id 
_struct_site_gen.label_seq_id 
_struct_site_gen.pdbx_auth_ins_code 
_struct_site_gen.auth_comp_id 
_struct_site_gen.auth_asym_id 
_struct_site_gen.auth_seq_id 
_struct_site_gen.label_atom_id 
_struct_site_gen.label_alt_id 
_struct_site_gen.symmetry 
_struct_site_gen.details 
1  AC1 6  VAL A 94  ? VAL X 94  . ? 1_555 ? 
2  AC1 6  GLY A 96  ? GLY X 96  . ? 1_555 ? 
3  AC1 6  ASN A 99  ? ASN X 99  . ? 1_555 ? 
4  AC1 6  ASP A 100 ? ASP X 100 . ? 1_555 ? 
5  AC1 6  TLA C .   ? TLA X 118 . ? 1_555 ? 
6  AC1 6  HOH D .   ? HOH X 145 . ? 1_555 ? 
7  AC2 13 ASN A 39  ? ASN X 39  . ? 1_555 ? 
8  AC2 13 ASN A 39  ? ASN X 39  . ? 3_455 ? 
9  AC2 13 SER A 40  ? SER X 40  . ? 1_555 ? 
10 AC2 13 ARG A 91  ? ARG X 91  . ? 1_555 ? 
11 AC2 13 GLY A 96  ? GLY X 96  . ? 1_555 ? 
12 AC2 13 TRP A 97  ? TRP X 97  . ? 1_555 ? 
13 AC2 13 PHE A 98  ? PHE X 98  . ? 1_555 ? 
14 AC2 13 ASN A 99  ? ASN X 99  . ? 1_555 ? 
15 AC2 13 ASP A 100 ? ASP X 100 . ? 1_555 ? 
16 AC2 13 NA  B .   ? NA  X 117 . ? 1_555 ? 
17 AC2 13 HOH D .   ? HOH X 119 . ? 1_555 ? 
18 AC2 13 HOH D .   ? HOH X 120 . ? 1_555 ? 
19 AC2 13 HOH D .   ? HOH X 164 . ? 3_455 ? 
# 
_pdbx_entry_details.entry_id                   3BIA 
_pdbx_entry_details.compound_details           ? 
_pdbx_entry_details.source_details             ? 
_pdbx_entry_details.nonpolymer_details         ? 
_pdbx_entry_details.sequence_details           ? 
_pdbx_entry_details.has_ligand_of_interest     ? 
_pdbx_entry_details.has_protein_modification   Y 
# 
loop_
_pdbx_validate_torsion.id 
_pdbx_validate_torsion.PDB_model_num 
_pdbx_validate_torsion.auth_comp_id 
_pdbx_validate_torsion.auth_asym_id 
_pdbx_validate_torsion.auth_seq_id 
_pdbx_validate_torsion.PDB_ins_code 
_pdbx_validate_torsion.label_alt_id 
_pdbx_validate_torsion.phi 
_pdbx_validate_torsion.psi 
1 1 LYS X 41 ? ? 56.78   -156.27 
2 1 ASP X 50 ? ? -92.95  -151.36 
3 1 ASN X 99 ? ? -143.73 12.01   
# 
_pdbx_struct_special_symmetry.id              1 
_pdbx_struct_special_symmetry.PDB_model_num   1 
_pdbx_struct_special_symmetry.auth_asym_id    X 
_pdbx_struct_special_symmetry.auth_comp_id    HOH 
_pdbx_struct_special_symmetry.auth_seq_id     193 
_pdbx_struct_special_symmetry.PDB_ins_code    ? 
_pdbx_struct_special_symmetry.label_asym_id   D 
_pdbx_struct_special_symmetry.label_comp_id   HOH 
_pdbx_struct_special_symmetry.label_seq_id    . 
# 
loop_
_pdbx_unobs_or_zero_occ_residues.id 
_pdbx_unobs_or_zero_occ_residues.PDB_model_num 
_pdbx_unobs_or_zero_occ_residues.polymer_flag 
_pdbx_unobs_or_zero_occ_residues.occupancy_flag 
_pdbx_unobs_or_zero_occ_residues.auth_asym_id 
_pdbx_unobs_or_zero_occ_residues.auth_comp_id 
_pdbx_unobs_or_zero_occ_residues.auth_seq_id 
_pdbx_unobs_or_zero_occ_residues.PDB_ins_code 
_pdbx_unobs_or_zero_occ_residues.label_asym_id 
_pdbx_unobs_or_zero_occ_residues.label_comp_id 
_pdbx_unobs_or_zero_occ_residues.label_seq_id 
1 1 Y 1 X MET 1   ? A MET 1   
2 1 Y 1 X SER 2   ? A SER 2   
3 1 Y 1 X LEU 113 ? A LEU 113 
4 1 Y 1 X VAL 114 ? A VAL 114 
5 1 Y 1 X PRO 115 ? A PRO 115 
6 1 Y 1 X ARG 116 ? A ARG 116 
# 
loop_
_chem_comp_atom.comp_id 
_chem_comp_atom.atom_id 
_chem_comp_atom.type_symbol 
_chem_comp_atom.pdbx_aromatic_flag 
_chem_comp_atom.pdbx_stereo_config 
_chem_comp_atom.pdbx_ordinal 
ALA N    N  N N 1   
ALA CA   C  N S 2   
ALA C    C  N N 3   
ALA O    O  N N 4   
ALA CB   C  N N 5   
ALA OXT  O  N N 6   
ALA H    H  N N 7   
ALA H2   H  N N 8   
ALA HA   H  N N 9   
ALA HB1  H  N N 10  
ALA HB2  H  N N 11  
ALA HB3  H  N N 12  
ALA HXT  H  N N 13  
ARG N    N  N N 14  
ARG CA   C  N S 15  
ARG C    C  N N 16  
ARG O    O  N N 17  
ARG CB   C  N N 18  
ARG CG   C  N N 19  
ARG CD   C  N N 20  
ARG NE   N  N N 21  
ARG CZ   C  N N 22  
ARG NH1  N  N N 23  
ARG NH2  N  N N 24  
ARG OXT  O  N N 25  
ARG H    H  N N 26  
ARG H2   H  N N 27  
ARG HA   H  N N 28  
ARG HB2  H  N N 29  
ARG HB3  H  N N 30  
ARG HG2  H  N N 31  
ARG HG3  H  N N 32  
ARG HD2  H  N N 33  
ARG HD3  H  N N 34  
ARG HE   H  N N 35  
ARG HH11 H  N N 36  
ARG HH12 H  N N 37  
ARG HH21 H  N N 38  
ARG HH22 H  N N 39  
ARG HXT  H  N N 40  
ASN N    N  N N 41  
ASN CA   C  N S 42  
ASN C    C  N N 43  
ASN O    O  N N 44  
ASN CB   C  N N 45  
ASN CG   C  N N 46  
ASN OD1  O  N N 47  
ASN ND2  N  N N 48  
ASN OXT  O  N N 49  
ASN H    H  N N 50  
ASN H2   H  N N 51  
ASN HA   H  N N 52  
ASN HB2  H  N N 53  
ASN HB3  H  N N 54  
ASN HD21 H  N N 55  
ASN HD22 H  N N 56  
ASN HXT  H  N N 57  
ASP N    N  N N 58  
ASP CA   C  N S 59  
ASP C    C  N N 60  
ASP O    O  N N 61  
ASP CB   C  N N 62  
ASP CG   C  N N 63  
ASP OD1  O  N N 64  
ASP OD2  O  N N 65  
ASP OXT  O  N N 66  
ASP H    H  N N 67  
ASP H2   H  N N 68  
ASP HA   H  N N 69  
ASP HB2  H  N N 70  
ASP HB3  H  N N 71  
ASP HD2  H  N N 72  
ASP HXT  H  N N 73  
CYS N    N  N N 74  
CYS CA   C  N R 75  
CYS C    C  N N 76  
CYS O    O  N N 77  
CYS CB   C  N N 78  
CYS SG   S  N N 79  
CYS OXT  O  N N 80  
CYS H    H  N N 81  
CYS H2   H  N N 82  
CYS HA   H  N N 83  
CYS HB2  H  N N 84  
CYS HB3  H  N N 85  
CYS HG   H  N N 86  
CYS HXT  H  N N 87  
GLN N    N  N N 88  
GLN CA   C  N S 89  
GLN C    C  N N 90  
GLN O    O  N N 91  
GLN CB   C  N N 92  
GLN CG   C  N N 93  
GLN CD   C  N N 94  
GLN OE1  O  N N 95  
GLN NE2  N  N N 96  
GLN OXT  O  N N 97  
GLN H    H  N N 98  
GLN H2   H  N N 99  
GLN HA   H  N N 100 
GLN HB2  H  N N 101 
GLN HB3  H  N N 102 
GLN HG2  H  N N 103 
GLN HG3  H  N N 104 
GLN HE21 H  N N 105 
GLN HE22 H  N N 106 
GLN HXT  H  N N 107 
GLU N    N  N N 108 
GLU CA   C  N S 109 
GLU C    C  N N 110 
GLU O    O  N N 111 
GLU CB   C  N N 112 
GLU CG   C  N N 113 
GLU CD   C  N N 114 
GLU OE1  O  N N 115 
GLU OE2  O  N N 116 
GLU OXT  O  N N 117 
GLU H    H  N N 118 
GLU H2   H  N N 119 
GLU HA   H  N N 120 
GLU HB2  H  N N 121 
GLU HB3  H  N N 122 
GLU HG2  H  N N 123 
GLU HG3  H  N N 124 
GLU HE2  H  N N 125 
GLU HXT  H  N N 126 
GLY N    N  N N 127 
GLY CA   C  N N 128 
GLY C    C  N N 129 
GLY O    O  N N 130 
GLY OXT  O  N N 131 
GLY H    H  N N 132 
GLY H2   H  N N 133 
GLY HA2  H  N N 134 
GLY HA3  H  N N 135 
GLY HXT  H  N N 136 
HIS N    N  N N 137 
HIS CA   C  N S 138 
HIS C    C  N N 139 
HIS O    O  N N 140 
HIS CB   C  N N 141 
HIS CG   C  Y N 142 
HIS ND1  N  Y N 143 
HIS CD2  C  Y N 144 
HIS CE1  C  Y N 145 
HIS NE2  N  Y N 146 
HIS OXT  O  N N 147 
HIS H    H  N N 148 
HIS H2   H  N N 149 
HIS HA   H  N N 150 
HIS HB2  H  N N 151 
HIS HB3  H  N N 152 
HIS HD1  H  N N 153 
HIS HD2  H  N N 154 
HIS HE1  H  N N 155 
HIS HE2  H  N N 156 
HIS HXT  H  N N 157 
HOH O    O  N N 158 
HOH H1   H  N N 159 
HOH H2   H  N N 160 
ILE N    N  N N 161 
ILE CA   C  N S 162 
ILE C    C  N N 163 
ILE O    O  N N 164 
ILE CB   C  N S 165 
ILE CG1  C  N N 166 
ILE CG2  C  N N 167 
ILE CD1  C  N N 168 
ILE OXT  O  N N 169 
ILE H    H  N N 170 
ILE H2   H  N N 171 
ILE HA   H  N N 172 
ILE HB   H  N N 173 
ILE HG12 H  N N 174 
ILE HG13 H  N N 175 
ILE HG21 H  N N 176 
ILE HG22 H  N N 177 
ILE HG23 H  N N 178 
ILE HD11 H  N N 179 
ILE HD12 H  N N 180 
ILE HD13 H  N N 181 
ILE HXT  H  N N 182 
LEU N    N  N N 183 
LEU CA   C  N S 184 
LEU C    C  N N 185 
LEU O    O  N N 186 
LEU CB   C  N N 187 
LEU CG   C  N N 188 
LEU CD1  C  N N 189 
LEU CD2  C  N N 190 
LEU OXT  O  N N 191 
LEU H    H  N N 192 
LEU H2   H  N N 193 
LEU HA   H  N N 194 
LEU HB2  H  N N 195 
LEU HB3  H  N N 196 
LEU HG   H  N N 197 
LEU HD11 H  N N 198 
LEU HD12 H  N N 199 
LEU HD13 H  N N 200 
LEU HD21 H  N N 201 
LEU HD22 H  N N 202 
LEU HD23 H  N N 203 
LEU HXT  H  N N 204 
LYS N    N  N N 205 
LYS CA   C  N S 206 
LYS C    C  N N 207 
LYS O    O  N N 208 
LYS CB   C  N N 209 
LYS CG   C  N N 210 
LYS CD   C  N N 211 
LYS CE   C  N N 212 
LYS NZ   N  N N 213 
LYS OXT  O  N N 214 
LYS H    H  N N 215 
LYS H2   H  N N 216 
LYS HA   H  N N 217 
LYS HB2  H  N N 218 
LYS HB3  H  N N 219 
LYS HG2  H  N N 220 
LYS HG3  H  N N 221 
LYS HD2  H  N N 222 
LYS HD3  H  N N 223 
LYS HE2  H  N N 224 
LYS HE3  H  N N 225 
LYS HZ1  H  N N 226 
LYS HZ2  H  N N 227 
LYS HZ3  H  N N 228 
LYS HXT  H  N N 229 
MET N    N  N N 230 
MET CA   C  N S 231 
MET C    C  N N 232 
MET O    O  N N 233 
MET CB   C  N N 234 
MET CG   C  N N 235 
MET SD   S  N N 236 
MET CE   C  N N 237 
MET OXT  O  N N 238 
MET H    H  N N 239 
MET H2   H  N N 240 
MET HA   H  N N 241 
MET HB2  H  N N 242 
MET HB3  H  N N 243 
MET HG2  H  N N 244 
MET HG3  H  N N 245 
MET HE1  H  N N 246 
MET HE2  H  N N 247 
MET HE3  H  N N 248 
MET HXT  H  N N 249 
NA  NA   NA N N 250 
PHE N    N  N N 251 
PHE CA   C  N S 252 
PHE C    C  N N 253 
PHE O    O  N N 254 
PHE CB   C  N N 255 
PHE CG   C  Y N 256 
PHE CD1  C  Y N 257 
PHE CD2  C  Y N 258 
PHE CE1  C  Y N 259 
PHE CE2  C  Y N 260 
PHE CZ   C  Y N 261 
PHE OXT  O  N N 262 
PHE H    H  N N 263 
PHE H2   H  N N 264 
PHE HA   H  N N 265 
PHE HB2  H  N N 266 
PHE HB3  H  N N 267 
PHE HD1  H  N N 268 
PHE HD2  H  N N 269 
PHE HE1  H  N N 270 
PHE HE2  H  N N 271 
PHE HZ   H  N N 272 
PHE HXT  H  N N 273 
PRO N    N  N N 274 
PRO CA   C  N S 275 
PRO C    C  N N 276 
PRO O    O  N N 277 
PRO CB   C  N N 278 
PRO CG   C  N N 279 
PRO CD   C  N N 280 
PRO OXT  O  N N 281 
PRO H    H  N N 282 
PRO HA   H  N N 283 
PRO HB2  H  N N 284 
PRO HB3  H  N N 285 
PRO HG2  H  N N 286 
PRO HG3  H  N N 287 
PRO HD2  H  N N 288 
PRO HD3  H  N N 289 
PRO HXT  H  N N 290 
SER N    N  N N 291 
SER CA   C  N S 292 
SER C    C  N N 293 
SER O    O  N N 294 
SER CB   C  N N 295 
SER OG   O  N N 296 
SER OXT  O  N N 297 
SER H    H  N N 298 
SER H2   H  N N 299 
SER HA   H  N N 300 
SER HB2  H  N N 301 
SER HB3  H  N N 302 
SER HG   H  N N 303 
SER HXT  H  N N 304 
THR N    N  N N 305 
THR CA   C  N S 306 
THR C    C  N N 307 
THR O    O  N N 308 
THR CB   C  N R 309 
THR OG1  O  N N 310 
THR CG2  C  N N 311 
THR OXT  O  N N 312 
THR H    H  N N 313 
THR H2   H  N N 314 
THR HA   H  N N 315 
THR HB   H  N N 316 
THR HG1  H  N N 317 
THR HG21 H  N N 318 
THR HG22 H  N N 319 
THR HG23 H  N N 320 
THR HXT  H  N N 321 
TLA O1   O  N N 322 
TLA O11  O  N N 323 
TLA C1   C  N N 324 
TLA C2   C  N R 325 
TLA O2   O  N N 326 
TLA C3   C  N R 327 
TLA O3   O  N N 328 
TLA C4   C  N N 329 
TLA O4   O  N N 330 
TLA O41  O  N N 331 
TLA H11  H  N N 332 
TLA H2   H  N N 333 
TLA HA   H  N N 334 
TLA H3   H  N N 335 
TLA HB   H  N N 336 
TLA H41  H  N N 337 
TRP N    N  N N 338 
TRP CA   C  N S 339 
TRP C    C  N N 340 
TRP O    O  N N 341 
TRP CB   C  N N 342 
TRP CG   C  Y N 343 
TRP CD1  C  Y N 344 
TRP CD2  C  Y N 345 
TRP NE1  N  Y N 346 
TRP CE2  C  Y N 347 
TRP CE3  C  Y N 348 
TRP CZ2  C  Y N 349 
TRP CZ3  C  Y N 350 
TRP CH2  C  Y N 351 
TRP OXT  O  N N 352 
TRP H    H  N N 353 
TRP H2   H  N N 354 
TRP HA   H  N N 355 
TRP HB2  H  N N 356 
TRP HB3  H  N N 357 
TRP HD1  H  N N 358 
TRP HE1  H  N N 359 
TRP HE3  H  N N 360 
TRP HZ2  H  N N 361 
TRP HZ3  H  N N 362 
TRP HH2  H  N N 363 
TRP HXT  H  N N 364 
TYR N    N  N N 365 
TYR CA   C  N S 366 
TYR C    C  N N 367 
TYR O    O  N N 368 
TYR CB   C  N N 369 
TYR CG   C  Y N 370 
TYR CD1  C  Y N 371 
TYR CD2  C  Y N 372 
TYR CE1  C  Y N 373 
TYR CE2  C  Y N 374 
TYR CZ   C  Y N 375 
TYR OH   O  N N 376 
TYR OXT  O  N N 377 
TYR H    H  N N 378 
TYR H2   H  N N 379 
TYR HA   H  N N 380 
TYR HB2  H  N N 381 
TYR HB3  H  N N 382 
TYR HD1  H  N N 383 
TYR HD2  H  N N 384 
TYR HE1  H  N N 385 
TYR HE2  H  N N 386 
TYR HH   H  N N 387 
TYR HXT  H  N N 388 
VAL N    N  N N 389 
VAL CA   C  N S 390 
VAL C    C  N N 391 
VAL O    O  N N 392 
VAL CB   C  N N 393 
VAL CG1  C  N N 394 
VAL CG2  C  N N 395 
VAL OXT  O  N N 396 
VAL H    H  N N 397 
VAL H2   H  N N 398 
VAL HA   H  N N 399 
VAL HB   H  N N 400 
VAL HG11 H  N N 401 
VAL HG12 H  N N 402 
VAL HG13 H  N N 403 
VAL HG21 H  N N 404 
VAL HG22 H  N N 405 
VAL HG23 H  N N 406 
VAL HXT  H  N N 407 
# 
loop_
_chem_comp_bond.comp_id 
_chem_comp_bond.atom_id_1 
_chem_comp_bond.atom_id_2 
_chem_comp_bond.value_order 
_chem_comp_bond.pdbx_aromatic_flag 
_chem_comp_bond.pdbx_stereo_config 
_chem_comp_bond.pdbx_ordinal 
ALA N   CA   sing N N 1   
ALA N   H    sing N N 2   
ALA N   H2   sing N N 3   
ALA CA  C    sing N N 4   
ALA CA  CB   sing N N 5   
ALA CA  HA   sing N N 6   
ALA C   O    doub N N 7   
ALA C   OXT  sing N N 8   
ALA CB  HB1  sing N N 9   
ALA CB  HB2  sing N N 10  
ALA CB  HB3  sing N N 11  
ALA OXT HXT  sing N N 12  
ARG N   CA   sing N N 13  
ARG N   H    sing N N 14  
ARG N   H2   sing N N 15  
ARG CA  C    sing N N 16  
ARG CA  CB   sing N N 17  
ARG CA  HA   sing N N 18  
ARG C   O    doub N N 19  
ARG C   OXT  sing N N 20  
ARG CB  CG   sing N N 21  
ARG CB  HB2  sing N N 22  
ARG CB  HB3  sing N N 23  
ARG CG  CD   sing N N 24  
ARG CG  HG2  sing N N 25  
ARG CG  HG3  sing N N 26  
ARG CD  NE   sing N N 27  
ARG CD  HD2  sing N N 28  
ARG CD  HD3  sing N N 29  
ARG NE  CZ   sing N N 30  
ARG NE  HE   sing N N 31  
ARG CZ  NH1  sing N N 32  
ARG CZ  NH2  doub N N 33  
ARG NH1 HH11 sing N N 34  
ARG NH1 HH12 sing N N 35  
ARG NH2 HH21 sing N N 36  
ARG NH2 HH22 sing N N 37  
ARG OXT HXT  sing N N 38  
ASN N   CA   sing N N 39  
ASN N   H    sing N N 40  
ASN N   H2   sing N N 41  
ASN CA  C    sing N N 42  
ASN CA  CB   sing N N 43  
ASN CA  HA   sing N N 44  
ASN C   O    doub N N 45  
ASN C   OXT  sing N N 46  
ASN CB  CG   sing N N 47  
ASN CB  HB2  sing N N 48  
ASN CB  HB3  sing N N 49  
ASN CG  OD1  doub N N 50  
ASN CG  ND2  sing N N 51  
ASN ND2 HD21 sing N N 52  
ASN ND2 HD22 sing N N 53  
ASN OXT HXT  sing N N 54  
ASP N   CA   sing N N 55  
ASP N   H    sing N N 56  
ASP N   H2   sing N N 57  
ASP CA  C    sing N N 58  
ASP CA  CB   sing N N 59  
ASP CA  HA   sing N N 60  
ASP C   O    doub N N 61  
ASP C   OXT  sing N N 62  
ASP CB  CG   sing N N 63  
ASP CB  HB2  sing N N 64  
ASP CB  HB3  sing N N 65  
ASP CG  OD1  doub N N 66  
ASP CG  OD2  sing N N 67  
ASP OD2 HD2  sing N N 68  
ASP OXT HXT  sing N N 69  
CYS N   CA   sing N N 70  
CYS N   H    sing N N 71  
CYS N   H2   sing N N 72  
CYS CA  C    sing N N 73  
CYS CA  CB   sing N N 74  
CYS CA  HA   sing N N 75  
CYS C   O    doub N N 76  
CYS C   OXT  sing N N 77  
CYS CB  SG   sing N N 78  
CYS CB  HB2  sing N N 79  
CYS CB  HB3  sing N N 80  
CYS SG  HG   sing N N 81  
CYS OXT HXT  sing N N 82  
GLN N   CA   sing N N 83  
GLN N   H    sing N N 84  
GLN N   H2   sing N N 85  
GLN CA  C    sing N N 86  
GLN CA  CB   sing N N 87  
GLN CA  HA   sing N N 88  
GLN C   O    doub N N 89  
GLN C   OXT  sing N N 90  
GLN CB  CG   sing N N 91  
GLN CB  HB2  sing N N 92  
GLN CB  HB3  sing N N 93  
GLN CG  CD   sing N N 94  
GLN CG  HG2  sing N N 95  
GLN CG  HG3  sing N N 96  
GLN CD  OE1  doub N N 97  
GLN CD  NE2  sing N N 98  
GLN NE2 HE21 sing N N 99  
GLN NE2 HE22 sing N N 100 
GLN OXT HXT  sing N N 101 
GLU N   CA   sing N N 102 
GLU N   H    sing N N 103 
GLU N   H2   sing N N 104 
GLU CA  C    sing N N 105 
GLU CA  CB   sing N N 106 
GLU CA  HA   sing N N 107 
GLU C   O    doub N N 108 
GLU C   OXT  sing N N 109 
GLU CB  CG   sing N N 110 
GLU CB  HB2  sing N N 111 
GLU CB  HB3  sing N N 112 
GLU CG  CD   sing N N 113 
GLU CG  HG2  sing N N 114 
GLU CG  HG3  sing N N 115 
GLU CD  OE1  doub N N 116 
GLU CD  OE2  sing N N 117 
GLU OE2 HE2  sing N N 118 
GLU OXT HXT  sing N N 119 
GLY N   CA   sing N N 120 
GLY N   H    sing N N 121 
GLY N   H2   sing N N 122 
GLY CA  C    sing N N 123 
GLY CA  HA2  sing N N 124 
GLY CA  HA3  sing N N 125 
GLY C   O    doub N N 126 
GLY C   OXT  sing N N 127 
GLY OXT HXT  sing N N 128 
HIS N   CA   sing N N 129 
HIS N   H    sing N N 130 
HIS N   H2   sing N N 131 
HIS CA  C    sing N N 132 
HIS CA  CB   sing N N 133 
HIS CA  HA   sing N N 134 
HIS C   O    doub N N 135 
HIS C   OXT  sing N N 136 
HIS CB  CG   sing N N 137 
HIS CB  HB2  sing N N 138 
HIS CB  HB3  sing N N 139 
HIS CG  ND1  sing Y N 140 
HIS CG  CD2  doub Y N 141 
HIS ND1 CE1  doub Y N 142 
HIS ND1 HD1  sing N N 143 
HIS CD2 NE2  sing Y N 144 
HIS CD2 HD2  sing N N 145 
HIS CE1 NE2  sing Y N 146 
HIS CE1 HE1  sing N N 147 
HIS NE2 HE2  sing N N 148 
HIS OXT HXT  sing N N 149 
HOH O   H1   sing N N 150 
HOH O   H2   sing N N 151 
ILE N   CA   sing N N 152 
ILE N   H    sing N N 153 
ILE N   H2   sing N N 154 
ILE CA  C    sing N N 155 
ILE CA  CB   sing N N 156 
ILE CA  HA   sing N N 157 
ILE C   O    doub N N 158 
ILE C   OXT  sing N N 159 
ILE CB  CG1  sing N N 160 
ILE CB  CG2  sing N N 161 
ILE CB  HB   sing N N 162 
ILE CG1 CD1  sing N N 163 
ILE CG1 HG12 sing N N 164 
ILE CG1 HG13 sing N N 165 
ILE CG2 HG21 sing N N 166 
ILE CG2 HG22 sing N N 167 
ILE CG2 HG23 sing N N 168 
ILE CD1 HD11 sing N N 169 
ILE CD1 HD12 sing N N 170 
ILE CD1 HD13 sing N N 171 
ILE OXT HXT  sing N N 172 
LEU N   CA   sing N N 173 
LEU N   H    sing N N 174 
LEU N   H2   sing N N 175 
LEU CA  C    sing N N 176 
LEU CA  CB   sing N N 177 
LEU CA  HA   sing N N 178 
LEU C   O    doub N N 179 
LEU C   OXT  sing N N 180 
LEU CB  CG   sing N N 181 
LEU CB  HB2  sing N N 182 
LEU CB  HB3  sing N N 183 
LEU CG  CD1  sing N N 184 
LEU CG  CD2  sing N N 185 
LEU CG  HG   sing N N 186 
LEU CD1 HD11 sing N N 187 
LEU CD1 HD12 sing N N 188 
LEU CD1 HD13 sing N N 189 
LEU CD2 HD21 sing N N 190 
LEU CD2 HD22 sing N N 191 
LEU CD2 HD23 sing N N 192 
LEU OXT HXT  sing N N 193 
LYS N   CA   sing N N 194 
LYS N   H    sing N N 195 
LYS N   H2   sing N N 196 
LYS CA  C    sing N N 197 
LYS CA  CB   sing N N 198 
LYS CA  HA   sing N N 199 
LYS C   O    doub N N 200 
LYS C   OXT  sing N N 201 
LYS CB  CG   sing N N 202 
LYS CB  HB2  sing N N 203 
LYS CB  HB3  sing N N 204 
LYS CG  CD   sing N N 205 
LYS CG  HG2  sing N N 206 
LYS CG  HG3  sing N N 207 
LYS CD  CE   sing N N 208 
LYS CD  HD2  sing N N 209 
LYS CD  HD3  sing N N 210 
LYS CE  NZ   sing N N 211 
LYS CE  HE2  sing N N 212 
LYS CE  HE3  sing N N 213 
LYS NZ  HZ1  sing N N 214 
LYS NZ  HZ2  sing N N 215 
LYS NZ  HZ3  sing N N 216 
LYS OXT HXT  sing N N 217 
MET N   CA   sing N N 218 
MET N   H    sing N N 219 
MET N   H2   sing N N 220 
MET CA  C    sing N N 221 
MET CA  CB   sing N N 222 
MET CA  HA   sing N N 223 
MET C   O    doub N N 224 
MET C   OXT  sing N N 225 
MET CB  CG   sing N N 226 
MET CB  HB2  sing N N 227 
MET CB  HB3  sing N N 228 
MET CG  SD   sing N N 229 
MET CG  HG2  sing N N 230 
MET CG  HG3  sing N N 231 
MET SD  CE   sing N N 232 
MET CE  HE1  sing N N 233 
MET CE  HE2  sing N N 234 
MET CE  HE3  sing N N 235 
MET OXT HXT  sing N N 236 
PHE N   CA   sing N N 237 
PHE N   H    sing N N 238 
PHE N   H2   sing N N 239 
PHE CA  C    sing N N 240 
PHE CA  CB   sing N N 241 
PHE CA  HA   sing N N 242 
PHE C   O    doub N N 243 
PHE C   OXT  sing N N 244 
PHE CB  CG   sing N N 245 
PHE CB  HB2  sing N N 246 
PHE CB  HB3  sing N N 247 
PHE CG  CD1  doub Y N 248 
PHE CG  CD2  sing Y N 249 
PHE CD1 CE1  sing Y N 250 
PHE CD1 HD1  sing N N 251 
PHE CD2 CE2  doub Y N 252 
PHE CD2 HD2  sing N N 253 
PHE CE1 CZ   doub Y N 254 
PHE CE1 HE1  sing N N 255 
PHE CE2 CZ   sing Y N 256 
PHE CE2 HE2  sing N N 257 
PHE CZ  HZ   sing N N 258 
PHE OXT HXT  sing N N 259 
PRO N   CA   sing N N 260 
PRO N   CD   sing N N 261 
PRO N   H    sing N N 262 
PRO CA  C    sing N N 263 
PRO CA  CB   sing N N 264 
PRO CA  HA   sing N N 265 
PRO C   O    doub N N 266 
PRO C   OXT  sing N N 267 
PRO CB  CG   sing N N 268 
PRO CB  HB2  sing N N 269 
PRO CB  HB3  sing N N 270 
PRO CG  CD   sing N N 271 
PRO CG  HG2  sing N N 272 
PRO CG  HG3  sing N N 273 
PRO CD  HD2  sing N N 274 
PRO CD  HD3  sing N N 275 
PRO OXT HXT  sing N N 276 
SER N   CA   sing N N 277 
SER N   H    sing N N 278 
SER N   H2   sing N N 279 
SER CA  C    sing N N 280 
SER CA  CB   sing N N 281 
SER CA  HA   sing N N 282 
SER C   O    doub N N 283 
SER C   OXT  sing N N 284 
SER CB  OG   sing N N 285 
SER CB  HB2  sing N N 286 
SER CB  HB3  sing N N 287 
SER OG  HG   sing N N 288 
SER OXT HXT  sing N N 289 
THR N   CA   sing N N 290 
THR N   H    sing N N 291 
THR N   H2   sing N N 292 
THR CA  C    sing N N 293 
THR CA  CB   sing N N 294 
THR CA  HA   sing N N 295 
THR C   O    doub N N 296 
THR C   OXT  sing N N 297 
THR CB  OG1  sing N N 298 
THR CB  CG2  sing N N 299 
THR CB  HB   sing N N 300 
THR OG1 HG1  sing N N 301 
THR CG2 HG21 sing N N 302 
THR CG2 HG22 sing N N 303 
THR CG2 HG23 sing N N 304 
THR OXT HXT  sing N N 305 
TLA O1  C1   doub N N 306 
TLA O11 C1   sing N N 307 
TLA O11 H11  sing N N 308 
TLA C1  C2   sing N N 309 
TLA C2  O2   sing N N 310 
TLA C2  C3   sing N N 311 
TLA C2  H2   sing N N 312 
TLA O2  HA   sing N N 313 
TLA C3  O3   sing N N 314 
TLA C3  C4   sing N N 315 
TLA C3  H3   sing N N 316 
TLA O3  HB   sing N N 317 
TLA C4  O4   doub N N 318 
TLA C4  O41  sing N N 319 
TLA O41 H41  sing N N 320 
TRP N   CA   sing N N 321 
TRP N   H    sing N N 322 
TRP N   H2   sing N N 323 
TRP CA  C    sing N N 324 
TRP CA  CB   sing N N 325 
TRP CA  HA   sing N N 326 
TRP C   O    doub N N 327 
TRP C   OXT  sing N N 328 
TRP CB  CG   sing N N 329 
TRP CB  HB2  sing N N 330 
TRP CB  HB3  sing N N 331 
TRP CG  CD1  doub Y N 332 
TRP CG  CD2  sing Y N 333 
TRP CD1 NE1  sing Y N 334 
TRP CD1 HD1  sing N N 335 
TRP CD2 CE2  doub Y N 336 
TRP CD2 CE3  sing Y N 337 
TRP NE1 CE2  sing Y N 338 
TRP NE1 HE1  sing N N 339 
TRP CE2 CZ2  sing Y N 340 
TRP CE3 CZ3  doub Y N 341 
TRP CE3 HE3  sing N N 342 
TRP CZ2 CH2  doub Y N 343 
TRP CZ2 HZ2  sing N N 344 
TRP CZ3 CH2  sing Y N 345 
TRP CZ3 HZ3  sing N N 346 
TRP CH2 HH2  sing N N 347 
TRP OXT HXT  sing N N 348 
TYR N   CA   sing N N 349 
TYR N   H    sing N N 350 
TYR N   H2   sing N N 351 
TYR CA  C    sing N N 352 
TYR CA  CB   sing N N 353 
TYR CA  HA   sing N N 354 
TYR C   O    doub N N 355 
TYR C   OXT  sing N N 356 
TYR CB  CG   sing N N 357 
TYR CB  HB2  sing N N 358 
TYR CB  HB3  sing N N 359 
TYR CG  CD1  doub Y N 360 
TYR CG  CD2  sing Y N 361 
TYR CD1 CE1  sing Y N 362 
TYR CD1 HD1  sing N N 363 
TYR CD2 CE2  doub Y N 364 
TYR CD2 HD2  sing N N 365 
TYR CE1 CZ   doub Y N 366 
TYR CE1 HE1  sing N N 367 
TYR CE2 CZ   sing Y N 368 
TYR CE2 HE2  sing N N 369 
TYR CZ  OH   sing N N 370 
TYR OH  HH   sing N N 371 
TYR OXT HXT  sing N N 372 
VAL N   CA   sing N N 373 
VAL N   H    sing N N 374 
VAL N   H2   sing N N 375 
VAL CA  C    sing N N 376 
VAL CA  CB   sing N N 377 
VAL CA  HA   sing N N 378 
VAL C   O    doub N N 379 
VAL C   OXT  sing N N 380 
VAL CB  CG1  sing N N 381 
VAL CB  CG2  sing N N 382 
VAL CB  HB   sing N N 383 
VAL CG1 HG11 sing N N 384 
VAL CG1 HG12 sing N N 385 
VAL CG1 HG13 sing N N 386 
VAL CG2 HG21 sing N N 387 
VAL CG2 HG22 sing N N 388 
VAL CG2 HG23 sing N N 389 
VAL OXT HXT  sing N N 390 
# 
_pdbx_initial_refinement_model.accession_code   2OR7 
_pdbx_initial_refinement_model.id               1 
_pdbx_initial_refinement_model.entity_id_list   ? 
_pdbx_initial_refinement_model.type             'experimental model' 
_pdbx_initial_refinement_model.source_name      PDB 
_pdbx_initial_refinement_model.details          'TIM-2 HOMOLOGOUS MODEL' 
# 
_atom_sites.entry_id                    3BIA 
_atom_sites.fract_transf_matrix[1][1]   -0.01568307 
_atom_sites.fract_transf_matrix[1][2]   0.00460021 
_atom_sites.fract_transf_matrix[1][3]   -0.00481583 
_atom_sites.fract_transf_matrix[2][1]   -0.01307784 
_atom_sites.fract_transf_matrix[2][2]   -0.01069122 
_atom_sites.fract_transf_matrix[2][3]   0.00223506 
_atom_sites.fract_transf_matrix[3][1]   -0.00126962 
_atom_sites.fract_transf_matrix[3][2]   0.00302061 
_atom_sites.fract_transf_matrix[3][3]   0.00701997 
_atom_sites.fract_transf_vector[1]      -0.330764 
_atom_sites.fract_transf_vector[2]      0.108560 
_atom_sites.fract_transf_vector[3]      0.087268 
# 
loop_
_atom_type.symbol 
C  
N  
NA 
O  
S  
# 
loop_
_atom_site.group_PDB 
_atom_site.id 
_atom_site.type_symbol 
_atom_site.label_atom_id 
_atom_site.label_alt_id 
_atom_site.label_comp_id 
_atom_site.label_asym_id 
_atom_site.label_entity_id 
_atom_site.label_seq_id 
_atom_site.pdbx_PDB_ins_code 
_atom_site.Cartn_x 
_atom_site.Cartn_y 
_atom_site.Cartn_z 
_atom_site.occupancy 
_atom_site.B_iso_or_equiv 
_atom_site.pdbx_formal_charge 
_atom_site.auth_seq_id 
_atom_site.auth_comp_id 
_atom_site.auth_asym_id 
_atom_site.auth_atom_id 
_atom_site.pdbx_PDB_model_num 
ATOM   1   N  N   . GLU A 1 3   ? -9.278  11.971  2.336   1.00 49.73 ? 3   GLU X N   1 
ATOM   2   C  CA  . GLU A 1 3   ? -8.521  11.011  1.478   1.00 49.56 ? 3   GLU X CA  1 
ATOM   3   C  C   . GLU A 1 3   ? -7.787  11.717  0.341   1.00 49.17 ? 3   GLU X C   1 
ATOM   4   O  O   . GLU A 1 3   ? -8.366  12.556  -0.358  1.00 49.22 ? 3   GLU X O   1 
ATOM   5   C  CB  . GLU A 1 3   ? -9.463  9.966   0.875   1.00 49.66 ? 3   GLU X CB  1 
ATOM   6   C  CG  . GLU A 1 3   ? -9.959  8.896   1.832   1.00 50.38 ? 3   GLU X CG  1 
ATOM   7   C  CD  . GLU A 1 3   ? -10.680 7.775   1.105   1.00 51.34 ? 3   GLU X CD  1 
ATOM   8   O  OE1 . GLU A 1 3   ? -10.231 7.402   -0.002  1.00 51.70 ? 3   GLU X OE1 1 
ATOM   9   O  OE2 . GLU A 1 3   ? -11.694 7.266   1.633   1.00 51.91 ? 3   GLU X OE2 1 
ATOM   10  N  N   . ASP A 1 4   ? -6.517  11.366  0.158   1.00 48.63 ? 4   ASP X N   1 
ATOM   11  C  CA  . ASP A 1 4   ? -5.765  11.785  -1.024  1.00 47.85 ? 4   ASP X CA  1 
ATOM   12  C  C   . ASP A 1 4   ? -6.214  10.952  -2.225  1.00 46.66 ? 4   ASP X C   1 
ATOM   13  O  O   . ASP A 1 4   ? -6.535  9.766   -2.078  1.00 46.50 ? 4   ASP X O   1 
ATOM   14  C  CB  . ASP A 1 4   ? -4.258  11.641  -0.791  1.00 48.29 ? 4   ASP X CB  1 
ATOM   15  C  CG  . ASP A 1 4   ? -3.723  12.642  0.228   1.00 49.66 ? 4   ASP X CG  1 
ATOM   16  O  OD1 . ASP A 1 4   ? -4.202  13.803  0.246   1.00 50.86 ? 4   ASP X OD1 1 
ATOM   17  O  OD2 . ASP A 1 4   ? -2.814  12.270  1.007   1.00 51.18 ? 4   ASP X OD2 1 
ATOM   18  N  N   . THR A 1 5   ? -6.257  11.584  -3.400  1.00 45.07 ? 5   THR X N   1 
ATOM   19  C  CA  . THR A 1 5   ? -6.700  10.920  -4.628  1.00 43.62 ? 5   THR X CA  1 
ATOM   20  C  C   . THR A 1 5   ? -5.584  10.837  -5.666  1.00 42.41 ? 5   THR X C   1 
ATOM   21  O  O   . THR A 1 5   ? -4.900  11.825  -5.949  1.00 42.19 ? 5   THR X O   1 
ATOM   22  C  CB  . THR A 1 5   ? -7.933  11.616  -5.247  1.00 43.57 ? 5   THR X CB  1 
ATOM   23  O  OG1 . THR A 1 5   ? -8.872  11.923  -4.214  1.00 44.55 ? 5   THR X OG1 1 
ATOM   24  C  CG2 . THR A 1 5   ? -8.606  10.719  -6.273  1.00 43.15 ? 5   THR X CG2 1 
ATOM   25  N  N   . ILE A 1 6   ? -5.409  9.642   -6.223  1.00 40.84 ? 6   ILE X N   1 
ATOM   26  C  CA  . ILE A 1 6   ? -4.441  9.420   -7.286  1.00 39.24 ? 6   ILE X CA  1 
ATOM   27  C  C   . ILE A 1 6   ? -5.178  9.160   -8.598  1.00 38.24 ? 6   ILE X C   1 
ATOM   28  O  O   . ILE A 1 6   ? -6.131  8.383   -8.643  1.00 37.74 ? 6   ILE X O   1 
ATOM   29  C  CB  . ILE A 1 6   ? -3.467  8.251   -6.941  1.00 39.27 ? 6   ILE X CB  1 
ATOM   30  C  CG1 . ILE A 1 6   ? -2.700  8.552   -5.642  1.00 38.70 ? 6   ILE X CG1 1 
ATOM   31  C  CG2 . ILE A 1 6   ? -2.518  7.942   -8.115  1.00 39.18 ? 6   ILE X CG2 1 
ATOM   32  C  CD1 . ILE A 1 6   ? -1.810  9.816   -5.674  1.00 37.72 ? 6   ILE X CD1 1 
ATOM   33  N  N   . ILE A 1 7   ? -4.733  9.841   -9.650  1.00 37.16 ? 7   ILE X N   1 
ATOM   34  C  CA  . ILE A 1 7   ? -5.268  9.656   -10.994 1.00 36.21 ? 7   ILE X CA  1 
ATOM   35  C  C   . ILE A 1 7   ? -4.218  8.966   -11.865 1.00 35.55 ? 7   ILE X C   1 
ATOM   36  O  O   . ILE A 1 7   ? -3.060  9.382   -11.903 1.00 35.37 ? 7   ILE X O   1 
ATOM   37  C  CB  . ILE A 1 7   ? -5.660  11.014  -11.659 1.00 36.27 ? 7   ILE X CB  1 
ATOM   38  C  CG1 . ILE A 1 7   ? -6.238  12.015  -10.635 1.00 36.62 ? 7   ILE X CG1 1 
ATOM   39  C  CG2 . ILE A 1 7   ? -6.584  10.788  -12.869 1.00 36.01 ? 7   ILE X CG2 1 
ATOM   40  C  CD1 . ILE A 1 7   ? -7.592  11.640  -10.034 1.00 36.77 ? 7   ILE X CD1 1 
ATOM   41  N  N   . GLY A 1 8   ? -4.630  7.910   -12.560 1.00 34.79 ? 8   GLY X N   1 
ATOM   42  C  CA  . GLY A 1 8   ? -3.756  7.223   -13.500 1.00 34.09 ? 8   GLY X CA  1 
ATOM   43  C  C   . GLY A 1 8   ? -4.466  6.856   -14.786 1.00 33.45 ? 8   GLY X C   1 
ATOM   44  O  O   . GLY A 1 8   ? -5.653  7.143   -14.950 1.00 33.50 ? 8   GLY X O   1 
ATOM   45  N  N   . PHE A 1 9   ? -3.731  6.219   -15.697 1.00 32.81 ? 9   PHE X N   1 
ATOM   46  C  CA  . PHE A 1 9   ? -4.283  5.766   -16.969 1.00 31.89 ? 9   PHE X CA  1 
ATOM   47  C  C   . PHE A 1 9   ? -4.508  4.263   -16.976 1.00 31.17 ? 9   PHE X C   1 
ATOM   48  O  O   . PHE A 1 9   ? -3.668  3.502   -16.491 1.00 30.87 ? 9   PHE X O   1 
ATOM   49  C  CB  . PHE A 1 9   ? -3.348  6.120   -18.137 1.00 32.15 ? 9   PHE X CB  1 
ATOM   50  C  CG  . PHE A 1 9   ? -3.343  7.574   -18.511 1.00 32.56 ? 9   PHE X CG  1 
ATOM   51  C  CD1 . PHE A 1 9   ? -4.517  8.220   -18.894 1.00 33.02 ? 9   PHE X CD1 1 
ATOM   52  C  CD2 . PHE A 1 9   ? -2.148  8.292   -18.526 1.00 33.17 ? 9   PHE X CD2 1 
ATOM   53  C  CE1 . PHE A 1 9   ? -4.510  9.569   -19.255 1.00 33.57 ? 9   PHE X CE1 1 
ATOM   54  C  CE2 . PHE A 1 9   ? -2.125  9.645   -18.893 1.00 33.41 ? 9   PHE X CE2 1 
ATOM   55  C  CZ  . PHE A 1 9   ? -3.307  10.282  -19.265 1.00 34.03 ? 9   PHE X CZ  1 
ATOM   56  N  N   . LEU A 1 10  ? -5.639  3.843   -17.544 1.00 30.29 ? 10  LEU X N   1 
ATOM   57  C  CA  . LEU A 1 10  ? -5.898  2.432   -17.836 1.00 29.59 ? 10  LEU X CA  1 
ATOM   58  C  C   . LEU A 1 10  ? -4.775  1.869   -18.704 1.00 28.86 ? 10  LEU X C   1 
ATOM   59  O  O   . LEU A 1 10  ? -4.335  2.523   -19.654 1.00 28.82 ? 10  LEU X O   1 
ATOM   60  C  CB  . LEU A 1 10  ? -7.242  2.279   -18.561 1.00 29.73 ? 10  LEU X CB  1 
ATOM   61  C  CG  . LEU A 1 10  ? -8.528  1.793   -17.868 1.00 30.37 ? 10  LEU X CG  1 
ATOM   62  C  CD1 . LEU A 1 10  ? -8.474  1.841   -16.346 1.00 31.17 ? 10  LEU X CD1 1 
ATOM   63  C  CD2 . LEU A 1 10  ? -9.742  2.557   -18.388 1.00 30.21 ? 10  LEU X CD2 1 
ATOM   64  N  N   . GLY A 1 11  ? -4.312  0.668   -18.369 1.00 27.90 ? 11  GLY X N   1 
ATOM   65  C  CA  . GLY A 1 11  ? -3.254  0.000   -19.128 1.00 27.09 ? 11  GLY X CA  1 
ATOM   66  C  C   . GLY A 1 11  ? -1.856  0.448   -18.745 1.00 26.27 ? 11  GLY X C   1 
ATOM   67  O  O   . GLY A 1 11  ? -0.870  -0.078  -19.256 1.00 26.38 ? 11  GLY X O   1 
ATOM   68  N  N   . GLN A 1 12  ? -1.780  1.435   -17.855 1.00 25.36 ? 12  GLN X N   1 
ATOM   69  C  CA  . GLN A 1 12  ? -0.514  1.943   -17.340 1.00 24.51 ? 12  GLN X CA  1 
ATOM   70  C  C   . GLN A 1 12  ? -0.428  1.652   -15.844 1.00 23.92 ? 12  GLN X C   1 
ATOM   71  O  O   . GLN A 1 12  ? -1.461  1.424   -15.208 1.00 23.98 ? 12  GLN X O   1 
ATOM   72  C  CB  . GLN A 1 12  ? -0.385  3.450   -17.611 1.00 24.27 ? 12  GLN X CB  1 
ATOM   73  C  CG  . GLN A 1 12  ? 0.096   3.792   -19.032 1.00 24.22 ? 12  GLN X CG  1 
ATOM   74  C  CD  . GLN A 1 12  ? 1.548   3.381   -19.269 1.00 23.15 ? 12  GLN X CD  1 
ATOM   75  O  OE1 . GLN A 1 12  ? 2.452   3.851   -18.586 1.00 21.64 ? 12  GLN X OE1 1 
ATOM   76  N  NE2 . GLN A 1 12  ? 1.769   2.492   -20.235 1.00 22.95 ? 12  GLN X NE2 1 
ATOM   77  N  N   . PRO A 1 13  ? 0.798   1.661   -15.274 1.00 23.11 ? 13  PRO X N   1 
ATOM   78  C  CA  . PRO A 1 13  ? 0.914   1.445   -13.834 1.00 22.26 ? 13  PRO X CA  1 
ATOM   79  C  C   . PRO A 1 13  ? 0.545   2.707   -13.052 1.00 21.72 ? 13  PRO X C   1 
ATOM   80  O  O   . PRO A 1 13  ? 0.529   3.809   -13.616 1.00 20.85 ? 13  PRO X O   1 
ATOM   81  C  CB  . PRO A 1 13  ? 2.405   1.141   -13.650 1.00 22.15 ? 13  PRO X CB  1 
ATOM   82  C  CG  . PRO A 1 13  ? 3.062   1.989   -14.725 1.00 22.65 ? 13  PRO X CG  1 
ATOM   83  C  CD  . PRO A 1 13  ? 2.120   1.895   -15.900 1.00 22.70 ? 13  PRO X CD  1 
ATOM   84  N  N   . VAL A 1 14  ? 0.252   2.537   -11.764 1.00 21.11 ? 14  VAL X N   1 
ATOM   85  C  CA  . VAL A 1 14  ? 0.084   3.670   -10.857 1.00 21.00 ? 14  VAL X CA  1 
ATOM   86  C  C   . VAL A 1 14  ? 0.919   3.461   -9.601  1.00 21.09 ? 14  VAL X C   1 
ATOM   87  O  O   . VAL A 1 14  ? 1.252   2.322   -9.253  1.00 21.13 ? 14  VAL X O   1 
ATOM   88  C  CB  . VAL A 1 14  ? -1.410  3.922   -10.463 1.00 21.10 ? 14  VAL X CB  1 
ATOM   89  C  CG1 . VAL A 1 14  ? -2.245  4.299   -11.688 1.00 19.81 ? 14  VAL X CG1 1 
ATOM   90  C  CG2 . VAL A 1 14  ? -2.003  2.714   -9.725  1.00 20.53 ? 14  VAL X CG2 1 
ATOM   91  N  N   . THR A 1 15  ? 1.258   4.562   -8.936  1.00 20.89 ? 15  THR X N   1 
ATOM   92  C  CA  . THR A 1 15  ? 1.851   4.498   -7.604  1.00 21.11 ? 15  THR X CA  1 
ATOM   93  C  C   . THR A 1 15  ? 0.960   5.213   -6.577  1.00 21.22 ? 15  THR X C   1 
ATOM   94  O  O   . THR A 1 15  ? 0.684   6.419   -6.690  1.00 21.11 ? 15  THR X O   1 
ATOM   95  C  CB  . THR A 1 15  ? 3.305   5.041   -7.567  1.00 20.90 ? 15  THR X CB  1 
ATOM   96  O  OG1 . THR A 1 15  ? 4.137   4.246   -8.422  1.00 21.26 ? 15  THR X OG1 1 
ATOM   97  C  CG2 . THR A 1 15  ? 3.872   4.972   -6.161  1.00 20.91 ? 15  THR X CG2 1 
ATOM   98  N  N   . LEU A 1 16  ? 0.503   4.443   -5.596  1.00 21.13 ? 16  LEU X N   1 
ATOM   99  C  CA  . LEU A 1 16  ? -0.243  4.978   -4.459  1.00 21.35 ? 16  LEU X CA  1 
ATOM   100 C  C   . LEU A 1 16  ? 0.743   5.317   -3.356  1.00 21.43 ? 16  LEU X C   1 
ATOM   101 O  O   . LEU A 1 16  ? 1.469   4.436   -2.889  1.00 21.65 ? 16  LEU X O   1 
ATOM   102 C  CB  . LEU A 1 16  ? -1.288  3.969   -3.962  1.00 20.95 ? 16  LEU X CB  1 
ATOM   103 C  CG  . LEU A 1 16  ? -2.240  3.364   -4.999  1.00 20.64 ? 16  LEU X CG  1 
ATOM   104 C  CD1 . LEU A 1 16  ? -3.301  2.526   -4.308  1.00 20.75 ? 16  LEU X CD1 1 
ATOM   105 C  CD2 . LEU A 1 16  ? -2.886  4.429   -5.882  1.00 19.87 ? 16  LEU X CD2 1 
ATOM   106 N  N   . PRO A 1 17  ? 0.765   6.591   -2.928  1.00 21.76 ? 17  PRO X N   1 
ATOM   107 C  CA  . PRO A 1 17  ? 1.799   7.067   -2.020  1.00 22.14 ? 17  PRO X CA  1 
ATOM   108 C  C   . PRO A 1 17  ? 1.571   6.693   -0.557  1.00 22.51 ? 17  PRO X C   1 
ATOM   109 O  O   . PRO A 1 17  ? 0.449   6.776   -0.050  1.00 22.72 ? 17  PRO X O   1 
ATOM   110 C  CB  . PRO A 1 17  ? 1.781   8.591   -2.220  1.00 22.25 ? 17  PRO X CB  1 
ATOM   111 C  CG  . PRO A 1 17  ? 0.394   8.908   -2.710  1.00 22.20 ? 17  PRO X CG  1 
ATOM   112 C  CD  . PRO A 1 17  ? -0.203  7.647   -3.283  1.00 21.88 ? 17  PRO X CD  1 
ATOM   113 N  N   . CYS A 1 18  ? 2.643   6.258   0.091   1.00 23.03 ? 18  CYS X N   1 
ATOM   114 C  CA  . CYS A 1 18  ? 2.659   5.970   1.519   1.00 23.66 ? 18  CYS X CA  1 
ATOM   115 C  C   . CYS A 1 18  ? 4.103   5.915   1.973   1.00 24.37 ? 18  CYS X C   1 
ATOM   116 O  O   . CYS A 1 18  ? 4.931   5.260   1.346   1.00 24.51 ? 18  CYS X O   1 
ATOM   117 C  CB  . CYS A 1 18  ? 1.965   4.636   1.846   1.00 23.26 ? 18  CYS X CB  1 
ATOM   118 S  SG  . CYS A 1 18  ? 1.485   4.452   3.599   1.00 21.76 ? 18  CYS X SG  1 
ATOM   119 N  N   . HIS A 1 19  ? 4.398   6.614   3.059   1.00 25.40 ? 19  HIS X N   1 
ATOM   120 C  CA  . HIS A 1 19  ? 5.727   6.584   3.646   1.00 26.42 ? 19  HIS X CA  1 
ATOM   121 C  C   . HIS A 1 19  ? 5.685   6.821   5.154   1.00 26.21 ? 19  HIS X C   1 
ATOM   122 O  O   . HIS A 1 19  ? 4.801   7.508   5.673   1.00 26.07 ? 19  HIS X O   1 
ATOM   123 C  CB  . HIS A 1 19  ? 6.675   7.575   2.950   1.00 26.99 ? 19  HIS X CB  1 
ATOM   124 C  CG  . HIS A 1 19  ? 6.354   9.012   3.217   1.00 29.75 ? 19  HIS X CG  1 
ATOM   125 N  ND1 . HIS A 1 19  ? 6.894   9.711   4.276   1.00 32.82 ? 19  HIS X ND1 1 
ATOM   126 C  CD2 . HIS A 1 19  ? 5.558   9.885   2.557   1.00 32.05 ? 19  HIS X CD2 1 
ATOM   127 C  CE1 . HIS A 1 19  ? 6.437   10.951  4.259   1.00 33.54 ? 19  HIS X CE1 1 
ATOM   128 N  NE2 . HIS A 1 19  ? 5.622   11.082  3.228   1.00 33.52 ? 19  HIS X NE2 1 
ATOM   129 N  N   . TYR A 1 20  ? 6.650   6.232   5.842   1.00 26.30 ? 20  TYR X N   1 
ATOM   130 C  CA  . TYR A 1 20  ? 6.757   6.348   7.277   1.00 26.92 ? 20  TYR X CA  1 
ATOM   131 C  C   . TYR A 1 20  ? 8.189   6.728   7.618   1.00 27.69 ? 20  TYR X C   1 
ATOM   132 O  O   . TYR A 1 20  ? 9.098   5.893   7.575   1.00 27.61 ? 20  TYR X O   1 
ATOM   133 C  CB  . TYR A 1 20  ? 6.352   5.029   7.935   1.00 26.43 ? 20  TYR X CB  1 
ATOM   134 C  CG  . TYR A 1 20  ? 6.228   5.075   9.431   1.00 25.45 ? 20  TYR X CG  1 
ATOM   135 C  CD1 . TYR A 1 20  ? 5.191   5.785   10.054  1.00 25.52 ? 20  TYR X CD1 1 
ATOM   136 C  CD2 . TYR A 1 20  ? 7.130   4.386   10.232  1.00 24.62 ? 20  TYR X CD2 1 
ATOM   137 C  CE1 . TYR A 1 20  ? 5.071   5.808   11.444  1.00 24.83 ? 20  TYR X CE1 1 
ATOM   138 C  CE2 . TYR A 1 20  ? 7.026   4.410   11.610  1.00 24.63 ? 20  TYR X CE2 1 
ATOM   139 C  CZ  . TYR A 1 20  ? 5.997   5.118   12.212  1.00 24.21 ? 20  TYR X CZ  1 
ATOM   140 O  OH  . TYR A 1 20  ? 5.911   5.120   13.587  1.00 25.27 ? 20  TYR X OH  1 
ATOM   141 N  N   . LEU A 1 21  ? 8.374   8.002   7.949   1.00 28.89 ? 21  LEU X N   1 
ATOM   142 C  CA  . LEU A 1 21  ? 9.703   8.571   8.185   1.00 29.98 ? 21  LEU X CA  1 
ATOM   143 C  C   . LEU A 1 21  ? 10.526  7.873   9.276   1.00 30.04 ? 21  LEU X C   1 
ATOM   144 O  O   . LEU A 1 21  ? 11.709  7.593   9.077   1.00 30.63 ? 21  LEU X O   1 
ATOM   145 C  CB  . LEU A 1 21  ? 9.598   10.081  8.431   1.00 30.49 ? 21  LEU X CB  1 
ATOM   146 C  CG  . LEU A 1 21  ? 9.951   11.026  7.266   1.00 31.53 ? 21  LEU X CG  1 
ATOM   147 C  CD1 . LEU A 1 21  ? 9.848   10.376  5.881   1.00 33.73 ? 21  LEU X CD1 1 
ATOM   148 C  CD2 . LEU A 1 21  ? 9.126   12.313  7.331   1.00 33.45 ? 21  LEU X CD2 1 
ATOM   149 N  N   . SER A 1 22  ? 9.902   7.559   10.405  1.00 30.09 ? 22  SER X N   1 
ATOM   150 C  CA  . SER A 1 22  ? 10.622  6.934   11.520  1.00 29.98 ? 22  SER X CA  1 
ATOM   151 C  C   . SER A 1 22  ? 10.734  5.400   11.433  1.00 29.56 ? 22  SER X C   1 
ATOM   152 O  O   . SER A 1 22  ? 10.988  4.733   12.442  1.00 29.88 ? 22  SER X O   1 
ATOM   153 C  CB  . SER A 1 22  ? 9.990   7.353   12.854  1.00 30.37 ? 22  SER X CB  1 
ATOM   154 O  OG  . SER A 1 22  ? 8.586   7.182   12.823  1.00 31.64 ? 22  SER X OG  1 
ATOM   155 N  N   . TRP A 1 23  ? 10.574  4.849   10.228  1.00 28.62 ? 23  TRP X N   1 
ATOM   156 C  CA  . TRP A 1 23  ? 10.582  3.399   10.025  1.00 27.70 ? 23  TRP X CA  1 
ATOM   157 C  C   . TRP A 1 23  ? 11.754  2.721   10.728  1.00 27.57 ? 23  TRP X C   1 
ATOM   158 O  O   . TRP A 1 23  ? 12.895  3.176   10.643  1.00 27.35 ? 23  TRP X O   1 
ATOM   159 C  CB  . TRP A 1 23  ? 10.602  3.057   8.528   1.00 26.88 ? 23  TRP X CB  1 
ATOM   160 C  CG  . TRP A 1 23  ? 10.460  1.588   8.234   1.00 26.45 ? 23  TRP X CG  1 
ATOM   161 C  CD1 . TRP A 1 23  ? 11.452  0.639   8.271   1.00 25.09 ? 23  TRP X CD1 1 
ATOM   162 C  CD2 . TRP A 1 23  ? 9.258   0.895   7.854   1.00 25.32 ? 23  TRP X CD2 1 
ATOM   163 N  NE1 . TRP A 1 23  ? 10.938  -0.594  7.947   1.00 24.58 ? 23  TRP X NE1 1 
ATOM   164 C  CE2 . TRP A 1 23  ? 9.598   -0.467  7.682   1.00 24.98 ? 23  TRP X CE2 1 
ATOM   165 C  CE3 . TRP A 1 23  ? 7.929   1.295   7.640   1.00 25.00 ? 23  TRP X CE3 1 
ATOM   166 C  CZ2 . TRP A 1 23  ? 8.654   -1.437  7.304   1.00 25.51 ? 23  TRP X CZ2 1 
ATOM   167 C  CZ3 . TRP A 1 23  ? 6.988   0.330   7.269   1.00 25.18 ? 23  TRP X CZ3 1 
ATOM   168 C  CH2 . TRP A 1 23  ? 7.360   -1.021  7.101   1.00 24.88 ? 23  TRP X CH2 1 
ATOM   169 N  N   . SER A 1 24  ? 11.450  1.624   11.413  1.00 27.30 ? 24  SER X N   1 
ATOM   170 C  CA  . SER A 1 24  ? 12.454  0.812   12.081  1.00 27.19 ? 24  SER X CA  1 
ATOM   171 C  C   . SER A 1 24  ? 12.374  -0.613  11.554  1.00 27.34 ? 24  SER X C   1 
ATOM   172 O  O   . SER A 1 24  ? 11.289  -1.205  11.498  1.00 27.46 ? 24  SER X O   1 
ATOM   173 C  CB  . SER A 1 24  ? 12.230  0.843   13.597  1.00 27.07 ? 24  SER X CB  1 
ATOM   174 O  OG  . SER A 1 24  ? 12.930  -0.202  14.244  1.00 26.43 ? 24  SER X OG  1 
ATOM   175 N  N   . GLN A 1 25  ? 13.525  -1.158  11.175  1.00 27.28 ? 25  GLN X N   1 
ATOM   176 C  CA  . GLN A 1 25  ? 13.605  -2.507  10.601  1.00 27.51 ? 25  GLN X CA  1 
ATOM   177 C  C   . GLN A 1 25  ? 13.286  -3.593  11.615  1.00 27.26 ? 25  GLN X C   1 
ATOM   178 O  O   . GLN A 1 25  ? 12.832  -4.678  11.247  1.00 27.46 ? 25  GLN X O   1 
ATOM   179 C  CB  . GLN A 1 25  ? 14.991  -2.758  9.998   1.00 27.46 ? 25  GLN X CB  1 
ATOM   180 C  CG  . GLN A 1 25  ? 15.330  -1.830  8.838   1.00 28.57 ? 25  GLN X CG  1 
ATOM   181 C  CD  . GLN A 1 25  ? 16.714  -2.089  8.255   1.00 30.35 ? 25  GLN X CD  1 
ATOM   182 O  OE1 . GLN A 1 25  ? 17.571  -1.203  8.260   1.00 31.36 ? 25  GLN X OE1 1 
ATOM   183 N  NE2 . GLN A 1 25  ? 16.936  -3.302  7.747   1.00 28.68 ? 25  GLN X NE2 1 
ATOM   184 N  N   . SER A 1 26  ? 13.531  -3.299  12.889  1.00 26.82 ? 26  SER X N   1 
ATOM   185 C  CA  . SER A 1 26  ? 13.283  -4.258  13.963  1.00 26.73 ? 26  SER X CA  1 
ATOM   186 C  C   . SER A 1 26  ? 11.872  -4.135  14.544  1.00 26.28 ? 26  SER X C   1 
ATOM   187 O  O   . SER A 1 26  ? 11.394  -5.047  15.217  1.00 26.28 ? 26  SER X O   1 
ATOM   188 C  CB  . SER A 1 26  ? 14.320  -4.088  15.082  1.00 26.57 ? 26  SER X CB  1 
ATOM   189 O  OG  . SER A 1 26  ? 14.280  -2.765  15.586  1.00 27.15 ? 26  SER X OG  1 
ATOM   190 N  N   . ARG A 1 27  ? 11.214  -3.007  14.292  1.00 25.84 ? 27  ARG X N   1 
ATOM   191 C  CA  . ARG A 1 27  ? 9.934   -2.717  14.953  1.00 25.79 ? 27  ARG X CA  1 
ATOM   192 C  C   . ARG A 1 27  ? 8.743   -2.667  14.008  1.00 24.89 ? 27  ARG X C   1 
ATOM   193 O  O   . ARG A 1 27  ? 7.644   -3.087  14.379  1.00 25.01 ? 27  ARG X O   1 
ATOM   194 C  CB  . ARG A 1 27  ? 10.019  -1.405  15.749  1.00 26.03 ? 27  ARG X CB  1 
ATOM   195 C  CG  . ARG A 1 27  ? 10.997  -1.473  16.927  1.00 28.17 ? 27  ARG X CG  1 
ATOM   196 C  CD  . ARG A 1 27  ? 10.875  -0.268  17.852  1.00 31.61 ? 27  ARG X CD  1 
ATOM   197 N  NE  . ARG A 1 27  ? 11.364  0.972   17.245  1.00 35.11 ? 27  ARG X NE  1 
ATOM   198 C  CZ  . ARG A 1 27  ? 12.640  1.364   17.232  1.00 37.37 ? 27  ARG X CZ  1 
ATOM   199 N  NH1 . ARG A 1 27  ? 13.587  0.609   17.783  1.00 37.90 ? 27  ARG X NH1 1 
ATOM   200 N  NH2 . ARG A 1 27  ? 12.977  2.515   16.659  1.00 37.52 ? 27  ARG X NH2 1 
ATOM   201 N  N   . ASN A 1 28  ? 8.961   -2.148  12.800  1.00 23.63 ? 28  ASN X N   1 
ATOM   202 C  CA  . ASN A 1 28  ? 7.870   -1.891  11.867  1.00 22.75 ? 28  ASN X CA  1 
ATOM   203 C  C   . ASN A 1 28  ? 7.638   -2.951  10.799  1.00 21.98 ? 28  ASN X C   1 
ATOM   204 O  O   . ASN A 1 28  ? 8.546   -3.710  10.427  1.00 21.79 ? 28  ASN X O   1 
ATOM   205 C  CB  . ASN A 1 28  ? 8.027   -0.521  11.200  1.00 22.86 ? 28  ASN X CB  1 
ATOM   206 C  CG  . ASN A 1 28  ? 7.937   0.621   12.189  1.00 23.24 ? 28  ASN X CG  1 
ATOM   207 O  OD1 . ASN A 1 28  ? 8.888   1.374   12.354  1.00 23.99 ? 28  ASN X OD1 1 
ATOM   208 N  ND2 . ASN A 1 28  ? 6.795   0.747   12.858  1.00 23.13 ? 28  ASN X ND2 1 
ATOM   209 N  N   . SER A 1 29  ? 6.395   -2.983  10.330  1.00 20.66 ? 29  SER X N   1 
ATOM   210 C  CA  . SER A 1 29  ? 5.972   -3.787  9.197   1.00 19.86 ? 29  SER X CA  1 
ATOM   211 C  C   . SER A 1 29  ? 4.800   -3.037  8.577   1.00 19.06 ? 29  SER X C   1 
ATOM   212 O  O   . SER A 1 29  ? 4.301   -2.080  9.171   1.00 18.82 ? 29  SER X O   1 
ATOM   213 C  CB  . SER A 1 29  ? 5.568   -5.199  9.644   1.00 19.60 ? 29  SER X CB  1 
ATOM   214 O  OG  . SER A 1 29  ? 4.619   -5.175  10.698  1.00 20.50 ? 29  SER X OG  1 
ATOM   215 N  N   . MET A 1 30  ? 4.388   -3.422  7.375   1.00 17.85 ? 30  MET X N   1 
ATOM   216 C  CA  . MET A 1 30  ? 3.256   -2.755  6.736   1.00 17.17 ? 30  MET X CA  1 
ATOM   217 C  C   . MET A 1 30  ? 2.504   -3.664  5.774   1.00 16.47 ? 30  MET X C   1 
ATOM   218 O  O   . MET A 1 30  ? 3.026   -4.698  5.346   1.00 16.11 ? 30  MET X O   1 
ATOM   219 C  CB  . MET A 1 30  ? 3.693   -1.437  6.055   1.00 17.13 ? 30  MET X CB  1 
ATOM   220 C  CG  . MET A 1 30  ? 4.444   -1.582  4.715   1.00 18.10 ? 30  MET X CG  1 
ATOM   221 S  SD  . MET A 1 30  ? 3.345   -1.818  3.295   1.00 18.13 ? 30  MET X SD  1 
ATOM   222 C  CE  . MET A 1 30  ? 2.365   -0.332  3.379   1.00 17.66 ? 30  MET X CE  1 
ATOM   223 N  N   . CYS A 1 31  ? 1.268   -3.281  5.462   1.00 15.76 ? 31  CYS X N   1 
ATOM   224 C  CA  . CYS A 1 31  ? 0.495   -3.944  4.418   1.00 15.75 ? 31  CYS X CA  1 
ATOM   225 C  C   . CYS A 1 31  ? -0.303  -2.950  3.581   1.00 15.50 ? 31  CYS X C   1 
ATOM   226 O  O   . CYS A 1 31  ? -0.607  -1.842  4.025   1.00 15.27 ? 31  CYS X O   1 
ATOM   227 C  CB  . CYS A 1 31  ? -0.436  -5.027  4.989   1.00 15.61 ? 31  CYS X CB  1 
ATOM   228 S  SG  . CYS A 1 31  ? -1.675  -4.435  6.177   1.00 15.98 ? 31  CYS X SG  1 
ATOM   229 N  N   . TRP A 1 32  ? -0.619  -3.374  2.361   1.00 15.27 ? 32  TRP X N   1 
ATOM   230 C  CA  . TRP A 1 32  ? -1.610  -2.724  1.522   1.00 15.27 ? 32  TRP X CA  1 
ATOM   231 C  C   . TRP A 1 32  ? -2.780  -3.674  1.360   1.00 15.39 ? 32  TRP X C   1 
ATOM   232 O  O   . TRP A 1 32  ? -2.595  -4.879  1.159   1.00 14.88 ? 32  TRP X O   1 
ATOM   233 C  CB  . TRP A 1 32  ? -1.046  -2.393  0.130   1.00 15.16 ? 32  TRP X CB  1 
ATOM   234 C  CG  . TRP A 1 32  ? -0.232  -1.139  0.074   1.00 14.86 ? 32  TRP X CG  1 
ATOM   235 C  CD1 . TRP A 1 32  ? 1.117   -1.042  0.199   1.00 15.12 ? 32  TRP X CD1 1 
ATOM   236 C  CD2 . TRP A 1 32  ? -0.716  0.194   -0.132  1.00 14.90 ? 32  TRP X CD2 1 
ATOM   237 N  NE1 . TRP A 1 32  ? 1.509   0.270   0.096   1.00 15.30 ? 32  TRP X NE1 1 
ATOM   238 C  CE2 . TRP A 1 32  ? 0.401   1.051   -0.105  1.00 15.00 ? 32  TRP X CE2 1 
ATOM   239 C  CE3 . TRP A 1 32  ? -1.988  0.749   -0.341  1.00 15.76 ? 32  TRP X CE3 1 
ATOM   240 C  CZ2 . TRP A 1 32  ? 0.292   2.434   -0.288  1.00 14.68 ? 32  TRP X CZ2 1 
ATOM   241 C  CZ3 . TRP A 1 32  ? -2.096  2.127   -0.514  1.00 15.16 ? 32  TRP X CZ3 1 
ATOM   242 C  CH2 . TRP A 1 32  ? -0.961  2.951   -0.488  1.00 15.06 ? 32  TRP X CH2 1 
ATOM   243 N  N   . GLY A 1 33  ? -3.986  -3.130  1.423   1.00 16.03 ? 33  GLY X N   1 
ATOM   244 C  CA  . GLY A 1 33  ? -5.176  -3.902  1.092   1.00 17.16 ? 33  GLY X CA  1 
ATOM   245 C  C   . GLY A 1 33  ? -6.195  -3.099  0.313   1.00 18.11 ? 33  GLY X C   1 
ATOM   246 O  O   . GLY A 1 33  ? -6.040  -1.885  0.132   1.00 17.90 ? 33  GLY X O   1 
ATOM   247 N  N   . LYS A 1 34  ? -7.237  -3.783  -0.150  1.00 19.12 ? 34  LYS X N   1 
ATOM   248 C  CA  . LYS A 1 34  ? -8.369  -3.128  -0.797  1.00 20.63 ? 34  LYS X CA  1 
ATOM   249 C  C   . LYS A 1 34  ? -9.413  -2.733  0.243   1.00 21.19 ? 34  LYS X C   1 
ATOM   250 O  O   . LYS A 1 34  ? -9.660  -3.472  1.203   1.00 21.46 ? 34  LYS X O   1 
ATOM   251 C  CB  . LYS A 1 34  ? -9.008  -4.030  -1.855  1.00 20.71 ? 34  LYS X CB  1 
ATOM   252 C  CG  . LYS A 1 34  ? -8.107  -4.356  -3.032  1.00 22.41 ? 34  LYS X CG  1 
ATOM   253 C  CD  . LYS A 1 34  ? -8.911  -4.908  -4.200  1.00 25.47 ? 34  LYS X CD  1 
ATOM   254 C  CE  . LYS A 1 34  ? -8.160  -4.735  -5.530  1.00 26.54 ? 34  LYS X CE  1 
ATOM   255 N  NZ  . LYS A 1 34  ? -9.104  -4.665  -6.700  1.00 26.73 ? 34  LYS X NZ  1 
ATOM   256 N  N   . GLY A 1 35  ? -10.019 -1.567  0.036   1.00 21.42 ? 35  GLY X N   1 
ATOM   257 C  CA  . GLY A 1 35  ? -11.015 -1.030  0.948   1.00 21.90 ? 35  GLY X CA  1 
ATOM   258 C  C   . GLY A 1 35  ? -10.387 -0.275  2.100   1.00 22.01 ? 35  GLY X C   1 
ATOM   259 O  O   . GLY A 1 35  ? -9.170  -0.314  2.299   1.00 22.58 ? 35  GLY X O   1 
ATOM   260 N  N   . SER A 1 36  ? -11.228 0.410   2.866   1.00 21.92 ? 36  SER X N   1 
ATOM   261 C  CA  . SER A 1 36  ? -10.792 1.194   4.024   1.00 21.66 ? 36  SER X CA  1 
ATOM   262 C  C   . SER A 1 36  ? -10.037 0.355   5.042   1.00 20.63 ? 36  SER X C   1 
ATOM   263 O  O   . SER A 1 36  ? -10.346 -0.824  5.222   1.00 20.48 ? 36  SER X O   1 
ATOM   264 C  CB  . SER A 1 36  ? -12.005 1.820   4.709   1.00 21.86 ? 36  SER X CB  1 
ATOM   265 O  OG  . SER A 1 36  ? -12.517 2.860   3.905   1.00 25.70 ? 36  SER X OG  1 
ATOM   266 N  N   . CYS A 1 37  ? -9.064  0.967   5.714   1.00 19.47 ? 37  CYS X N   1 
ATOM   267 C  CA  . CYS A 1 37  ? -8.310  0.270   6.752   1.00 19.08 ? 37  CYS X CA  1 
ATOM   268 C  C   . CYS A 1 37  ? -9.254  -0.202  7.862   1.00 18.09 ? 37  CYS X C   1 
ATOM   269 O  O   . CYS A 1 37  ? -10.010 0.598   8.419   1.00 17.79 ? 37  CYS X O   1 
ATOM   270 C  CB  . CYS A 1 37  ? -7.196  1.149   7.317   1.00 18.94 ? 37  CYS X CB  1 
ATOM   271 S  SG  . CYS A 1 37  ? -5.849  1.557   6.158   1.00 20.64 ? 37  CYS X SG  1 
ATOM   272 N  N   . PRO A 1 38  ? -9.233  -1.515  8.156   1.00 17.77 ? 38  PRO X N   1 
ATOM   273 C  CA  . PRO A 1 38  ? -10.092 -2.118  9.179   1.00 17.35 ? 38  PRO X CA  1 
ATOM   274 C  C   . PRO A 1 38  ? -9.502  -1.996  10.591  1.00 17.11 ? 38  PRO X C   1 
ATOM   275 O  O   . PRO A 1 38  ? -8.494  -1.313  10.776  1.00 17.04 ? 38  PRO X O   1 
ATOM   276 C  CB  . PRO A 1 38  ? -10.149 -3.578  8.740   1.00 17.50 ? 38  PRO X CB  1 
ATOM   277 C  CG  . PRO A 1 38  ? -8.797  -3.827  8.138   1.00 16.92 ? 38  PRO X CG  1 
ATOM   278 C  CD  . PRO A 1 38  ? -8.385  -2.527  7.490   1.00 17.60 ? 38  PRO X CD  1 
ATOM   279 N  N   . ASN A 1 39  ? -10.132 -2.662  11.565  1.00 16.98 ? 39  ASN X N   1 
ATOM   280 C  CA  . ASN A 1 39  ? -9.687  -2.673  12.969  1.00 16.64 ? 39  ASN X CA  1 
ATOM   281 C  C   . ASN A 1 39  ? -8.215  -3.080  13.135  1.00 16.80 ? 39  ASN X C   1 
ATOM   282 O  O   . ASN A 1 39  ? -7.478  -2.473  13.925  1.00 16.40 ? 39  ASN X O   1 
ATOM   283 C  CB  . ASN A 1 39  ? -10.571 -3.615  13.809  1.00 16.25 ? 39  ASN X CB  1 
ATOM   284 C  CG  . ASN A 1 39  ? -11.954 -3.029  14.137  1.00 15.91 ? 39  ASN X CG  1 
ATOM   285 O  OD1 . ASN A 1 39  ? -12.816 -3.737  14.673  1.00 17.20 ? 39  ASN X OD1 1 
ATOM   286 N  ND2 . ASN A 1 39  ? -12.167 -1.761  13.831  1.00 12.62 ? 39  ASN X ND2 1 
ATOM   287 N  N   . SER A 1 40  ? -7.810  -4.121  12.403  1.00 16.62 ? 40  SER X N   1 
ATOM   288 C  CA  . SER A 1 40  ? -6.419  -4.601  12.389  1.00 17.15 ? 40  SER X CA  1 
ATOM   289 C  C   . SER A 1 40  ? -6.042  -5.139  11.018  1.00 16.96 ? 40  SER X C   1 
ATOM   290 O  O   . SER A 1 40  ? -6.911  -5.580  10.264  1.00 16.52 ? 40  SER X O   1 
ATOM   291 C  CB  . SER A 1 40  ? -6.196  -5.689  13.438  1.00 17.03 ? 40  SER X CB  1 
ATOM   292 O  OG  . SER A 1 40  ? -6.887  -6.873  13.089  1.00 20.05 ? 40  SER X OG  1 
ATOM   293 N  N   . LYS A 1 41  ? -4.745  -5.094  10.704  1.00 17.08 ? 41  LYS X N   1 
ATOM   294 C  CA  . LYS A 1 41  ? -4.213  -5.599  9.434   1.00 17.62 ? 41  LYS X CA  1 
ATOM   295 C  C   . LYS A 1 41  ? -4.862  -4.943  8.219   1.00 17.38 ? 41  LYS X C   1 
ATOM   296 O  O   . LYS A 1 41  ? -5.392  -3.834  8.310   1.00 17.46 ? 41  LYS X O   1 
ATOM   297 C  CB  . LYS A 1 41  ? -4.335  -7.130  9.350   1.00 17.99 ? 41  LYS X CB  1 
ATOM   298 C  CG  . LYS A 1 41  ? -3.815  -7.859  10.577  1.00 19.90 ? 41  LYS X CG  1 
ATOM   299 C  CD  . LYS A 1 41  ? -3.473  -9.301  10.257  1.00 23.09 ? 41  LYS X CD  1 
ATOM   300 C  CE  . LYS A 1 41  ? -3.041  -10.062 11.513  1.00 23.99 ? 41  LYS X CE  1 
ATOM   301 N  NZ  . LYS A 1 41  ? -4.256  -10.394 12.323  1.00 26.56 ? 41  LYS X NZ  1 
ATOM   302 N  N   . CYS A 1 42  ? -4.819  -5.646  7.087   1.00 17.28 ? 42  CYS X N   1 
ATOM   303 C  CA  . CYS A 1 42  ? -5.426  -5.191  5.844   1.00 16.99 ? 42  CYS X CA  1 
ATOM   304 C  C   . CYS A 1 42  ? -6.439  -6.216  5.353   1.00 16.85 ? 42  CYS X C   1 
ATOM   305 O  O   . CYS A 1 42  ? -6.150  -7.424  5.321   1.00 16.65 ? 42  CYS X O   1 
ATOM   306 C  CB  . CYS A 1 42  ? -4.345  -4.987  4.762   1.00 17.03 ? 42  CYS X CB  1 
ATOM   307 S  SG  . CYS A 1 42  ? -3.181  -3.621  5.072   1.00 17.00 ? 42  CYS X SG  1 
ATOM   308 N  N   . ASN A 1 43  ? -7.627  -5.735  4.980   1.00 16.39 ? 43  ASN X N   1 
ATOM   309 C  CA  . ASN A 1 43  ? -8.603  -6.563  4.275   1.00 16.27 ? 43  ASN X CA  1 
ATOM   310 C  C   . ASN A 1 43  ? -8.125  -6.752  2.843   1.00 16.18 ? 43  ASN X C   1 
ATOM   311 O  O   . ASN A 1 43  ? -7.450  -5.876  2.301   1.00 15.98 ? 43  ASN X O   1 
ATOM   312 C  CB  . ASN A 1 43  ? -9.982  -5.900  4.263   1.00 15.91 ? 43  ASN X CB  1 
ATOM   313 C  CG  . ASN A 1 43  ? -10.640 -5.864  5.638   1.00 15.92 ? 43  ASN X CG  1 
ATOM   314 O  OD1 . ASN A 1 43  ? -10.337 -6.675  6.516   1.00 15.21 ? 43  ASN X OD1 1 
ATOM   315 N  ND2 . ASN A 1 43  ? -11.558 -4.917  5.824   1.00 14.71 ? 43  ASN X ND2 1 
ATOM   316 N  N   . ALA A 1 44  ? -8.480  -7.885  2.237   1.00 16.12 ? 44  ALA X N   1 
ATOM   317 C  CA  . ALA A 1 44  ? -8.120  -8.179  0.845   1.00 16.14 ? 44  ALA X CA  1 
ATOM   318 C  C   . ALA A 1 44  ? -6.667  -7.763  0.561   1.00 15.73 ? 44  ALA X C   1 
ATOM   319 O  O   . ALA A 1 44  ? -6.394  -6.948  -0.323  1.00 15.45 ? 44  ALA X O   1 
ATOM   320 C  CB  . ALA A 1 44  ? -9.098  -7.481  -0.116  1.00 15.49 ? 44  ALA X CB  1 
ATOM   321 N  N   . GLU A 1 45  ? -5.753  -8.321  1.345   1.00 15.95 ? 45  GLU X N   1 
ATOM   322 C  CA  . GLU A 1 45  ? -4.356  -7.899  1.342   1.00 16.37 ? 45  GLU X CA  1 
ATOM   323 C  C   . GLU A 1 45  ? -3.701  -8.117  -0.029  1.00 16.46 ? 45  GLU X C   1 
ATOM   324 O  O   . GLU A 1 45  ? -3.835  -9.180  -0.631  1.00 16.11 ? 45  GLU X O   1 
ATOM   325 C  CB  . GLU A 1 45  ? -3.577  -8.621  2.443   1.00 16.28 ? 45  GLU X CB  1 
ATOM   326 C  CG  . GLU A 1 45  ? -2.100  -8.267  2.480   1.00 16.59 ? 45  GLU X CG  1 
ATOM   327 C  CD  . GLU A 1 45  ? -1.371  -8.936  3.621   1.00 17.29 ? 45  GLU X CD  1 
ATOM   328 O  OE1 . GLU A 1 45  ? -1.329  -8.343  4.712   1.00 17.42 ? 45  GLU X OE1 1 
ATOM   329 O  OE2 . GLU A 1 45  ? -0.815  -10.039 3.422   1.00 17.36 ? 45  GLU X OE2 1 
ATOM   330 N  N   . LEU A 1 46  ? -2.997  -7.090  -0.496  1.00 16.79 ? 46  LEU X N   1 
ATOM   331 C  CA  . LEU A 1 46  ? -2.360  -7.092  -1.811  1.00 16.79 ? 46  LEU X CA  1 
ATOM   332 C  C   . LEU A 1 46  ? -0.858  -7.272  -1.704  1.00 16.88 ? 46  LEU X C   1 
ATOM   333 O  O   . LEU A 1 46  ? -0.237  -7.866  -2.589  1.00 16.82 ? 46  LEU X O   1 
ATOM   334 C  CB  . LEU A 1 46  ? -2.689  -5.796  -2.566  1.00 16.90 ? 46  LEU X CB  1 
ATOM   335 C  CG  . LEU A 1 46  ? -4.177  -5.504  -2.808  1.00 16.60 ? 46  LEU X CG  1 
ATOM   336 C  CD1 . LEU A 1 46  ? -4.339  -4.108  -3.347  1.00 16.90 ? 46  LEU X CD1 1 
ATOM   337 C  CD2 . LEU A 1 46  ? -4.833  -6.535  -3.745  1.00 17.56 ? 46  LEU X CD2 1 
ATOM   338 N  N   . LEU A 1 47  ? -0.294  -6.766  -0.606  1.00 16.54 ? 47  LEU X N   1 
ATOM   339 C  CA  . LEU A 1 47  ? 1.138   -6.781  -0.364  1.00 16.45 ? 47  LEU X CA  1 
ATOM   340 C  C   . LEU A 1 47  ? 1.417   -6.574  1.125   1.00 16.13 ? 47  LEU X C   1 
ATOM   341 O  O   . LEU A 1 47  ? 0.719   -5.813  1.800   1.00 16.16 ? 47  LEU X O   1 
ATOM   342 C  CB  . LEU A 1 47  ? 1.826   -5.686  -1.199  1.00 16.86 ? 47  LEU X CB  1 
ATOM   343 C  CG  . LEU A 1 47  ? 3.362   -5.622  -1.222  1.00 17.05 ? 47  LEU X CG  1 
ATOM   344 C  CD1 . LEU A 1 47  ? 3.856   -5.151  -2.583  1.00 16.47 ? 47  LEU X CD1 1 
ATOM   345 C  CD2 . LEU A 1 47  ? 3.895   -4.717  -0.110  1.00 15.42 ? 47  LEU X CD2 1 
ATOM   346 N  N   . ARG A 1 48  ? 2.436   -7.262  1.622   1.00 15.85 ? 48  ARG X N   1 
ATOM   347 C  CA  . ARG A 1 48  ? 2.876   -7.133  2.999   1.00 16.25 ? 48  ARG X CA  1 
ATOM   348 C  C   . ARG A 1 48  ? 4.401   -7.157  3.091   1.00 16.94 ? 48  ARG X C   1 
ATOM   349 O  O   . ARG A 1 48  ? 5.053   -7.926  2.384   1.00 16.55 ? 48  ARG X O   1 
ATOM   350 C  CB  . ARG A 1 48  ? 2.272   -8.252  3.857   1.00 15.55 ? 48  ARG X CB  1 
ATOM   351 C  CG  . ARG A 1 48  ? 2.936   -8.436  5.213   1.00 14.74 ? 48  ARG X CG  1 
ATOM   352 C  CD  . ARG A 1 48  ? 2.081   -9.285  6.138   1.00 14.29 ? 48  ARG X CD  1 
ATOM   353 N  NE  . ARG A 1 48  ? 0.872   -8.579  6.564   1.00 14.17 ? 48  ARG X NE  1 
ATOM   354 C  CZ  . ARG A 1 48  ? 0.811   -7.745  7.604   1.00 13.71 ? 48  ARG X CZ  1 
ATOM   355 N  NH1 . ARG A 1 48  ? 1.891   -7.497  8.332   1.00 12.89 ? 48  ARG X NH1 1 
ATOM   356 N  NH2 . ARG A 1 48  ? -0.339  -7.161  7.918   1.00 12.76 ? 48  ARG X NH2 1 
ATOM   357 N  N   . THR A 1 49  ? 4.955   -6.320  3.975   1.00 17.58 ? 49  THR X N   1 
ATOM   358 C  CA  . THR A 1 49  ? 6.393   -6.348  4.279   1.00 18.31 ? 49  THR X CA  1 
ATOM   359 C  C   . THR A 1 49  ? 6.674   -6.763  5.724   1.00 18.97 ? 49  THR X C   1 
ATOM   360 O  O   . THR A 1 49  ? 5.784   -6.710  6.586   1.00 19.12 ? 49  THR X O   1 
ATOM   361 C  CB  . THR A 1 49  ? 7.080   -4.959  4.059   1.00 18.34 ? 49  THR X CB  1 
ATOM   362 O  OG1 . THR A 1 49  ? 6.786   -4.090  5.163   1.00 18.26 ? 49  THR X OG1 1 
ATOM   363 C  CG2 . THR A 1 49  ? 6.642   -4.305  2.759   1.00 17.71 ? 49  THR X CG2 1 
ATOM   364 N  N   . ASP A 1 50  ? 7.909   -7.190  5.980   1.00 19.47 ? 50  ASP X N   1 
ATOM   365 C  CA  . ASP A 1 50  ? 8.448   -7.171  7.336   1.00 20.42 ? 50  ASP X CA  1 
ATOM   366 C  C   . ASP A 1 50  ? 9.192   -5.836  7.493   1.00 20.74 ? 50  ASP X C   1 
ATOM   367 O  O   . ASP A 1 50  ? 8.826   -4.857  6.839   1.00 21.21 ? 50  ASP X O   1 
ATOM   368 C  CB  . ASP A 1 50  ? 9.312   -8.412  7.647   1.00 20.10 ? 50  ASP X CB  1 
ATOM   369 C  CG  . ASP A 1 50  ? 10.523  -8.572  6.701   1.00 21.32 ? 50  ASP X CG  1 
ATOM   370 O  OD1 . ASP A 1 50  ? 10.852  -7.647  5.923   1.00 20.11 ? 50  ASP X OD1 1 
ATOM   371 O  OD2 . ASP A 1 50  ? 11.155  -9.648  6.754   1.00 22.01 ? 50  ASP X OD2 1 
ATOM   372 N  N   . GLY A 1 51  ? 10.219  -5.777  8.338   1.00 21.51 ? 51  GLY X N   1 
ATOM   373 C  CA  . GLY A 1 51  ? 10.983  -4.535  8.509   1.00 22.29 ? 51  GLY X CA  1 
ATOM   374 C  C   . GLY A 1 51  ? 11.869  -4.151  7.332   1.00 23.26 ? 51  GLY X C   1 
ATOM   375 O  O   . GLY A 1 51  ? 12.281  -2.991  7.211   1.00 23.33 ? 51  GLY X O   1 
ATOM   376 N  N   . THR A 1 52  ? 12.140  -5.117  6.455   1.00 23.84 ? 52  THR X N   1 
ATOM   377 C  CA  . THR A 1 52  ? 13.200  -4.990  5.448   1.00 25.10 ? 52  THR X CA  1 
ATOM   378 C  C   . THR A 1 52  ? 12.723  -5.215  4.002   1.00 24.76 ? 52  THR X C   1 
ATOM   379 O  O   . THR A 1 52  ? 13.217  -4.574  3.078   1.00 24.59 ? 52  THR X O   1 
ATOM   380 C  CB  . THR A 1 52  ? 14.364  -5.967  5.775   1.00 24.96 ? 52  THR X CB  1 
ATOM   381 O  OG1 . THR A 1 52  ? 14.987  -5.562  7.000   1.00 27.23 ? 52  THR X OG1 1 
ATOM   382 C  CG2 . THR A 1 52  ? 15.420  -5.970  4.681   1.00 26.55 ? 52  THR X CG2 1 
ATOM   383 N  N   . ARG A 1 53  ? 11.746  -6.104  3.829   1.00 24.62 ? 53  ARG X N   1 
ATOM   384 C  CA  . ARG A 1 53  ? 11.428  -6.651  2.518   1.00 24.69 ? 53  ARG X CA  1 
ATOM   385 C  C   . ARG A 1 53  ? 9.949   -7.044  2.392   1.00 23.54 ? 53  ARG X C   1 
ATOM   386 O  O   . ARG A 1 53  ? 9.282   -7.309  3.387   1.00 22.54 ? 53  ARG X O   1 
ATOM   387 C  CB  . ARG A 1 53  ? 12.300  -7.895  2.299   1.00 24.99 ? 53  ARG X CB  1 
ATOM   388 C  CG  . ARG A 1 53  ? 12.377  -8.386  0.870   1.00 29.51 ? 53  ARG X CG  1 
ATOM   389 C  CD  . ARG A 1 53  ? 13.251  -9.639  0.756   1.00 35.54 ? 53  ARG X CD  1 
ATOM   390 N  NE  . ARG A 1 53  ? 13.112  -10.300 -0.547  1.00 39.73 ? 53  ARG X NE  1 
ATOM   391 C  CZ  . ARG A 1 53  ? 13.792  -9.970  -1.646  1.00 42.03 ? 53  ARG X CZ  1 
ATOM   392 N  NH1 . ARG A 1 53  ? 14.670  -8.972  -1.626  1.00 43.33 ? 53  ARG X NH1 1 
ATOM   393 N  NH2 . ARG A 1 53  ? 13.588  -10.641 -2.776  1.00 42.73 ? 53  ARG X NH2 1 
ATOM   394 N  N   . ILE A 1 54  ? 9.465   -7.094  1.150   1.00 22.77 ? 54  ILE X N   1 
ATOM   395 C  CA  . ILE A 1 54  ? 8.198   -7.745  0.814   1.00 22.30 ? 54  ILE X CA  1 
ATOM   396 C  C   . ILE A 1 54  ? 8.272   -9.239  1.181   1.00 21.94 ? 54  ILE X C   1 
ATOM   397 O  O   . ILE A 1 54  ? 9.184   -9.952  0.759   1.00 21.66 ? 54  ILE X O   1 
ATOM   398 C  CB  . ILE A 1 54  ? 7.857   -7.563  -0.692  1.00 22.13 ? 54  ILE X CB  1 
ATOM   399 C  CG1 . ILE A 1 54  ? 7.795   -6.074  -1.054  1.00 22.45 ? 54  ILE X CG1 1 
ATOM   400 C  CG2 . ILE A 1 54  ? 6.546   -8.263  -1.061  1.00 21.57 ? 54  ILE X CG2 1 
ATOM   401 C  CD1 . ILE A 1 54  ? 8.101   -5.789  -2.528  1.00 23.25 ? 54  ILE X CD1 1 
ATOM   402 N  N   . ILE A 1 55  ? 7.327   -9.704  1.989   1.00 21.57 ? 55  ILE X N   1 
ATOM   403 C  CA  . ILE A 1 55  ? 7.298   -11.119 2.379   1.00 21.68 ? 55  ILE X CA  1 
ATOM   404 C  C   . ILE A 1 55  ? 6.086   -11.850 1.800   1.00 21.94 ? 55  ILE X C   1 
ATOM   405 O  O   . ILE A 1 55  ? 6.022   -13.083 1.831   1.00 21.77 ? 55  ILE X O   1 
ATOM   406 C  CB  . ILE A 1 55  ? 7.365   -11.325 3.920   1.00 21.68 ? 55  ILE X CB  1 
ATOM   407 C  CG1 . ILE A 1 55  ? 6.239   -10.568 4.643   1.00 20.86 ? 55  ILE X CG1 1 
ATOM   408 C  CG2 . ILE A 1 55  ? 8.758   -10.955 4.458   1.00 22.32 ? 55  ILE X CG2 1 
ATOM   409 C  CD1 . ILE A 1 55  ? 6.013   -11.041 6.077   1.00 19.56 ? 55  ILE X CD1 1 
ATOM   410 N  N   . SER A 1 56  ? 5.134   -11.077 1.275   1.00 21.97 ? 56  SER X N   1 
ATOM   411 C  CA  . SER A 1 56  ? 3.897   -11.616 0.727   1.00 22.69 ? 56  SER X CA  1 
ATOM   412 C  C   . SER A 1 56  ? 3.262   -10.626 -0.247  1.00 23.05 ? 56  SER X C   1 
ATOM   413 O  O   . SER A 1 56  ? 3.398   -9.405  -0.097  1.00 23.02 ? 56  SER X O   1 
ATOM   414 C  CB  . SER A 1 56  ? 2.911   -11.952 1.850   1.00 22.57 ? 56  SER X CB  1 
ATOM   415 O  OG  . SER A 1 56  ? 1.739   -12.540 1.323   1.00 23.25 ? 56  SER X OG  1 
ATOM   416 N  N   . ARG A 1 57  ? 2.538   -11.167 -1.217  1.00 23.49 ? 57  ARG X N   1 
ATOM   417 C  CA  . ARG A 1 57  ? 2.093   -10.425 -2.387  1.00 24.44 ? 57  ARG X CA  1 
ATOM   418 C  C   . ARG A 1 57  ? 0.932   -11.203 -2.977  1.00 24.01 ? 57  ARG X C   1 
ATOM   419 O  O   . ARG A 1 57  ? 1.012   -12.426 -3.074  1.00 24.14 ? 57  ARG X O   1 
ATOM   420 C  CB  . ARG A 1 57  ? 3.246   -10.440 -3.396  1.00 25.24 ? 57  ARG X CB  1 
ATOM   421 C  CG  . ARG A 1 57  ? 3.338   -9.276  -4.329  1.00 27.93 ? 57  ARG X CG  1 
ATOM   422 C  CD  . ARG A 1 57  ? 4.480   -9.518  -5.300  1.00 32.35 ? 57  ARG X CD  1 
ATOM   423 N  NE  . ARG A 1 57  ? 5.772   -9.197  -4.702  1.00 37.00 ? 57  ARG X NE  1 
ATOM   424 C  CZ  . ARG A 1 57  ? 6.938   -9.285  -5.335  1.00 39.41 ? 57  ARG X CZ  1 
ATOM   425 N  NH1 . ARG A 1 57  ? 6.985   -9.708  -6.599  1.00 40.61 ? 57  ARG X NH1 1 
ATOM   426 N  NH2 . ARG A 1 57  ? 8.063   -8.965  -4.697  1.00 39.19 ? 57  ARG X NH2 1 
ATOM   427 N  N   . LYS A 1 58  ? -0.139  -10.521 -3.380  1.00 23.90 ? 58  LYS X N   1 
ATOM   428 C  CA  . LYS A 1 58  ? -1.241  -11.195 -4.080  1.00 23.78 ? 58  LYS X CA  1 
ATOM   429 C  C   . LYS A 1 58  ? -0.769  -11.813 -5.408  1.00 23.66 ? 58  LYS X C   1 
ATOM   430 O  O   . LYS A 1 58  ? -1.140  -12.939 -5.750  1.00 23.51 ? 58  LYS X O   1 
ATOM   431 C  CB  . LYS A 1 58  ? -2.414  -10.243 -4.337  1.00 23.83 ? 58  LYS X CB  1 
ATOM   432 C  CG  . LYS A 1 58  ? -3.616  -10.941 -4.960  1.00 24.96 ? 58  LYS X CG  1 
ATOM   433 C  CD  . LYS A 1 58  ? -4.649  -9.978  -5.505  1.00 26.67 ? 58  LYS X CD  1 
ATOM   434 C  CE  . LYS A 1 58  ? -5.705  -10.745 -6.305  1.00 28.15 ? 58  LYS X CE  1 
ATOM   435 N  NZ  . LYS A 1 58  ? -6.857  -9.872  -6.683  1.00 29.34 ? 58  LYS X NZ  1 
ATOM   436 N  N   . SER A 1 59  ? 0.038   -11.052 -6.144  1.00 23.17 ? 59  SER X N   1 
ATOM   437 C  CA  . SER A 1 59  ? 0.621   -11.477 -7.417  1.00 22.84 ? 59  SER X CA  1 
ATOM   438 C  C   . SER A 1 59  ? 1.723   -10.484 -7.786  1.00 22.79 ? 59  SER X C   1 
ATOM   439 O  O   . SER A 1 59  ? 1.930   -9.497  -7.073  1.00 22.39 ? 59  SER X O   1 
ATOM   440 C  CB  . SER A 1 59  ? -0.440  -11.502 -8.519  1.00 22.62 ? 59  SER X CB  1 
ATOM   441 O  OG  . SER A 1 59  ? -0.889  -10.194 -8.797  1.00 21.86 ? 59  SER X OG  1 
ATOM   442 N  N   . THR A 1 60  ? 2.409   -10.736 -8.901  1.00 22.86 ? 60  THR X N   1 
ATOM   443 C  CA  . THR A 1 60  ? 3.484   -9.849  -9.389  1.00 22.67 ? 60  THR X CA  1 
ATOM   444 C  C   . THR A 1 60  ? 2.958   -8.515  -9.940  1.00 22.03 ? 60  THR X C   1 
ATOM   445 O  O   . THR A 1 60  ? 3.737   -7.661  -10.361 1.00 22.67 ? 60  THR X O   1 
ATOM   446 C  CB  . THR A 1 60  ? 4.354   -10.533 -10.476 1.00 22.71 ? 60  THR X CB  1 
ATOM   447 O  OG1 . THR A 1 60  ? 3.509   -11.012 -11.531 1.00 23.95 ? 60  THR X OG1 1 
ATOM   448 C  CG2 . THR A 1 60  ? 5.154   -11.698 -9.887  1.00 23.12 ? 60  THR X CG2 1 
ATOM   449 N  N   . LYS A 1 61  ? 1.640   -8.353  -9.947  1.00 21.36 ? 61  LYS X N   1 
ATOM   450 C  CA  . LYS A 1 61  ? 1.000   -7.084  -10.276 1.00 20.93 ? 61  LYS X CA  1 
ATOM   451 C  C   . LYS A 1 61  ? 1.261   -6.012  -9.203  1.00 20.42 ? 61  LYS X C   1 
ATOM   452 O  O   . LYS A 1 61  ? 1.157   -4.814  -9.471  1.00 20.35 ? 61  LYS X O   1 
ATOM   453 C  CB  . LYS A 1 61  ? -0.508  -7.294  -10.463 1.00 21.13 ? 61  LYS X CB  1 
ATOM   454 C  CG  . LYS A 1 61  ? -1.299  -6.009  -10.707 1.00 21.71 ? 61  LYS X CG  1 
ATOM   455 C  CD  . LYS A 1 61  ? -2.766  -6.286  -10.994 1.00 22.76 ? 61  LYS X CD  1 
ATOM   456 C  CE  . LYS A 1 61  ? -3.474  -4.992  -11.357 1.00 23.52 ? 61  LYS X CE  1 
ATOM   457 N  NZ  . LYS A 1 61  ? -4.750  -5.205  -12.068 1.00 24.50 ? 61  LYS X NZ  1 
ATOM   458 N  N   . TYR A 1 62  ? 1.605   -6.446  -7.996  1.00 19.93 ? 62  TYR X N   1 
ATOM   459 C  CA  . TYR A 1 62  ? 1.817   -5.526  -6.882  1.00 19.80 ? 62  TYR X CA  1 
ATOM   460 C  C   . TYR A 1 62  ? 3.264   -5.521  -6.448  1.00 19.78 ? 62  TYR X C   1 
ATOM   461 O  O   . TYR A 1 62  ? 3.874   -6.576  -6.290  1.00 19.96 ? 62  TYR X O   1 
ATOM   462 C  CB  . TYR A 1 62  ? 0.894   -5.872  -5.707  1.00 19.56 ? 62  TYR X CB  1 
ATOM   463 C  CG  . TYR A 1 62  ? -0.548  -5.843  -6.113  1.00 18.71 ? 62  TYR X CG  1 
ATOM   464 C  CD1 . TYR A 1 62  ? -1.240  -4.633  -6.187  1.00 18.40 ? 62  TYR X CD1 1 
ATOM   465 C  CD2 . TYR A 1 62  ? -1.216  -7.013  -6.472  1.00 18.45 ? 62  TYR X CD2 1 
ATOM   466 C  CE1 . TYR A 1 62  ? -2.562  -4.591  -6.589  1.00 18.56 ? 62  TYR X CE1 1 
ATOM   467 C  CE2 . TYR A 1 62  ? -2.548  -6.979  -6.879  1.00 18.73 ? 62  TYR X CE2 1 
ATOM   468 C  CZ  . TYR A 1 62  ? -3.211  -5.764  -6.929  1.00 18.41 ? 62  TYR X CZ  1 
ATOM   469 O  OH  . TYR A 1 62  ? -4.526  -5.711  -7.325  1.00 20.12 ? 62  TYR X OH  1 
ATOM   470 N  N   . THR A 1 63  ? 3.816   -4.328  -6.281  1.00 19.68 ? 63  THR X N   1 
ATOM   471 C  CA  . THR A 1 63  ? 5.191   -4.207  -5.824  1.00 19.73 ? 63  THR X CA  1 
ATOM   472 C  C   . THR A 1 63  ? 5.482   -2.905  -5.086  1.00 19.78 ? 63  THR X C   1 
ATOM   473 O  O   . THR A 1 63  ? 4.666   -1.981  -5.075  1.00 19.52 ? 63  THR X O   1 
ATOM   474 C  CB  . THR A 1 63  ? 6.208   -4.396  -6.984  1.00 19.53 ? 63  THR X CB  1 
ATOM   475 O  OG1 . THR A 1 63  ? 7.491   -4.673  -6.420  1.00 20.36 ? 63  THR X OG1 1 
ATOM   476 C  CG2 . THR A 1 63  ? 6.290   -3.143  -7.859  1.00 19.08 ? 63  THR X CG2 1 
ATOM   477 N  N   . LEU A 1 64  ? 6.662   -2.863  -4.471  1.00 20.46 ? 64  LEU X N   1 
ATOM   478 C  CA  . LEU A 1 64  ? 7.183   -1.675  -3.823  1.00 21.42 ? 64  LEU X CA  1 
ATOM   479 C  C   . LEU A 1 64  ? 8.495   -1.281  -4.490  1.00 21.96 ? 64  LEU X C   1 
ATOM   480 O  O   . LEU A 1 64  ? 9.466   -2.025  -4.426  1.00 22.46 ? 64  LEU X O   1 
ATOM   481 C  CB  . LEU A 1 64  ? 7.394   -1.957  -2.331  1.00 21.35 ? 64  LEU X CB  1 
ATOM   482 C  CG  . LEU A 1 64  ? 6.367   -1.489  -1.287  1.00 21.18 ? 64  LEU X CG  1 
ATOM   483 C  CD1 . LEU A 1 64  ? 4.905   -1.504  -1.746  1.00 20.45 ? 64  LEU X CD1 1 
ATOM   484 C  CD2 . LEU A 1 64  ? 6.553   -2.278  -0.025  1.00 21.71 ? 64  LEU X CD2 1 
ATOM   485 N  N   . LEU A 1 65  ? 8.520   -0.116  -5.134  1.00 22.74 ? 65  LEU X N   1 
ATOM   486 C  CA  . LEU A 1 65  ? 9.730   0.348   -5.834  1.00 23.47 ? 65  LEU X CA  1 
ATOM   487 C  C   . LEU A 1 65  ? 10.733  1.094   -4.940  1.00 23.96 ? 65  LEU X C   1 
ATOM   488 O  O   . LEU A 1 65  ? 11.917  1.203   -5.285  1.00 24.27 ? 65  LEU X O   1 
ATOM   489 C  CB  . LEU A 1 65  ? 9.359   1.192   -7.064  1.00 23.34 ? 65  LEU X CB  1 
ATOM   490 C  CG  . LEU A 1 65  ? 8.436   0.532   -8.101  1.00 23.41 ? 65  LEU X CG  1 
ATOM   491 C  CD1 . LEU A 1 65  ? 8.094   1.491   -9.229  1.00 23.81 ? 65  LEU X CD1 1 
ATOM   492 C  CD2 . LEU A 1 65  ? 9.037   -0.755  -8.647  1.00 23.54 ? 65  LEU X CD2 1 
ATOM   493 N  N   . GLY A 1 66  ? 10.258  1.606   -3.804  1.00 24.30 ? 66  GLY X N   1 
ATOM   494 C  CA  . GLY A 1 66  ? 11.116  2.298   -2.840  1.00 24.87 ? 66  GLY X CA  1 
ATOM   495 C  C   . GLY A 1 66  ? 11.866  1.350   -1.928  1.00 25.47 ? 66  GLY X C   1 
ATOM   496 O  O   . GLY A 1 66  ? 11.736  0.133   -2.043  1.00 25.29 ? 66  GLY X O   1 
ATOM   497 N  N   . LYS A 1 67  ? 12.662  1.910   -1.021  1.00 26.47 ? 67  LYS X N   1 
ATOM   498 C  CA  . LYS A 1 67  ? 13.361  1.116   -0.012  1.00 27.58 ? 67  LYS X CA  1 
ATOM   499 C  C   . LYS A 1 67  ? 12.527  0.958   1.262   1.00 27.55 ? 67  LYS X C   1 
ATOM   500 O  O   . LYS A 1 67  ? 12.289  1.927   1.980   1.00 27.34 ? 67  LYS X O   1 
ATOM   501 C  CB  . LYS A 1 67  ? 14.738  1.717   0.303   1.00 28.14 ? 67  LYS X CB  1 
ATOM   502 C  CG  . LYS A 1 67  ? 15.843  1.249   -0.646  1.00 30.05 ? 67  LYS X CG  1 
ATOM   503 C  CD  . LYS A 1 67  ? 17.222  1.373   -0.001  1.00 33.37 ? 67  LYS X CD  1 
ATOM   504 C  CE  . LYS A 1 67  ? 18.236  0.391   -0.612  1.00 35.87 ? 67  LYS X CE  1 
ATOM   505 N  NZ  . LYS A 1 67  ? 18.034  -1.026  -0.157  1.00 36.31 ? 67  LYS X NZ  1 
ATOM   506 N  N   . VAL A 1 68  ? 12.089  -0.274  1.520   1.00 28.06 ? 68  VAL X N   1 
ATOM   507 C  CA  . VAL A 1 68  ? 11.224  -0.616  2.662   1.00 28.45 ? 68  VAL X CA  1 
ATOM   508 C  C   . VAL A 1 68  ? 11.844  -0.179  3.991   1.00 28.97 ? 68  VAL X C   1 
ATOM   509 O  O   . VAL A 1 68  ? 11.172  0.408   4.841   1.00 29.14 ? 68  VAL X O   1 
ATOM   510 C  CB  . VAL A 1 68  ? 10.909  -2.147  2.684   1.00 28.44 ? 68  VAL X CB  1 
ATOM   511 C  CG1 . VAL A 1 68  ? 10.205  -2.563  3.981   1.00 27.72 ? 68  VAL X CG1 1 
ATOM   512 C  CG2 . VAL A 1 68  ? 10.079  -2.547  1.459   1.00 27.84 ? 68  VAL X CG2 1 
ATOM   513 N  N   . GLN A 1 69  ? 13.136  -0.442  4.135   1.00 29.54 ? 69  GLN X N   1 
ATOM   514 C  CA  . GLN A 1 69  ? 13.877  -0.160  5.356   1.00 30.46 ? 69  GLN X CA  1 
ATOM   515 C  C   . GLN A 1 69  ? 13.957  1.331   5.690   1.00 30.11 ? 69  GLN X C   1 
ATOM   516 O  O   . GLN A 1 69  ? 14.258  1.684   6.822   1.00 30.36 ? 69  GLN X O   1 
ATOM   517 C  CB  . GLN A 1 69  ? 15.280  -0.775  5.267   1.00 31.13 ? 69  GLN X CB  1 
ATOM   518 C  CG  . GLN A 1 69  ? 16.235  -0.022  4.363   1.00 33.50 ? 69  GLN X CG  1 
ATOM   519 C  CD  . GLN A 1 69  ? 16.774  -0.897  3.257   1.00 38.50 ? 69  GLN X CD  1 
ATOM   520 O  OE1 . GLN A 1 69  ? 16.032  -1.300  2.351   1.00 40.16 ? 69  GLN X OE1 1 
ATOM   521 N  NE2 . GLN A 1 69  ? 18.070  -1.200  3.317   1.00 39.94 ? 69  GLN X NE2 1 
ATOM   522 N  N   . PHE A 1 70  ? 13.689  2.191   4.705   1.00 29.71 ? 70  PHE X N   1 
ATOM   523 C  CA  . PHE A 1 70  ? 13.590  3.632   4.927   1.00 29.67 ? 70  PHE X CA  1 
ATOM   524 C  C   . PHE A 1 70  ? 12.138  4.137   4.958   1.00 28.62 ? 70  PHE X C   1 
ATOM   525 O  O   . PHE A 1 70  ? 11.892  5.339   4.880   1.00 28.32 ? 70  PHE X O   1 
ATOM   526 C  CB  . PHE A 1 70  ? 14.412  4.411   3.881   1.00 30.45 ? 70  PHE X CB  1 
ATOM   527 C  CG  . PHE A 1 70  ? 15.905  4.165   3.967   1.00 32.40 ? 70  PHE X CG  1 
ATOM   528 C  CD1 . PHE A 1 70  ? 16.575  3.505   2.942   1.00 34.73 ? 70  PHE X CD1 1 
ATOM   529 C  CD2 . PHE A 1 70  ? 16.635  4.590   5.074   1.00 34.92 ? 70  PHE X CD2 1 
ATOM   530 C  CE1 . PHE A 1 70  ? 17.956  3.269   3.014   1.00 35.67 ? 70  PHE X CE1 1 
ATOM   531 C  CE2 . PHE A 1 70  ? 18.017  4.362   5.155   1.00 36.46 ? 70  PHE X CE2 1 
ATOM   532 C  CZ  . PHE A 1 70  ? 18.673  3.695   4.119   1.00 35.96 ? 70  PHE X CZ  1 
ATOM   533 N  N   . GLY A 1 71  ? 11.185  3.210   5.069   1.00 27.57 ? 71  GLY X N   1 
ATOM   534 C  CA  . GLY A 1 71  ? 9.762   3.556   5.139   1.00 26.01 ? 71  GLY X CA  1 
ATOM   535 C  C   . GLY A 1 71  ? 9.143   4.065   3.849   1.00 25.07 ? 71  GLY X C   1 
ATOM   536 O  O   . GLY A 1 71  ? 8.089   4.695   3.882   1.00 24.85 ? 71  GLY X O   1 
ATOM   537 N  N   . GLU A 1 72  ? 9.795   3.799   2.716   1.00 23.99 ? 72  GLU X N   1 
ATOM   538 C  CA  . GLU A 1 72  ? 9.270   4.187   1.406   1.00 23.34 ? 72  GLU X CA  1 
ATOM   539 C  C   . GLU A 1 72  ? 8.401   3.048   0.868   1.00 22.33 ? 72  GLU X C   1 
ATOM   540 O  O   . GLU A 1 72  ? 8.866   2.188   0.109   1.00 22.18 ? 72  GLU X O   1 
ATOM   541 C  CB  . GLU A 1 72  ? 10.415  4.521   0.435   1.00 24.04 ? 72  GLU X CB  1 
ATOM   542 C  CG  . GLU A 1 72  ? 11.411  5.599   0.939   1.00 25.40 ? 72  GLU X CG  1 
ATOM   543 C  CD  . GLU A 1 72  ? 12.736  5.621   0.152   1.00 27.84 ? 72  GLU X CD  1 
ATOM   544 O  OE1 . GLU A 1 72  ? 12.947  4.760   -0.726  1.00 27.72 ? 72  GLU X OE1 1 
ATOM   545 O  OE2 . GLU A 1 72  ? 13.574  6.510   0.418   1.00 30.02 ? 72  GLU X OE2 1 
ATOM   546 N  N   . VAL A 1 73  ? 7.132   3.044   1.276   1.00 20.91 ? 73  VAL X N   1 
ATOM   547 C  CA  . VAL A 1 73  ? 6.271   1.874   1.111   1.00 19.43 ? 73  VAL X CA  1 
ATOM   548 C  C   . VAL A 1 73  ? 5.068   2.135   0.210   1.00 19.23 ? 73  VAL X C   1 
ATOM   549 O  O   . VAL A 1 73  ? 4.006   1.516   0.354   1.00 19.03 ? 73  VAL X O   1 
ATOM   550 C  CB  . VAL A 1 73  ? 5.865   1.255   2.488   1.00 19.67 ? 73  VAL X CB  1 
ATOM   551 C  CG1 . VAL A 1 73  ? 7.074   0.605   3.156   1.00 17.79 ? 73  VAL X CG1 1 
ATOM   552 C  CG2 . VAL A 1 73  ? 5.218   2.300   3.419   1.00 17.35 ? 73  VAL X CG2 1 
ATOM   553 N  N   . SER A 1 74  ? 5.264   3.051   -0.735  1.00 18.90 ? 74  SER X N   1 
ATOM   554 C  CA  . SER A 1 74  ? 4.275   3.385   -1.753  1.00 18.67 ? 74  SER X CA  1 
ATOM   555 C  C   . SER A 1 74  ? 4.021   2.187   -2.656  1.00 18.50 ? 74  SER X C   1 
ATOM   556 O  O   . SER A 1 74  ? 4.967   1.525   -3.088  1.00 18.56 ? 74  SER X O   1 
ATOM   557 C  CB  . SER A 1 74  ? 4.768   4.573   -2.597  1.00 18.86 ? 74  SER X CB  1 
ATOM   558 O  OG  . SER A 1 74  ? 5.017   5.718   -1.792  1.00 18.24 ? 74  SER X OG  1 
ATOM   559 N  N   . LEU A 1 75  ? 2.746   1.920   -2.936  1.00 18.31 ? 75  LEU X N   1 
ATOM   560 C  CA  . LEU A 1 75  ? 2.343   0.773   -3.747  1.00 18.37 ? 75  LEU X CA  1 
ATOM   561 C  C   . LEU A 1 75  ? 2.315   1.084   -5.234  1.00 18.58 ? 75  LEU X C   1 
ATOM   562 O  O   . LEU A 1 75  ? 1.643   2.018   -5.668  1.00 18.43 ? 75  LEU X O   1 
ATOM   563 C  CB  . LEU A 1 75  ? 0.954   0.271   -3.329  1.00 17.96 ? 75  LEU X CB  1 
ATOM   564 C  CG  . LEU A 1 75  ? 0.390   -0.956  -4.055  1.00 18.02 ? 75  LEU X CG  1 
ATOM   565 C  CD1 . LEU A 1 75  ? 1.175   -2.217  -3.703  1.00 17.05 ? 75  LEU X CD1 1 
ATOM   566 C  CD2 . LEU A 1 75  ? -1.117  -1.136  -3.740  1.00 17.34 ? 75  LEU X CD2 1 
ATOM   567 N  N   . THR A 1 76  ? 3.036   0.279   -6.008  1.00 19.03 ? 76  THR X N   1 
ATOM   568 C  CA  . THR A 1 76  ? 2.921   0.315   -7.460  1.00 19.03 ? 76  THR X CA  1 
ATOM   569 C  C   . THR A 1 76  ? 2.063   -0.865  -7.947  1.00 19.06 ? 76  THR X C   1 
ATOM   570 O  O   . THR A 1 76  ? 2.287   -2.022  -7.572  1.00 18.66 ? 76  THR X O   1 
ATOM   571 C  CB  . THR A 1 76  ? 4.312   0.373   -8.147  1.00 19.06 ? 76  THR X CB  1 
ATOM   572 O  OG1 . THR A 1 76  ? 4.968   1.594   -7.775  1.00 19.36 ? 76  THR X OG1 1 
ATOM   573 C  CG2 . THR A 1 76  ? 4.188   0.314   -9.680  1.00 18.38 ? 76  THR X CG2 1 
ATOM   574 N  N   . ILE A 1 77  ? 1.060   -0.533  -8.753  1.00 19.65 ? 77  ILE X N   1 
ATOM   575 C  CA  . ILE A 1 77  ? 0.141   -1.495  -9.345  1.00 20.15 ? 77  ILE X CA  1 
ATOM   576 C  C   . ILE A 1 77  ? 0.369   -1.429  -10.850 1.00 20.90 ? 77  ILE X C   1 
ATOM   577 O  O   . ILE A 1 77  ? 0.256   -0.363  -11.451 1.00 20.62 ? 77  ILE X O   1 
ATOM   578 C  CB  . ILE A 1 77  ? -1.334  -1.114  -9.053  1.00 20.24 ? 77  ILE X CB  1 
ATOM   579 C  CG1 . ILE A 1 77  ? -1.577  -0.969  -7.542  1.00 20.68 ? 77  ILE X CG1 1 
ATOM   580 C  CG2 . ILE A 1 77  ? -2.303  -2.124  -9.684  1.00 19.38 ? 77  ILE X CG2 1 
ATOM   581 C  CD1 . ILE A 1 77  ? -2.945  -0.411  -7.192  1.00 20.85 ? 77  ILE X CD1 1 
ATOM   582 N  N   . SER A 1 78  ? 0.683   -2.559  -11.467 1.00 21.87 ? 78  SER X N   1 
ATOM   583 C  CA  . SER A 1 78  ? 0.991   -2.531  -12.890 1.00 23.15 ? 78  SER X CA  1 
ATOM   584 C  C   . SER A 1 78  ? -0.245  -2.711  -13.766 1.00 23.80 ? 78  SER X C   1 
ATOM   585 O  O   . SER A 1 78  ? -1.257  -3.273  -13.332 1.00 23.79 ? 78  SER X O   1 
ATOM   586 C  CB  . SER A 1 78  ? 2.066   -3.557  -13.238 1.00 22.77 ? 78  SER X CB  1 
ATOM   587 O  OG  . SER A 1 78  ? 1.576   -4.867  -13.091 1.00 23.54 ? 78  SER X OG  1 
ATOM   588 N  N   . ASN A 1 79  ? -0.151  -2.201  -14.993 1.00 24.98 ? 79  ASN X N   1 
ATOM   589 C  CA  . ASN A 1 79  ? -1.133  -2.457  -16.045 1.00 25.55 ? 79  ASN X CA  1 
ATOM   590 C  C   . ASN A 1 79  ? -2.576  -2.346  -15.554 1.00 26.19 ? 79  ASN X C   1 
ATOM   591 O  O   . ASN A 1 79  ? -3.339  -3.314  -15.603 1.00 26.42 ? 79  ASN X O   1 
ATOM   592 C  CB  . ASN A 1 79  ? -0.862  -3.833  -16.679 1.00 25.85 ? 79  ASN X CB  1 
ATOM   593 C  CG  . ASN A 1 79  ? -1.608  -4.038  -17.981 1.00 25.95 ? 79  ASN X CG  1 
ATOM   594 O  OD1 . ASN A 1 79  ? -1.950  -3.081  -18.675 1.00 25.80 ? 79  ASN X OD1 1 
ATOM   595 N  ND2 . ASN A 1 79  ? -1.880  -5.296  -18.312 1.00 26.98 ? 79  ASN X ND2 1 
ATOM   596 N  N   . THR A 1 80  ? -2.942  -1.162  -15.075 1.00 26.96 ? 80  THR X N   1 
ATOM   597 C  CA  . THR A 1 80  ? -4.244  -0.978  -14.432 1.00 27.52 ? 80  THR X CA  1 
ATOM   598 C  C   . THR A 1 80  ? -5.404  -1.266  -15.377 1.00 28.41 ? 80  THR X C   1 
ATOM   599 O  O   . THR A 1 80  ? -5.363  -0.923  -16.567 1.00 28.37 ? 80  THR X O   1 
ATOM   600 C  CB  . THR A 1 80  ? -4.419  0.428   -13.800 1.00 27.39 ? 80  THR X CB  1 
ATOM   601 O  OG1 . THR A 1 80  ? -4.297  1.441   -14.809 1.00 26.98 ? 80  THR X OG1 1 
ATOM   602 C  CG2 . THR A 1 80  ? -3.391  0.661   -12.687 1.00 26.44 ? 80  THR X CG2 1 
ATOM   603 N  N   . ASN A 1 81  ? -6.408  -1.945  -14.831 1.00 29.05 ? 81  ASN X N   1 
ATOM   604 C  CA  . ASN A 1 81  ? -7.694  -2.129  -15.485 1.00 29.98 ? 81  ASN X CA  1 
ATOM   605 C  C   . ASN A 1 81  ? -8.780  -1.492  -14.609 1.00 30.25 ? 81  ASN X C   1 
ATOM   606 O  O   . ASN A 1 81  ? -8.489  -1.015  -13.502 1.00 30.11 ? 81  ASN X O   1 
ATOM   607 C  CB  . ASN A 1 81  ? -7.958  -3.615  -15.763 1.00 30.21 ? 81  ASN X CB  1 
ATOM   608 C  CG  . ASN A 1 81  ? -8.046  -4.446  -14.495 1.00 31.31 ? 81  ASN X CG  1 
ATOM   609 O  OD1 . ASN A 1 81  ? -8.783  -4.108  -13.571 1.00 33.02 ? 81  ASN X OD1 1 
ATOM   610 N  ND2 . ASN A 1 81  ? -7.308  -5.551  -14.456 1.00 31.91 ? 81  ASN X ND2 1 
ATOM   611 N  N   . ARG A 1 82  ? -10.016 -1.461  -15.106 1.00 30.50 ? 82  ARG X N   1 
ATOM   612 C  CA  . ARG A 1 82  ? -11.121 -0.783  -14.410 1.00 30.66 ? 82  ARG X CA  1 
ATOM   613 C  C   . ARG A 1 82  ? -11.424 -1.338  -13.003 1.00 30.15 ? 82  ARG X C   1 
ATOM   614 O  O   . ARG A 1 82  ? -11.897 -0.603  -12.134 1.00 29.87 ? 82  ARG X O   1 
ATOM   615 C  CB  . ARG A 1 82  ? -12.388 -0.760  -15.283 1.00 30.90 ? 82  ARG X CB  1 
ATOM   616 C  CG  . ARG A 1 82  ? -12.260 0.131   -16.521 1.00 33.21 ? 82  ARG X CG  1 
ATOM   617 C  CD  . ARG A 1 82  ? -13.622 0.589   -17.071 1.00 36.20 ? 82  ARG X CD  1 
ATOM   618 N  NE  . ARG A 1 82  ? -13.479 1.608   -18.117 1.00 37.78 ? 82  ARG X NE  1 
ATOM   619 C  CZ  . ARG A 1 82  ? -13.365 2.919   -17.890 1.00 38.27 ? 82  ARG X CZ  1 
ATOM   620 N  NH1 . ARG A 1 82  ? -13.368 3.394   -16.649 1.00 39.49 ? 82  ARG X NH1 1 
ATOM   621 N  NH2 . ARG A 1 82  ? -13.235 3.762   -18.907 1.00 38.35 ? 82  ARG X NH2 1 
ATOM   622 N  N   . GLY A 1 83  ? -11.135 -2.618  -12.786 1.00 29.67 ? 83  GLY X N   1 
ATOM   623 C  CA  . GLY A 1 83  ? -11.339 -3.254  -11.481 1.00 29.69 ? 83  GLY X CA  1 
ATOM   624 C  C   . GLY A 1 83  ? -10.382 -2.798  -10.384 1.00 29.47 ? 83  GLY X C   1 
ATOM   625 O  O   . GLY A 1 83  ? -10.567 -3.139  -9.213  1.00 29.52 ? 83  GLY X O   1 
ATOM   626 N  N   . ASP A 1 84  ? -9.355  -2.036  -10.760 1.00 29.03 ? 84  ASP X N   1 
ATOM   627 C  CA  . ASP A 1 84  ? -8.339  -1.543  -9.818  1.00 28.45 ? 84  ASP X CA  1 
ATOM   628 C  C   . ASP A 1 84  ? -8.752  -0.229  -9.167  1.00 28.16 ? 84  ASP X C   1 
ATOM   629 O  O   . ASP A 1 84  ? -8.210  0.160   -8.137  1.00 28.09 ? 84  ASP X O   1 
ATOM   630 C  CB  . ASP A 1 84  ? -6.995  -1.365  -10.529 1.00 28.22 ? 84  ASP X CB  1 
ATOM   631 C  CG  . ASP A 1 84  ? -6.429  -2.669  -11.034 1.00 28.29 ? 84  ASP X CG  1 
ATOM   632 O  OD1 . ASP A 1 84  ? -6.524  -3.683  -10.312 1.00 28.32 ? 84  ASP X OD1 1 
ATOM   633 O  OD2 . ASP A 1 84  ? -5.873  -2.684  -12.149 1.00 27.53 ? 84  ASP X OD2 1 
ATOM   634 N  N   . SER A 1 85  ? -9.700  0.462   -9.787  1.00 27.97 ? 85  SER X N   1 
ATOM   635 C  CA  . SER A 1 85  ? -10.233 1.706   -9.247  1.00 27.84 ? 85  SER X CA  1 
ATOM   636 C  C   . SER A 1 85  ? -10.889 1.474   -7.877  1.00 27.15 ? 85  SER X C   1 
ATOM   637 O  O   . SER A 1 85  ? -11.460 0.409   -7.628  1.00 27.22 ? 85  SER X O   1 
ATOM   638 C  CB  . SER A 1 85  ? -11.258 2.280   -10.220 1.00 28.05 ? 85  SER X CB  1 
ATOM   639 O  OG  . SER A 1 85  ? -11.603 3.597   -9.849  1.00 29.94 ? 85  SER X OG  1 
ATOM   640 N  N   . GLY A 1 86  ? -10.793 2.464   -6.995  1.00 26.39 ? 86  GLY X N   1 
ATOM   641 C  CA  . GLY A 1 86  ? -11.444 2.394   -5.686  1.00 25.30 ? 86  GLY X CA  1 
ATOM   642 C  C   . GLY A 1 86  ? -10.555 2.782   -4.520  1.00 24.48 ? 86  GLY X C   1 
ATOM   643 O  O   . GLY A 1 86  ? -9.542  3.456   -4.693  1.00 24.21 ? 86  GLY X O   1 
ATOM   644 N  N   . VAL A 1 87  ? -10.951 2.348   -3.326  1.00 23.51 ? 87  VAL X N   1 
ATOM   645 C  CA  . VAL A 1 87  ? -10.244 2.680   -2.089  1.00 22.47 ? 87  VAL X CA  1 
ATOM   646 C  C   . VAL A 1 87  ? -9.238  1.590   -1.727  1.00 21.43 ? 87  VAL X C   1 
ATOM   647 O  O   . VAL A 1 87  ? -9.519  0.395   -1.859  1.00 21.12 ? 87  VAL X O   1 
ATOM   648 C  CB  . VAL A 1 87  ? -11.231 2.937   -0.898  1.00 22.69 ? 87  VAL X CB  1 
ATOM   649 C  CG1 . VAL A 1 87  ? -10.479 3.256   0.395   1.00 22.48 ? 87  VAL X CG1 1 
ATOM   650 C  CG2 . VAL A 1 87  ? -12.177 4.081   -1.228  1.00 22.89 ? 87  VAL X CG2 1 
ATOM   651 N  N   . TYR A 1 88  ? -8.066  2.038   -1.282  1.00 20.51 ? 88  TYR X N   1 
ATOM   652 C  CA  . TYR A 1 88  ? -6.976  1.183   -0.829  1.00 19.88 ? 88  TYR X CA  1 
ATOM   653 C  C   . TYR A 1 88  ? -6.559  1.598   0.571   1.00 19.23 ? 88  TYR X C   1 
ATOM   654 O  O   . TYR A 1 88  ? -6.693  2.761   0.937   1.00 19.09 ? 88  TYR X O   1 
ATOM   655 C  CB  . TYR A 1 88  ? -5.774  1.314   -1.771  1.00 19.84 ? 88  TYR X CB  1 
ATOM   656 C  CG  . TYR A 1 88  ? -6.005  0.685   -3.125  1.00 19.95 ? 88  TYR X CG  1 
ATOM   657 C  CD1 . TYR A 1 88  ? -6.684  1.371   -4.133  1.00 20.11 ? 88  TYR X CD1 1 
ATOM   658 C  CD2 . TYR A 1 88  ? -5.549  -0.599  -3.394  1.00 19.74 ? 88  TYR X CD2 1 
ATOM   659 C  CE1 . TYR A 1 88  ? -6.893  0.789   -5.375  1.00 21.13 ? 88  TYR X CE1 1 
ATOM   660 C  CE2 . TYR A 1 88  ? -5.755  -1.188  -4.625  1.00 19.74 ? 88  TYR X CE2 1 
ATOM   661 C  CZ  . TYR A 1 88  ? -6.423  -0.495  -5.608  1.00 20.87 ? 88  TYR X CZ  1 
ATOM   662 O  OH  . TYR A 1 88  ? -6.623  -1.107  -6.815  1.00 21.21 ? 88  TYR X OH  1 
ATOM   663 N  N   . CYS A 1 89  ? -6.052  0.637   1.340   1.00 18.56 ? 89  CYS X N   1 
ATOM   664 C  CA  . CYS A 1 89  ? -5.544  0.882   2.682   1.00 17.95 ? 89  CYS X CA  1 
ATOM   665 C  C   . CYS A 1 89  ? -4.032  0.712   2.718   1.00 17.48 ? 89  CYS X C   1 
ATOM   666 O  O   . CYS A 1 89  ? -3.523  -0.337  2.314   1.00 17.14 ? 89  CYS X O   1 
ATOM   667 C  CB  . CYS A 1 89  ? -6.178  -0.106  3.669   1.00 17.90 ? 89  CYS X CB  1 
ATOM   668 S  SG  . CYS A 1 89  ? -5.333  -0.206  5.270   1.00 18.79 ? 89  CYS X SG  1 
ATOM   669 N  N   . CYS A 1 90  ? -3.327  1.731   3.198   1.00 17.13 ? 90  CYS X N   1 
ATOM   670 C  CA  . CYS A 1 90  ? -1.924  1.586   3.587   1.00 17.82 ? 90  CYS X CA  1 
ATOM   671 C  C   . CYS A 1 90  ? -1.868  1.579   5.104   1.00 17.31 ? 90  CYS X C   1 
ATOM   672 O  O   . CYS A 1 90  ? -2.238  2.564   5.745   1.00 17.61 ? 90  CYS X O   1 
ATOM   673 C  CB  . CYS A 1 90  ? -1.036  2.730   3.060   1.00 17.65 ? 90  CYS X CB  1 
ATOM   674 S  SG  . CYS A 1 90  ? 0.670   2.576   3.676   1.00 20.06 ? 90  CYS X SG  1 
ATOM   675 N  N   . ARG A 1 91  ? -1.407  0.476   5.676   1.00 17.19 ? 91  ARG X N   1 
ATOM   676 C  CA  . ARG A 1 91  ? -1.302  0.367   7.121   1.00 16.63 ? 91  ARG X CA  1 
ATOM   677 C  C   . ARG A 1 91  ? 0.140   0.170   7.544   1.00 16.76 ? 91  ARG X C   1 
ATOM   678 O  O   . ARG A 1 91  ? 0.755   -0.847  7.212   1.00 16.58 ? 91  ARG X O   1 
ATOM   679 C  CB  . ARG A 1 91  ? -2.164  -0.780  7.658   1.00 16.79 ? 91  ARG X CB  1 
ATOM   680 C  CG  . ARG A 1 91  ? -2.300  -0.755  9.177   1.00 16.11 ? 91  ARG X CG  1 
ATOM   681 C  CD  . ARG A 1 91  ? -2.985  -2.000  9.716   1.00 16.05 ? 91  ARG X CD  1 
ATOM   682 N  NE  . ARG A 1 91  ? -3.631  -1.703  10.994  1.00 15.53 ? 91  ARG X NE  1 
ATOM   683 C  CZ  . ARG A 1 91  ? -4.936  -1.515  11.158  1.00 15.34 ? 91  ARG X CZ  1 
ATOM   684 N  NH1 . ARG A 1 91  ? -5.773  -1.626  10.131  1.00 15.58 ? 91  ARG X NH1 1 
ATOM   685 N  NH2 . ARG A 1 91  ? -5.409  -1.225  12.363  1.00 16.88 ? 91  ARG X NH2 1 
ATOM   686 N  N   . ILE A 1 92  ? 0.673   1.158   8.257   1.00 16.62 ? 92  ILE X N   1 
ATOM   687 C  CA  . ILE A 1 92  ? 1.975   1.027   8.897   1.00 17.02 ? 92  ILE X CA  1 
ATOM   688 C  C   . ILE A 1 92  ? 1.749   0.420   10.270  1.00 17.52 ? 92  ILE X C   1 
ATOM   689 O  O   . ILE A 1 92  ? 1.056   1.008   11.119  1.00 17.28 ? 92  ILE X O   1 
ATOM   690 C  CB  . ILE A 1 92  ? 2.703   2.387   9.080   1.00 17.11 ? 92  ILE X CB  1 
ATOM   691 C  CG1 . ILE A 1 92  ? 2.798   3.164   7.751   1.00 16.75 ? 92  ILE X CG1 1 
ATOM   692 C  CG2 . ILE A 1 92  ? 4.066   2.172   9.763   1.00 16.28 ? 92  ILE X CG2 1 
ATOM   693 C  CD1 . ILE A 1 92  ? 3.547   2.435   6.617   1.00 15.85 ? 92  ILE X CD1 1 
ATOM   694 N  N   . GLU A 1 93  ? 2.340   -0.750  10.483  1.00 17.16 ? 93  GLU X N   1 
ATOM   695 C  CA  . GLU A 1 93  ? 2.182   -1.437  11.742  1.00 17.46 ? 93  GLU X CA  1 
ATOM   696 C  C   . GLU A 1 93  ? 3.222   -0.989  12.762  1.00 17.91 ? 93  GLU X C   1 
ATOM   697 O  O   . GLU A 1 93  ? 4.432   -0.983  12.493  1.00 17.44 ? 93  GLU X O   1 
ATOM   698 C  CB  . GLU A 1 93  ? 2.155   -2.952  11.552  1.00 17.26 ? 93  GLU X CB  1 
ATOM   699 C  CG  . GLU A 1 93  ? 1.002   -3.405  10.653  1.00 16.52 ? 93  GLU X CG  1 
ATOM   700 C  CD  . GLU A 1 93  ? 0.913   -4.903  10.526  1.00 16.19 ? 93  GLU X CD  1 
ATOM   701 O  OE1 . GLU A 1 93  ? 1.976   -5.545  10.415  1.00 15.99 ? 93  GLU X OE1 1 
ATOM   702 O  OE2 . GLU A 1 93  ? -0.221  -5.439  10.543  1.00 15.49 ? 93  GLU X OE2 1 
ATOM   703 N  N   . VAL A 1 94  ? 2.707   -0.586  13.923  1.00 17.87 ? 94  VAL X N   1 
ATOM   704 C  CA  . VAL A 1 94  ? 3.488   -0.004  15.006  1.00 18.43 ? 94  VAL X CA  1 
ATOM   705 C  C   . VAL A 1 94  ? 3.345   -0.947  16.200  1.00 18.28 ? 94  VAL X C   1 
ATOM   706 O  O   . VAL A 1 94  ? 2.241   -1.426  16.459  1.00 18.31 ? 94  VAL X O   1 
ATOM   707 C  CB  . VAL A 1 94  ? 2.933   1.414   15.362  1.00 18.25 ? 94  VAL X CB  1 
ATOM   708 C  CG1 . VAL A 1 94  ? 3.638   2.012   16.578  1.00 19.15 ? 94  VAL X CG1 1 
ATOM   709 C  CG2 . VAL A 1 94  ? 3.036   2.351   14.161  1.00 18.63 ? 94  VAL X CG2 1 
ATOM   710 N  N   . PRO A 1 95  ? 4.450   -1.236  16.917  1.00 18.38 ? 95  PRO X N   1 
ATOM   711 C  CA  . PRO A 1 95  ? 4.358   -2.137  18.074  1.00 18.68 ? 95  PRO X CA  1 
ATOM   712 C  C   . PRO A 1 95  ? 3.298   -1.701  19.103  1.00 18.64 ? 95  PRO X C   1 
ATOM   713 O  O   . PRO A 1 95  ? 3.205   -0.518  19.436  1.00 18.37 ? 95  PRO X O   1 
ATOM   714 C  CB  . PRO A 1 95  ? 5.772   -2.077  18.678  1.00 18.85 ? 95  PRO X CB  1 
ATOM   715 C  CG  . PRO A 1 95  ? 6.649   -1.751  17.521  1.00 18.89 ? 95  PRO X CG  1 
ATOM   716 C  CD  . PRO A 1 95  ? 5.839   -0.789  16.685  1.00 18.56 ? 95  PRO X CD  1 
ATOM   717 N  N   . GLY A 1 96  ? 2.508   -2.665  19.572  1.00 18.80 ? 96  GLY X N   1 
ATOM   718 C  CA  . GLY A 1 96  ? 1.412   -2.410  20.501  1.00 18.99 ? 96  GLY X CA  1 
ATOM   719 C  C   . GLY A 1 96  ? 0.045   -2.459  19.837  1.00 19.36 ? 96  GLY X C   1 
ATOM   720 O  O   . GLY A 1 96  ? -0.094  -2.945  18.703  1.00 19.32 ? 96  GLY X O   1 
ATOM   721 N  N   . TRP A 1 97  ? -0.962  -1.931  20.528  1.00 19.29 ? 97  TRP X N   1 
ATOM   722 C  CA  . TRP A 1 97  ? -2.357  -2.097  20.111  1.00 19.65 ? 97  TRP X CA  1 
ATOM   723 C  C   . TRP A 1 97  ? -3.066  -0.753  19.935  1.00 19.76 ? 97  TRP X C   1 
ATOM   724 O  O   . TRP A 1 97  ? -2.766  0.218   20.645  1.00 19.45 ? 97  TRP X O   1 
ATOM   725 C  CB  . TRP A 1 97  ? -3.105  -3.014  21.091  1.00 20.06 ? 97  TRP X CB  1 
ATOM   726 C  CG  . TRP A 1 97  ? -2.378  -4.329  21.338  1.00 19.86 ? 97  TRP X CG  1 
ATOM   727 C  CD1 . TRP A 1 97  ? -1.210  -4.516  22.051  1.00 20.77 ? 97  TRP X CD1 1 
ATOM   728 C  CD2 . TRP A 1 97  ? -2.766  -5.627  20.869  1.00 20.16 ? 97  TRP X CD2 1 
ATOM   729 N  NE1 . TRP A 1 97  ? -0.855  -5.848  22.048  1.00 21.49 ? 97  TRP X NE1 1 
ATOM   730 C  CE2 . TRP A 1 97  ? -1.792  -6.551  21.332  1.00 20.69 ? 97  TRP X CE2 1 
ATOM   731 C  CE3 . TRP A 1 97  ? -3.837  -6.099  20.108  1.00 20.12 ? 97  TRP X CE3 1 
ATOM   732 C  CZ2 . TRP A 1 97  ? -1.863  -7.917  21.051  1.00 21.61 ? 97  TRP X CZ2 1 
ATOM   733 C  CZ3 . TRP A 1 97  ? -3.909  -7.466  19.825  1.00 21.91 ? 97  TRP X CZ3 1 
ATOM   734 C  CH2 . TRP A 1 97  ? -2.929  -8.360  20.301  1.00 21.88 ? 97  TRP X CH2 1 
ATOM   735 N  N   . PHE A 1 98  ? -3.975  -0.712  18.961  1.00 19.51 ? 98  PHE X N   1 
ATOM   736 C  CA  . PHE A 1 98  ? -4.764  0.487   18.616  1.00 20.14 ? 98  PHE X CA  1 
ATOM   737 C  C   . PHE A 1 98  ? -3.908  1.704   18.259  1.00 20.10 ? 98  PHE X C   1 
ATOM   738 O  O   . PHE A 1 98  ? -4.276  2.835   18.576  1.00 19.50 ? 98  PHE X O   1 
ATOM   739 C  CB  . PHE A 1 98  ? -5.771  0.861   19.727  1.00 20.25 ? 98  PHE X CB  1 
ATOM   740 C  CG  . PHE A 1 98  ? -6.469  -0.322  20.349  1.00 21.14 ? 98  PHE X CG  1 
ATOM   741 C  CD1 . PHE A 1 98  ? -6.230  -0.661  21.677  1.00 21.61 ? 98  PHE X CD1 1 
ATOM   742 C  CD2 . PHE A 1 98  ? -7.352  -1.101  19.607  1.00 22.35 ? 98  PHE X CD2 1 
ATOM   743 C  CE1 . PHE A 1 98  ? -6.861  -1.757  22.261  1.00 22.54 ? 98  PHE X CE1 1 
ATOM   744 C  CE2 . PHE A 1 98  ? -7.991  -2.197  20.181  1.00 23.14 ? 98  PHE X CE2 1 
ATOM   745 C  CZ  . PHE A 1 98  ? -7.745  -2.524  21.514  1.00 22.43 ? 98  PHE X CZ  1 
ATOM   746 N  N   . ASN A 1 99  ? -2.783  1.477   17.578  1.00 20.11 ? 99  ASN X N   1 
ATOM   747 C  CA  . ASN A 1 99  ? -1.853  2.570   17.277  1.00 19.73 ? 99  ASN X CA  1 
ATOM   748 C  C   . ASN A 1 99  ? -1.151  2.500   15.919  1.00 19.80 ? 99  ASN X C   1 
ATOM   749 O  O   . ASN A 1 99  ? -0.185  3.232   15.691  1.00 19.63 ? 99  ASN X O   1 
ATOM   750 C  CB  . ASN A 1 99  ? -0.811  2.709   18.405  1.00 19.53 ? 99  ASN X CB  1 
ATOM   751 C  CG  . ASN A 1 99  ? 0.037   1.462   18.574  1.00 18.93 ? 99  ASN X CG  1 
ATOM   752 O  OD1 . ASN A 1 99  ? -0.184  0.449   17.904  1.00 18.63 ? 99  ASN X OD1 1 
ATOM   753 N  ND2 . ASN A 1 99  ? 1.013   1.526   19.467  1.00 16.59 ? 99  ASN X ND2 1 
ATOM   754 N  N   . ASP A 1 100 ? -1.611  1.613   15.033  1.00 19.85 ? 100 ASP X N   1 
ATOM   755 C  CA  . ASP A 1 100 ? -1.095  1.565   13.660  1.00 19.64 ? 100 ASP X CA  1 
ATOM   756 C  C   . ASP A 1 100 ? -1.468  2.857   12.947  1.00 19.85 ? 100 ASP X C   1 
ATOM   757 O  O   . ASP A 1 100 ? -2.498  3.459   13.243  1.00 19.99 ? 100 ASP X O   1 
ATOM   758 C  CB  . ASP A 1 100 ? -1.689  0.391   12.875  1.00 19.26 ? 100 ASP X CB  1 
ATOM   759 C  CG  . ASP A 1 100 ? -1.135  -0.966  13.303  1.00 18.54 ? 100 ASP X CG  1 
ATOM   760 O  OD1 . ASP A 1 100 ? -0.138  -1.036  14.049  1.00 18.47 ? 100 ASP X OD1 1 
ATOM   761 O  OD2 . ASP A 1 100 ? -1.719  -1.982  12.894  1.00 17.65 ? 100 ASP X OD2 1 
ATOM   762 N  N   . VAL A 1 101 ? -0.638  3.275   11.998  1.00 20.20 ? 101 VAL X N   1 
ATOM   763 C  CA  . VAL A 1 101 ? -0.961  4.427   11.160  1.00 20.24 ? 101 VAL X CA  1 
ATOM   764 C  C   . VAL A 1 101 ? -1.766  3.929   9.966   1.00 20.85 ? 101 VAL X C   1 
ATOM   765 O  O   . VAL A 1 101 ? -1.263  3.162   9.140   1.00 21.06 ? 101 VAL X O   1 
ATOM   766 C  CB  . VAL A 1 101 ? 0.303   5.197   10.699  1.00 20.19 ? 101 VAL X CB  1 
ATOM   767 C  CG1 . VAL A 1 101 ? -0.088  6.478   9.931   1.00 19.95 ? 101 VAL X CG1 1 
ATOM   768 C  CG2 . VAL A 1 101 ? 1.186   5.541   11.894  1.00 19.69 ? 101 VAL X CG2 1 
ATOM   769 N  N   . LYS A 1 102 ? -3.020  4.362   9.894   1.00 21.21 ? 102 LYS X N   1 
ATOM   770 C  CA  . LYS A 1 102 ? -3.938  3.926   8.861   1.00 22.12 ? 102 LYS X CA  1 
ATOM   771 C  C   . LYS A 1 102 ? -4.200  5.070   7.892   1.00 22.75 ? 102 LYS X C   1 
ATOM   772 O  O   . LYS A 1 102 ? -4.471  6.197   8.303   1.00 23.22 ? 102 LYS X O   1 
ATOM   773 C  CB  . LYS A 1 102 ? -5.261  3.434   9.472   1.00 21.88 ? 102 LYS X CB  1 
ATOM   774 C  CG  . LYS A 1 102 ? -5.105  2.465   10.654  1.00 22.63 ? 102 LYS X CG  1 
ATOM   775 C  CD  . LYS A 1 102 ? -6.397  1.685   10.941  1.00 24.41 ? 102 LYS X CD  1 
ATOM   776 C  CE  . LYS A 1 102 ? -7.492  2.514   11.599  1.00 24.29 ? 102 LYS X CE  1 
ATOM   777 N  NZ  . LYS A 1 102 ? -8.664  1.678   12.037  1.00 22.26 ? 102 LYS X NZ  1 
ATOM   778 N  N   . LYS A 1 103 ? -4.129  4.766   6.603   1.00 23.38 ? 103 LYS X N   1 
ATOM   779 C  CA  . LYS A 1 103 ? -4.298  5.760   5.552   1.00 23.79 ? 103 LYS X CA  1 
ATOM   780 C  C   . LYS A 1 103 ? -5.065  5.146   4.388   1.00 23.95 ? 103 LYS X C   1 
ATOM   781 O  O   . LYS A 1 103 ? -4.654  4.125   3.834   1.00 23.58 ? 103 LYS X O   1 
ATOM   782 C  CB  . LYS A 1 103 ? -2.921  6.245   5.091   1.00 23.89 ? 103 LYS X CB  1 
ATOM   783 C  CG  . LYS A 1 103 ? -2.925  7.260   3.963   1.00 25.26 ? 103 LYS X CG  1 
ATOM   784 C  CD  . LYS A 1 103 ? -1.590  7.223   3.228   1.00 25.45 ? 103 LYS X CD  1 
ATOM   785 C  CE  . LYS A 1 103 ? -1.490  8.338   2.229   1.00 27.75 ? 103 LYS X CE  1 
ATOM   786 N  NZ  . LYS A 1 103 ? -0.087  8.529   1.779   1.00 27.92 ? 103 LYS X NZ  1 
ATOM   787 N  N   . ASN A 1 104 ? -6.191  5.763   4.036   1.00 24.34 ? 104 ASN X N   1 
ATOM   788 C  CA  . ASN A 1 104 ? -6.956  5.354   2.871   1.00 24.96 ? 104 ASN X CA  1 
ATOM   789 C  C   . ASN A 1 104 ? -6.557  6.189   1.666   1.00 25.59 ? 104 ASN X C   1 
ATOM   790 O  O   . ASN A 1 104 ? -6.356  7.401   1.779   1.00 25.30 ? 104 ASN X O   1 
ATOM   791 C  CB  . ASN A 1 104 ? -8.462  5.495   3.118   1.00 25.14 ? 104 ASN X CB  1 
ATOM   792 C  CG  . ASN A 1 104 ? -8.942  4.705   4.328   1.00 25.05 ? 104 ASN X CG  1 
ATOM   793 O  OD1 . ASN A 1 104 ? -9.812  5.162   5.067   1.00 26.37 ? 104 ASN X OD1 1 
ATOM   794 N  ND2 . ASN A 1 104 ? -8.377  3.528   4.536   1.00 23.04 ? 104 ASN X ND2 1 
ATOM   795 N  N   . VAL A 1 105 ? -6.433  5.529   0.518   1.00 26.28 ? 105 VAL X N   1 
ATOM   796 C  CA  . VAL A 1 105 ? -6.079  6.190   -0.739  1.00 27.08 ? 105 VAL X CA  1 
ATOM   797 C  C   . VAL A 1 105 ? -7.101  5.775   -1.797  1.00 27.82 ? 105 VAL X C   1 
ATOM   798 O  O   . VAL A 1 105 ? -7.394  4.590   -1.961  1.00 27.64 ? 105 VAL X O   1 
ATOM   799 C  CB  . VAL A 1 105 ? -4.623  5.857   -1.194  1.00 26.99 ? 105 VAL X CB  1 
ATOM   800 C  CG1 . VAL A 1 105 ? -4.263  6.576   -2.499  1.00 27.25 ? 105 VAL X CG1 1 
ATOM   801 C  CG2 . VAL A 1 105 ? -3.608  6.228   -0.114  1.00 26.54 ? 105 VAL X CG2 1 
ATOM   802 N  N   . ARG A 1 106 ? -7.667  6.764   -2.481  1.00 28.79 ? 106 ARG X N   1 
ATOM   803 C  CA  . ARG A 1 106 ? -8.608  6.511   -3.561  1.00 29.94 ? 106 ARG X CA  1 
ATOM   804 C  C   . ARG A 1 106 ? -7.863  6.577   -4.895  1.00 30.32 ? 106 ARG X C   1 
ATOM   805 O  O   . ARG A 1 106 ? -7.099  7.514   -5.144  1.00 30.15 ? 106 ARG X O   1 
ATOM   806 C  CB  . ARG A 1 106 ? -9.759  7.524   -3.526  1.00 30.00 ? 106 ARG X CB  1 
ATOM   807 C  CG  . ARG A 1 106 ? -10.980 7.136   -4.359  1.00 32.17 ? 106 ARG X CG  1 
ATOM   808 C  CD  . ARG A 1 106 ? -12.257 7.778   -3.797  1.00 35.45 ? 106 ARG X CD  1 
ATOM   809 N  NE  . ARG A 1 106 ? -13.351 6.807   -3.719  1.00 37.61 ? 106 ARG X NE  1 
ATOM   810 C  CZ  . ARG A 1 106 ? -14.187 6.680   -2.687  1.00 38.59 ? 106 ARG X CZ  1 
ATOM   811 N  NH1 . ARG A 1 106 ? -14.073 7.459   -1.619  1.00 39.45 ? 106 ARG X NH1 1 
ATOM   812 N  NH2 . ARG A 1 106 ? -15.138 5.758   -2.716  1.00 39.68 ? 106 ARG X NH2 1 
ATOM   813 N  N   . LEU A 1 107 ? -8.074  5.563   -5.731  1.00 30.87 ? 107 LEU X N   1 
ATOM   814 C  CA  . LEU A 1 107 ? -7.528  5.540   -7.083  1.00 31.62 ? 107 LEU X CA  1 
ATOM   815 C  C   . LEU A 1 107 ? -8.629  5.711   -8.127  1.00 32.48 ? 107 LEU X C   1 
ATOM   816 O  O   . LEU A 1 107 ? -9.606  4.959   -8.147  1.00 32.28 ? 107 LEU X O   1 
ATOM   817 C  CB  . LEU A 1 107 ? -6.752  4.238   -7.340  1.00 31.37 ? 107 LEU X CB  1 
ATOM   818 C  CG  . LEU A 1 107 ? -6.260  3.936   -8.764  1.00 30.27 ? 107 LEU X CG  1 
ATOM   819 C  CD1 . LEU A 1 107 ? -5.212  4.948   -9.219  1.00 29.48 ? 107 LEU X CD1 1 
ATOM   820 C  CD2 . LEU A 1 107 ? -5.714  2.517   -8.841  1.00 29.21 ? 107 LEU X CD2 1 
ATOM   821 N  N   . GLU A 1 108 ? -8.453  6.706   -8.989  1.00 33.75 ? 108 GLU X N   1 
ATOM   822 C  CA  . GLU A 1 108 ? -9.323  6.907   -10.145 1.00 35.23 ? 108 GLU X CA  1 
ATOM   823 C  C   . GLU A 1 108 ? -8.519  6.668   -11.420 1.00 35.85 ? 108 GLU X C   1 
ATOM   824 O  O   . GLU A 1 108 ? -7.356  7.071   -11.507 1.00 35.69 ? 108 GLU X O   1 
ATOM   825 C  CB  . GLU A 1 108 ? -9.906  8.320   -10.139 1.00 35.35 ? 108 GLU X CB  1 
ATOM   826 C  CG  . GLU A 1 108 ? -10.972 8.545   -9.083  1.00 36.89 ? 108 GLU X CG  1 
ATOM   827 C  CD  . GLU A 1 108 ? -11.787 9.796   -9.341  1.00 40.03 ? 108 GLU X CD  1 
ATOM   828 O  OE1 . GLU A 1 108 ? -11.259 10.918  -9.118  1.00 40.19 ? 108 GLU X OE1 1 
ATOM   829 O  OE2 . GLU A 1 108 ? -12.958 9.651   -9.763  1.00 40.93 ? 108 GLU X OE2 1 
ATOM   830 N  N   . LEU A 1 109 ? -9.142  6.007   -12.393 1.00 36.87 ? 109 LEU X N   1 
ATOM   831 C  CA  . LEU A 1 109 ? -8.465  5.620   -13.628 1.00 38.12 ? 109 LEU X CA  1 
ATOM   832 C  C   . LEU A 1 109 ? -9.214  6.071   -14.883 1.00 39.61 ? 109 LEU X C   1 
ATOM   833 O  O   . LEU A 1 109 ? -10.430 5.891   -14.990 1.00 39.49 ? 109 LEU X O   1 
ATOM   834 C  CB  . LEU A 1 109 ? -8.235  4.109   -13.657 1.00 37.88 ? 109 LEU X CB  1 
ATOM   835 C  CG  . LEU A 1 109 ? -7.403  3.509   -12.517 1.00 37.47 ? 109 LEU X CG  1 
ATOM   836 C  CD1 . LEU A 1 109 ? -7.641  2.019   -12.398 1.00 37.05 ? 109 LEU X CD1 1 
ATOM   837 C  CD2 . LEU A 1 109 ? -5.923  3.815   -12.682 1.00 36.40 ? 109 LEU X CD2 1 
ATOM   838 N  N   . ARG A 1 110 ? -8.468  6.650   -15.825 1.00 41.38 ? 110 ARG X N   1 
ATOM   839 C  CA  . ARG A 1 110 ? -9.016  7.183   -17.076 1.00 43.11 ? 110 ARG X CA  1 
ATOM   840 C  C   . ARG A 1 110 ? -8.324  6.550   -18.279 1.00 43.87 ? 110 ARG X C   1 
ATOM   841 O  O   . ARG A 1 110 ? -7.252  5.959   -18.141 1.00 43.87 ? 110 ARG X O   1 
ATOM   842 C  CB  . ARG A 1 110 ? -8.800  8.700   -17.143 1.00 43.28 ? 110 ARG X CB  1 
ATOM   843 C  CG  . ARG A 1 110 ? -9.349  9.492   -15.968 1.00 45.26 ? 110 ARG X CG  1 
ATOM   844 C  CD  . ARG A 1 110 ? -8.881  10.938  -16.029 1.00 47.84 ? 110 ARG X CD  1 
ATOM   845 N  NE  . ARG A 1 110 ? -9.308  11.699  -14.856 1.00 49.87 ? 110 ARG X NE  1 
ATOM   846 C  CZ  . ARG A 1 110 ? -8.902  12.934  -14.565 1.00 50.83 ? 110 ARG X CZ  1 
ATOM   847 N  NH1 . ARG A 1 110 ? -8.046  13.573  -15.357 1.00 50.96 ? 110 ARG X NH1 1 
ATOM   848 N  NH2 . ARG A 1 110 ? -9.355  13.533  -13.470 1.00 51.69 ? 110 ARG X NH2 1 
ATOM   849 N  N   . ARG A 1 111 ? -8.929  6.673   -19.459 1.00 44.98 ? 111 ARG X N   1 
ATOM   850 C  CA  . ARG A 1 111 ? -8.218  6.347   -20.701 1.00 46.12 ? 111 ARG X CA  1 
ATOM   851 C  C   . ARG A 1 111 ? -7.581  7.596   -21.313 1.00 46.47 ? 111 ARG X C   1 
ATOM   852 O  O   . ARG A 1 111 ? -8.141  8.691   -21.224 1.00 46.61 ? 111 ARG X O   1 
ATOM   853 C  CB  . ARG A 1 111 ? -9.126  5.638   -21.709 1.00 46.35 ? 111 ARG X CB  1 
ATOM   854 C  CG  . ARG A 1 111 ? -9.085  4.118   -21.594 1.00 47.87 ? 111 ARG X CG  1 
ATOM   855 C  CD  . ARG A 1 111 ? -9.822  3.429   -22.736 1.00 50.43 ? 111 ARG X CD  1 
ATOM   856 N  NE  . ARG A 1 111 ? -11.207 3.885   -22.857 1.00 52.43 ? 111 ARG X NE  1 
ATOM   857 C  CZ  . ARG A 1 111 ? -12.243 3.344   -22.218 1.00 53.52 ? 111 ARG X CZ  1 
ATOM   858 N  NH1 . ARG A 1 111 ? -12.066 2.310   -21.397 1.00 53.55 ? 111 ARG X NH1 1 
ATOM   859 N  NH2 . ARG A 1 111 ? -13.460 3.843   -22.401 1.00 53.71 ? 111 ARG X NH2 1 
ATOM   860 N  N   . ALA A 1 112 ? -6.406  7.422   -21.917 1.00 47.08 ? 112 ALA X N   1 
ATOM   861 C  CA  . ALA A 1 112 ? -5.670  8.526   -22.539 1.00 47.44 ? 112 ALA X CA  1 
ATOM   862 C  C   . ALA A 1 112 ? -6.205  8.832   -23.932 1.00 47.68 ? 112 ALA X C   1 
ATOM   863 O  O   . ALA A 1 112 ? -6.573  7.921   -24.676 1.00 48.05 ? 112 ALA X O   1 
ATOM   864 C  CB  . ALA A 1 112 ? -4.182  8.209   -22.599 1.00 47.51 ? 112 ALA X CB  1 
HETATM 865 NA NA  . NA  B 2 .   ? -0.040  -1.545  16.666  1.00 15.41 ? 117 NA  X NA  1 
HETATM 866 O  O1  . TLA C 3 .   ? -2.314  -1.195  16.371  1.00 11.95 ? 118 TLA X O1  1 
HETATM 867 O  O11 . TLA C 3 .   ? -4.013  -0.815  15.053  1.00 11.35 ? 118 TLA X O11 1 
HETATM 868 C  C1  . TLA C 3 .   ? -3.262  -1.593  15.671  1.00 12.79 ? 118 TLA X C1  1 
HETATM 869 C  C2  . TLA C 3 .   ? -3.465  -3.077  15.549  1.00 15.09 ? 118 TLA X C2  1 
HETATM 870 O  O2  . TLA C 3 .   ? -4.526  -3.327  14.614  1.00 14.52 ? 118 TLA X O2  1 
HETATM 871 C  C3  . TLA C 3 .   ? -3.790  -3.667  16.917  1.00 16.94 ? 118 TLA X C3  1 
HETATM 872 O  O3  . TLA C 3 .   ? -4.886  -2.935  17.497  1.00 17.64 ? 118 TLA X O3  1 
HETATM 873 C  C4  . TLA C 3 .   ? -4.189  -5.106  16.759  1.00 17.87 ? 118 TLA X C4  1 
HETATM 874 O  O4  . TLA C 3 .   ? -3.350  -5.947  16.359  1.00 17.54 ? 118 TLA X O4  1 
HETATM 875 O  O41 . TLA C 3 .   ? -5.369  -5.398  17.036  1.00 19.45 ? 118 TLA X O41 1 
HETATM 876 O  O   . HOH D 4 .   ? -5.730  1.200   15.351  1.00 25.52 ? 119 HOH X O   1 
HETATM 877 O  O   . HOH D 4 .   ? -1.338  -5.803  14.388  1.00 19.74 ? 120 HOH X O   1 
HETATM 878 O  O   . HOH D 4 .   ? 2.699   -4.682  15.399  1.00 23.72 ? 121 HOH X O   1 
HETATM 879 O  O   . HOH D 4 .   ? 7.698   1.768   -2.388  1.00 19.31 ? 122 HOH X O   1 
HETATM 880 O  O   . HOH D 4 .   ? -7.970  0.283   14.167  1.00 13.46 ? 123 HOH X O   1 
HETATM 881 O  O   . HOH D 4 .   ? 4.603   -8.386  8.313   1.00 18.30 ? 124 HOH X O   1 
HETATM 882 O  O   . HOH D 4 .   ? -2.215  -4.660  12.070  1.00 9.84  ? 125 HOH X O   1 
HETATM 883 O  O   . HOH D 4 .   ? 6.926   2.850   14.972  1.00 23.16 ? 126 HOH X O   1 
HETATM 884 O  O   . HOH D 4 .   ? -0.550  -11.512 5.683   1.00 13.01 ? 127 HOH X O   1 
HETATM 885 O  O   . HOH D 4 .   ? 6.184   1.656   -5.421  1.00 14.54 ? 128 HOH X O   1 
HETATM 886 O  O   . HOH D 4 .   ? 7.427   5.523   -1.092  1.00 19.44 ? 129 HOH X O   1 
HETATM 887 O  O   . HOH D 4 .   ? -0.528  4.403   6.724   1.00 16.02 ? 130 HOH X O   1 
HETATM 888 O  O   . HOH D 4 .   ? 9.700   -5.693  11.874  1.00 26.21 ? 131 HOH X O   1 
HETATM 889 O  O   . HOH D 4 .   ? -7.837  -3.050  3.801   1.00 16.02 ? 132 HOH X O   1 
HETATM 890 O  O   . HOH D 4 .   ? -12.590 -4.270  11.061  1.00 21.17 ? 133 HOH X O   1 
HETATM 891 O  O   . HOH D 4 .   ? 4.695   8.021   -3.860  1.00 32.43 ? 134 HOH X O   1 
HETATM 892 O  O   . HOH D 4 .   ? 6.056   6.147   -9.133  1.00 23.47 ? 135 HOH X O   1 
HETATM 893 O  O   . HOH D 4 .   ? -11.561 -6.882  8.999   1.00 21.31 ? 136 HOH X O   1 
HETATM 894 O  O   . HOH D 4 .   ? 1.853   8.143   4.176   1.00 24.64 ? 137 HOH X O   1 
HETATM 895 O  O   . HOH D 4 .   ? -10.545 -2.328  -6.166  1.00 25.38 ? 138 HOH X O   1 
HETATM 896 O  O   . HOH D 4 .   ? -5.632  -3.430  -7.641  1.00 24.54 ? 139 HOH X O   1 
HETATM 897 O  O   . HOH D 4 .   ? -14.704 -0.918  13.624  1.00 21.40 ? 140 HOH X O   1 
HETATM 898 O  O   . HOH D 4 .   ? -6.856  -9.171  7.338   1.00 27.24 ? 141 HOH X O   1 
HETATM 899 O  O   . HOH D 4 .   ? -6.425  -10.551 3.173   1.00 23.55 ? 142 HOH X O   1 
HETATM 900 O  O   . HOH D 4 .   ? 3.161   -14.203 -1.606  1.00 20.11 ? 143 HOH X O   1 
HETATM 901 O  O   . HOH D 4 .   ? -10.316 3.219   7.948   1.00 23.56 ? 144 HOH X O   1 
HETATM 902 O  O   . HOH D 4 .   ? 0.312   -3.706  15.032  1.00 16.10 ? 145 HOH X O   1 
HETATM 903 O  O   . HOH D 4 .   ? -2.506  2.295   22.317  1.00 13.67 ? 146 HOH X O   1 
HETATM 904 O  O   . HOH D 4 .   ? -0.840  6.051   -14.777 1.00 23.28 ? 147 HOH X O   1 
HETATM 905 O  O   . HOH D 4 .   ? -2.862  -7.862  6.702   1.00 20.28 ? 148 HOH X O   1 
HETATM 906 O  O   . HOH D 4 .   ? -11.360 -2.848  3.756   1.00 27.37 ? 149 HOH X O   1 
HETATM 907 O  O   . HOH D 4 .   ? 16.099  -1.194  13.682  1.00 31.67 ? 150 HOH X O   1 
HETATM 908 O  O   . HOH D 4 .   ? 3.811   6.259   14.783  1.00 32.58 ? 151 HOH X O   1 
HETATM 909 O  O   . HOH D 4 .   ? -1.992  -11.362 -0.615  1.00 23.77 ? 152 HOH X O   1 
HETATM 910 O  O   . HOH D 4 .   ? -1.656  -10.686 7.901   1.00 31.49 ? 153 HOH X O   1 
HETATM 911 O  O   . HOH D 4 .   ? 15.547  1.926   9.129   1.00 50.65 ? 154 HOH X O   1 
HETATM 912 O  O   . HOH D 4 .   ? -10.620 -1.177  -3.778  1.00 37.04 ? 155 HOH X O   1 
HETATM 913 O  O   . HOH D 4 .   ? 11.738  -7.548  10.180  1.00 35.64 ? 156 HOH X O   1 
HETATM 914 O  O   . HOH D 4 .   ? -13.169 0.232   -3.060  1.00 35.18 ? 157 HOH X O   1 
HETATM 915 O  O   . HOH D 4 .   ? 3.462   -6.854  -13.247 1.00 48.43 ? 158 HOH X O   1 
HETATM 916 O  O   . HOH D 4 .   ? -11.214 1.036   10.972  1.00 26.16 ? 159 HOH X O   1 
HETATM 917 O  O   . HOH D 4 .   ? 11.054  -11.356 8.723   1.00 27.53 ? 160 HOH X O   1 
HETATM 918 O  O   . HOH D 4 .   ? 8.601   -1.504  20.540  1.00 45.22 ? 161 HOH X O   1 
HETATM 919 O  O   . HOH D 4 .   ? -12.754 7.056   -19.189 1.00 59.15 ? 162 HOH X O   1 
HETATM 920 O  O   . HOH D 4 .   ? 2.884   7.190   7.820   1.00 26.08 ? 163 HOH X O   1 
HETATM 921 O  O   . HOH D 4 .   ? -9.374  -7.245  13.786  1.00 31.65 ? 164 HOH X O   1 
HETATM 922 O  O   . HOH D 4 .   ? 6.682   -7.362  -10.333 1.00 22.99 ? 165 HOH X O   1 
HETATM 923 O  O   . HOH D 4 .   ? -14.745 3.664   1.374   1.00 38.05 ? 166 HOH X O   1 
HETATM 924 O  O   . HOH D 4 .   ? 7.900   1.058   19.640  1.00 48.18 ? 167 HOH X O   1 
HETATM 925 O  O   . HOH D 4 .   ? 9.559   2.890   14.576  1.00 28.11 ? 168 HOH X O   1 
HETATM 926 O  O   . HOH D 4 .   ? 14.475  1.310   -4.134  1.00 38.36 ? 169 HOH X O   1 
HETATM 927 O  O   . HOH D 4 .   ? 7.044   8.734   11.320  1.00 38.42 ? 170 HOH X O   1 
HETATM 928 O  O   . HOH D 4 .   ? 5.091   -4.388  14.013  1.00 38.83 ? 171 HOH X O   1 
HETATM 929 O  O   . HOH D 4 .   ? -3.482  -5.871  -14.627 1.00 36.49 ? 172 HOH X O   1 
HETATM 930 O  O   . HOH D 4 .   ? 2.002   -13.529 -9.694  1.00 30.04 ? 173 HOH X O   1 
HETATM 931 O  O   . HOH D 4 .   ? -13.146 2.958   -13.873 1.00 51.28 ? 174 HOH X O   1 
HETATM 932 O  O   . HOH D 4 .   ? 11.730  -2.309  -3.176  1.00 39.33 ? 175 HOH X O   1 
HETATM 933 O  O   . HOH D 4 .   ? 2.578   -7.435  12.305  1.00 21.46 ? 176 HOH X O   1 
HETATM 934 O  O   . HOH D 4 .   ? 9.660   -4.797  -7.679  1.00 43.19 ? 177 HOH X O   1 
HETATM 935 O  O   . HOH D 4 .   ? -6.953  8.120   5.715   1.00 27.94 ? 178 HOH X O   1 
HETATM 936 O  O   . HOH D 4 .   ? -0.078  -10.645 0.872   1.00 30.65 ? 179 HOH X O   1 
HETATM 937 O  O   . HOH D 4 .   ? -7.554  6.750   8.211   1.00 36.94 ? 180 HOH X O   1 
HETATM 938 O  O   . HOH D 4 .   ? 5.719   9.923   8.598   1.00 33.03 ? 181 HOH X O   1 
HETATM 939 O  O   . HOH D 4 .   ? -1.599  -8.737  14.117  1.00 20.34 ? 182 HOH X O   1 
HETATM 940 O  O   . HOH D 4 .   ? 0.712   6.925   6.347   1.00 22.95 ? 183 HOH X O   1 
HETATM 941 O  O   . HOH D 4 .   ? 3.649   -3.774  -10.079 1.00 28.40 ? 184 HOH X O   1 
HETATM 942 O  O   . HOH D 4 .   ? 0.137   3.495   21.876  1.00 31.19 ? 185 HOH X O   1 
HETATM 943 O  O   . HOH D 4 .   ? -3.963  6.020   11.884  1.00 29.01 ? 186 HOH X O   1 
HETATM 944 O  O   . HOH D 4 .   ? 1.511   -1.084  -18.736 1.00 22.86 ? 187 HOH X O   1 
HETATM 945 O  O   . HOH D 4 .   ? 5.028   1.703   19.692  1.00 31.31 ? 188 HOH X O   1 
HETATM 946 O  O   . HOH D 4 .   ? 2.982   9.604   1.195   1.00 35.84 ? 189 HOH X O   1 
HETATM 947 O  O   . HOH D 4 .   ? -14.243 -3.080  3.791   1.00 33.26 ? 190 HOH X O   1 
HETATM 948 O  O   . HOH D 4 .   ? 1.482   10.633  4.093   1.00 46.54 ? 191 HOH X O   1 
HETATM 949 O  O   . HOH D 4 .   ? -6.599  -7.538  -11.400 1.00 35.24 ? 192 HOH X O   1 
HETATM 950 O  O   . HOH D 4 .   ? -6.831  -9.878  13.352  0.33 41.18 ? 193 HOH X O   1 
HETATM 951 O  O   . HOH D 4 .   ? -5.308  -8.125  -8.396  1.00 39.25 ? 194 HOH X O   1 
HETATM 952 O  O   . HOH D 4 .   ? -13.997 0.514   1.855   1.00 35.04 ? 195 HOH X O   1 
HETATM 953 O  O   . HOH D 4 .   ? 1.596   5.412   16.343  1.00 32.58 ? 196 HOH X O   1 
HETATM 954 O  O   . HOH D 4 .   ? -3.421  -9.887  -9.241  1.00 33.67 ? 197 HOH X O   1 
HETATM 955 O  O   . HOH D 4 .   ? 5.656   9.006   -0.610  1.00 43.78 ? 198 HOH X O   1 
# 
